data_8IHL
#
_entry.id   8IHL
#
loop_
_entity.id
_entity.type
_entity.pdbx_description
1 polymer 'Histone H3.1'
2 polymer 'Histone H4'
3 polymer 'Histone H2A type 1-B/E'
4 polymer 'Histone H2B type 1-J'
5 polymer 'DNA (353-MER)'
6 polymer 'DNA (353-MER)'
#
loop_
_entity_poly.entity_id
_entity_poly.type
_entity_poly.pdbx_seq_one_letter_code
_entity_poly.pdbx_strand_id
1 'polypeptide(L)'
;GSHMARTKQTARKSTGGKAPRKQLATKAARKSAPATGGVKKPHRYRPGTVALREIRRYQKSTELLIRKLPFQRLVREIAQ
DFKTDLRFQSSAVMALQEACEAYLVGLFEDTNLCAIHAKRVTIMPKDIQLARRIRGERA
;
A,E,K,M,Q,U
2 'polypeptide(L)'
;GSHMSGRGKGGKGLGKGGAKRHRKVLRDNIQGITKPAIRRLARRGGVKRISGLIYEETRGVLKVFLENVIRDAVTYTEHA
KRKTVTAMDVVYALKRQGRTLYGFGG
;
B,F,L,N,R,V
3 'polypeptide(L)'
;GSHMSGRGKQGGKARAKAKTRSSRAGLQFPVGRVHRLLRKGNYSERVGAGAPVYLAAVLEYLTAEILELAGNAARDNKKT
RIIPRHLQLAIRNDEELNKLLGRVTIAQGGVLPNIQAVLLPKKTESHHKAKGK
;
C,G,O,S
4 'polypeptide(L)'
;GSHMPEPAKSAPAPKKGSKKAVTKAQKKDGKKRKRSRKESYSIYVYKVLKQVHPDTGISSKAMGIMNSFVNDIFERIAGE
ASRLAHYNKRSTITSREIQTAVRLLLPGELAKHAVSEGTKAVTKYTSAK
;
D,H,P,T
5 'polydeoxyribonucleotide'
;(DA)(DT)(DC)(DG)(DA)(DG)(DA)(DA)(DT)(DC)(DC)(DC)(DG)(DG)(DT)(DG)(DC)(DC)(DG)(DA)
(DG)(DG)(DC)(DC)(DG)(DC)(DT)(DC)(DA)(DA)(DT)(DT)(DG)(DG)(DT)(DC)(DG)(DT)(DA)(DG)
(DA)(DC)(DA)(DG)(DC)(DT)(DC)(DT)(DA)(DG)(DC)(DA)(DC)(DC)(DG)(DC)(DT)(DT)(DA)(DA)
(DA)(DC)(DG)(DC)(DA)(DC)(DG)(DT)(DA)(DC)(DG)(DC)(DG)(DC)(DT)(DG)(DT)(DC)(DC)(DC)
(DC)(DC)(DG)(DC)(DG)(DT)(DT)(DT)(DT)(DA)(DA)(DC)(DC)(DG)(DC)(DC)(DA)(DA)(DG)(DG)
(DG)(DG)(DA)(DT)(DT)(DA)(DC)(DT)(DC)(DC)(DC)(DT)(DA)(DG)(DT)(DC)(DT)(DC)(DC)(DA)
(DG)(DG)(DC)(DT)(DC)(DG)(DA)(DG)(DC)(DT)(DC)(DA)(DA)(DT)(DT)(DG)(DG)(DT)(DC)(DG)
(DT)(DA)(DG)(DA)(DC)(DA)(DG)(DC)(DT)(DC)(DT)(DA)(DG)(DC)(DA)(DC)(DC)(DG)(DC)(DT)
(DT)(DA)(DA)(DA)(DC)(DG)(DC)(DA)(DC)(DG)(DT)(DA)(DC)(DG)(DC)(DG)(DC)(DT)(DG)(DT)
(DC)(DC)(DC)(DC)(DC)(DG)(DC)(DG)(DT)(DT)(DT)(DT)(DA)(DA)(DC)(DC)(DG)(DC)(DC)(DA)
(DA)(DG)(DG)(DG)(DG)(DA)(DT)(DT)(DA)(DC)(DT)(DC)(DC)(DC)(DT)(DA)(DG)(DT)(DC)(DT)
(DC)(DC)(DA)(DG)(DG)(DC)(DT)(DC)(DG)(DA)(DG)(DC)(DT)(DC)(DA)(DA)(DT)(DT)(DG)(DG)
(DT)(DC)(DG)(DT)(DA)(DG)(DA)(DC)(DA)(DG)(DC)(DT)(DC)(DT)(DA)(DG)(DC)(DA)(DC)(DC)
(DG)(DC)(DT)(DT)(DA)(DA)(DA)(DC)(DG)(DC)(DA)(DC)(DG)(DT)(DA)(DC)(DG)(DC)(DG)(DC)
(DT)(DG)(DT)(DC)(DC)(DC)(DC)(DC)(DG)(DC)(DG)(DT)(DT)(DT)(DT)(DA)(DA)(DC)(DC)(DG)
(DC)(DC)(DA)(DA)(DG)(DG)(DG)(DG)(DA)(DT)(DT)(DA)(DC)(DT)(DC)(DC)(DC)(DT)(DA)(DG)
(DT)(DC)(DT)(DC)(DC)(DA)(DG)(DG)(DC)(DA)(DC)(DG)(DT)(DG)(DT)(DC)(DA)(DG)(DA)(DT)
(DA)(DT)(DA)(DT)(DA)(DC)(DA)(DT)(DC)(DC)(DG)(DA)(DT)
;
I
6 'polydeoxyribonucleotide'
;(DA)(DT)(DC)(DG)(DG)(DA)(DT)(DG)(DT)(DA)(DT)(DA)(DT)(DA)(DT)(DC)(DT)(DG)(DA)(DC)
(DA)(DC)(DG)(DT)(DG)(DC)(DC)(DT)(DG)(DG)(DA)(DG)(DA)(DC)(DT)(DA)(DG)(DG)(DG)(DA)
(DG)(DT)(DA)(DA)(DT)(DC)(DC)(DC)(DC)(DT)(DT)(DG)(DG)(DC)(DG)(DG)(DT)(DT)(DA)(DA)
(DA)(DA)(DC)(DG)(DC)(DG)(DG)(DG)(DG)(DG)(DA)(DC)(DA)(DG)(DC)(DG)(DC)(DG)(DT)(DA)
(DC)(DG)(DT)(DG)(DC)(DG)(DT)(DT)(DT)(DA)(DA)(DG)(DC)(DG)(DG)(DT)(DG)(DC)(DT)(DA)
(DG)(DA)(DG)(DC)(DT)(DG)(DT)(DC)(DT)(DA)(DC)(DG)(DA)(DC)(DC)(DA)(DA)(DT)(DT)(DG)
(DA)(DG)(DC)(DT)(DC)(DG)(DA)(DG)(DC)(DC)(DT)(DG)(DG)(DA)(DG)(DA)(DC)(DT)(DA)(DG)
(DG)(DG)(DA)(DG)(DT)(DA)(DA)(DT)(DC)(DC)(DC)(DC)(DT)(DT)(DG)(DG)(DC)(DG)(DG)(DT)
(DT)(DA)(DA)(DA)(DA)(DC)(DG)(DC)(DG)(DG)(DG)(DG)(DG)(DA)(DC)(DA)(DG)(DC)(DG)(DC)
(DG)(DT)(DA)(DC)(DG)(DT)(DG)(DC)(DG)(DT)(DT)(DT)(DA)(DA)(DG)(DC)(DG)(DG)(DT)(DG)
(DC)(DT)(DA)(DG)(DA)(DG)(DC)(DT)(DG)(DT)(DC)(DT)(DA)(DC)(DG)(DA)(DC)(DC)(DA)(DA)
(DT)(DT)(DG)(DA)(DG)(DC)(DT)(DC)(DG)(DA)(DG)(DC)(DC)(DT)(DG)(DG)(DA)(DG)(DA)(DC)
(DT)(DA)(DG)(DG)(DG)(DA)(DG)(DT)(DA)(DA)(DT)(DC)(DC)(DC)(DC)(DT)(DT)(DG)(DG)(DC)
(DG)(DG)(DT)(DT)(DA)(DA)(DA)(DA)(DC)(DG)(DC)(DG)(DG)(DG)(DG)(DG)(DA)(DC)(DA)(DG)
(DC)(DG)(DC)(DG)(DT)(DA)(DC)(DG)(DT)(DG)(DC)(DG)(DT)(DT)(DT)(DA)(DA)(DG)(DC)(DG)
(DG)(DT)(DG)(DC)(DT)(DA)(DG)(DA)(DG)(DC)(DT)(DG)(DT)(DC)(DT)(DA)(DC)(DG)(DA)(DC)
(DC)(DA)(DA)(DT)(DT)(DG)(DA)(DG)(DC)(DG)(DG)(DC)(DC)(DT)(DC)(DG)(DG)(DC)(DA)(DC)
(DC)(DG)(DG)(DG)(DA)(DT)(DT)(DC)(DT)(DC)(DG)(DA)(DT)
;
J
#
# COMPACT_ATOMS: atom_id res chain seq x y z
N HIS A 43 20.08 37.86 12.03
CA HIS A 43 18.95 38.47 12.77
C HIS A 43 17.66 37.69 12.47
N ARG A 44 16.91 37.31 13.51
CA ARG A 44 15.61 36.63 13.27
C ARG A 44 14.53 37.26 14.15
N TYR A 45 13.51 37.85 13.53
CA TYR A 45 12.40 38.46 14.30
C TYR A 45 11.60 37.35 14.99
N ARG A 46 11.20 37.58 16.25
CA ARG A 46 10.42 36.57 17.02
C ARG A 46 9.04 36.40 16.39
N PRO A 47 8.45 35.15 16.33
CA PRO A 47 7.08 34.96 15.83
C PRO A 47 6.11 35.97 16.43
N GLY A 48 5.41 36.69 15.56
CA GLY A 48 4.44 37.71 16.03
C GLY A 48 4.87 39.11 15.63
N THR A 49 6.19 39.38 15.64
CA THR A 49 6.69 40.74 15.32
C THR A 49 6.32 41.12 13.88
N VAL A 50 6.64 40.26 12.91
CA VAL A 50 6.35 40.57 11.47
C VAL A 50 4.84 40.53 11.26
N ALA A 51 4.13 39.66 11.98
CA ALA A 51 2.66 39.58 11.86
C ALA A 51 2.05 40.94 12.25
N LEU A 52 2.49 41.50 13.37
CA LEU A 52 1.97 42.82 13.83
C LEU A 52 2.37 43.92 12.86
N ARG A 53 3.58 43.82 12.28
CA ARG A 53 4.03 44.81 11.27
C ARG A 53 3.10 44.75 10.05
N GLU A 54 2.69 43.54 9.66
CA GLU A 54 1.77 43.37 8.50
C GLU A 54 0.40 43.95 8.86
N ILE A 55 -0.10 43.69 10.06
CA ILE A 55 -1.39 44.30 10.50
C ILE A 55 -1.27 45.82 10.31
N ARG A 56 -0.23 46.44 10.87
CA ARG A 56 -0.08 47.92 10.78
C ARG A 56 -0.10 48.37 9.31
N ARG A 57 0.62 47.65 8.43
CA ARG A 57 0.72 48.04 7.00
C ARG A 57 -0.64 47.92 6.31
N TYR A 58 -1.35 46.80 6.49
CA TYR A 58 -2.62 46.58 5.75
C TYR A 58 -3.78 47.39 6.33
N GLN A 59 -3.72 47.73 7.62
CA GLN A 59 -4.79 48.57 8.24
C GLN A 59 -4.59 50.03 7.83
N LYS A 60 -3.40 50.36 7.32
CA LYS A 60 -3.12 51.75 6.87
C LYS A 60 -3.45 51.87 5.38
N SER A 61 -3.40 50.75 4.64
CA SER A 61 -3.62 50.79 3.17
C SER A 61 -5.09 50.55 2.83
N THR A 62 -5.49 50.87 1.59
CA THR A 62 -6.89 50.66 1.13
C THR A 62 -6.91 49.82 -0.13
N GLU A 63 -5.75 49.35 -0.59
CA GLU A 63 -5.67 48.59 -1.88
C GLU A 63 -6.36 47.21 -1.75
N LEU A 64 -6.76 46.63 -2.87
CA LEU A 64 -7.39 45.27 -2.85
C LEU A 64 -6.31 44.23 -2.56
N LEU A 65 -6.61 43.22 -1.74
CA LEU A 65 -5.56 42.25 -1.31
C LEU A 65 -5.66 40.93 -2.09
N ILE A 66 -6.77 40.69 -2.80
CA ILE A 66 -6.87 39.47 -3.65
C ILE A 66 -6.34 39.83 -5.05
N ARG A 67 -5.56 38.94 -5.67
CA ARG A 67 -5.09 39.20 -7.06
C ARG A 67 -6.31 39.34 -7.97
N LYS A 68 -6.30 40.32 -8.88
CA LYS A 68 -7.49 40.61 -9.73
C LYS A 68 -7.81 39.46 -10.68
N LEU A 69 -6.83 39.01 -11.48
CA LEU A 69 -7.11 37.97 -12.51
C LEU A 69 -7.71 36.69 -11.88
N PRO A 70 -7.11 36.04 -10.87
CA PRO A 70 -7.73 34.87 -10.24
C PRO A 70 -9.16 35.13 -9.75
N PHE A 71 -9.38 36.29 -9.13
CA PHE A 71 -10.74 36.64 -8.64
C PHE A 71 -11.71 36.70 -9.81
N GLN A 72 -11.32 37.35 -10.91
CA GLN A 72 -12.18 37.46 -12.11
C GLN A 72 -12.57 36.05 -12.56
N ARG A 73 -11.60 35.13 -12.62
CA ARG A 73 -11.87 33.74 -13.07
C ARG A 73 -12.91 33.10 -12.15
N LEU A 74 -12.77 33.29 -10.84
CA LEU A 74 -13.74 32.71 -9.86
C LEU A 74 -15.13 33.28 -10.15
N VAL A 75 -15.23 34.61 -10.28
CA VAL A 75 -16.54 35.27 -10.55
C VAL A 75 -17.17 34.64 -11.80
N ARG A 76 -16.40 34.53 -12.89
CA ARG A 76 -16.97 34.00 -14.16
C ARG A 76 -17.36 32.54 -13.98
N GLU A 77 -16.55 31.76 -13.27
CA GLU A 77 -16.85 30.31 -13.05
C GLU A 77 -18.15 30.20 -12.23
N ILE A 78 -18.34 31.02 -11.21
CA ILE A 78 -19.57 30.95 -10.36
C ILE A 78 -20.78 31.36 -11.21
N ALA A 79 -20.66 32.43 -12.01
CA ALA A 79 -21.81 32.95 -12.78
C ALA A 79 -22.24 31.96 -13.86
N GLN A 80 -21.33 31.10 -14.34
CA GLN A 80 -21.64 30.14 -15.43
C GLN A 80 -22.80 29.23 -14.99
N ASP A 81 -22.92 28.92 -13.70
CA ASP A 81 -23.96 27.98 -13.21
C ASP A 81 -25.35 28.65 -13.26
N PHE A 82 -25.40 29.98 -13.33
CA PHE A 82 -26.69 30.71 -13.33
C PHE A 82 -27.12 31.01 -14.76
N LYS A 83 -26.16 31.42 -15.61
CA LYS A 83 -26.47 31.75 -17.03
C LYS A 83 -25.21 31.55 -17.87
N THR A 84 -25.34 30.98 -19.06
CA THR A 84 -24.18 30.71 -19.93
C THR A 84 -23.85 31.95 -20.78
N ASP A 85 -22.66 31.98 -21.39
CA ASP A 85 -22.24 33.10 -22.27
C ASP A 85 -22.51 34.45 -21.60
N LEU A 86 -22.12 34.60 -20.33
CA LEU A 86 -22.35 35.87 -19.61
C LEU A 86 -21.16 36.80 -19.78
N ARG A 87 -21.40 38.05 -20.19
CA ARG A 87 -20.28 39.03 -20.24
C ARG A 87 -20.30 39.80 -18.92
N PHE A 88 -19.22 40.52 -18.62
CA PHE A 88 -19.14 41.27 -17.34
C PHE A 88 -18.49 42.63 -17.58
N GLN A 89 -19.13 43.71 -17.12
CA GLN A 89 -18.47 45.04 -17.21
C GLN A 89 -17.24 44.96 -16.31
N SER A 90 -16.14 45.62 -16.69
CA SER A 90 -14.93 45.64 -15.82
C SER A 90 -15.31 46.15 -14.42
N SER A 91 -16.15 47.18 -14.35
CA SER A 91 -16.57 47.75 -13.04
C SER A 91 -17.41 46.76 -12.23
N ALA A 92 -18.17 45.89 -12.90
CA ALA A 92 -18.98 44.86 -12.20
C ALA A 92 -18.05 43.95 -11.39
N VAL A 93 -16.98 43.46 -12.04
CA VAL A 93 -16.01 42.57 -11.34
C VAL A 93 -15.35 43.35 -10.19
N MET A 94 -15.01 44.61 -10.44
CA MET A 94 -14.36 45.45 -9.39
C MET A 94 -15.33 45.64 -8.22
N ALA A 95 -16.61 45.89 -8.51
CA ALA A 95 -17.62 46.06 -7.44
C ALA A 95 -17.69 44.77 -6.62
N LEU A 96 -17.74 43.62 -7.28
CA LEU A 96 -17.80 42.32 -6.56
C LEU A 96 -16.56 42.19 -5.68
N GLN A 97 -15.37 42.47 -6.22
CA GLN A 97 -14.11 42.31 -5.45
C GLN A 97 -14.16 43.20 -4.20
N GLU A 98 -14.55 44.47 -4.36
CA GLU A 98 -14.58 45.40 -3.20
C GLU A 98 -15.51 44.85 -2.11
N ALA A 99 -16.71 44.41 -2.49
CA ALA A 99 -17.69 43.90 -1.52
C ALA A 99 -17.15 42.64 -0.81
N CYS A 100 -16.60 41.71 -1.58
CA CYS A 100 -16.11 40.43 -1.00
C CYS A 100 -14.99 40.71 0.01
N GLU A 101 -14.04 41.56 -0.37
CA GLU A 101 -12.90 41.87 0.53
C GLU A 101 -13.44 42.53 1.81
N ALA A 102 -14.33 43.51 1.66
CA ALA A 102 -14.93 44.19 2.84
C ALA A 102 -15.62 43.14 3.72
N TYR A 103 -16.40 42.25 3.12
CA TYR A 103 -17.12 41.21 3.89
C TYR A 103 -16.13 40.33 4.66
N LEU A 104 -15.08 39.86 3.99
CA LEU A 104 -14.11 38.93 4.64
C LEU A 104 -13.33 39.65 5.74
N VAL A 105 -12.91 40.89 5.51
CA VAL A 105 -12.19 41.67 6.55
C VAL A 105 -13.12 41.82 7.77
N GLY A 106 -14.38 42.21 7.54
CA GLY A 106 -15.35 42.34 8.65
C GLY A 106 -15.52 41.03 9.40
N LEU A 107 -15.57 39.91 8.66
CA LEU A 107 -15.75 38.57 9.30
C LEU A 107 -14.50 38.24 10.13
N PHE A 108 -13.31 38.52 9.58
CA PHE A 108 -12.04 38.24 10.30
C PHE A 108 -11.99 39.05 11.60
N GLU A 109 -12.55 40.26 11.60
CA GLU A 109 -12.59 41.09 12.84
C GLU A 109 -13.41 40.35 13.91
N ASP A 110 -14.61 39.88 13.54
CA ASP A 110 -15.50 39.18 14.51
C ASP A 110 -14.88 37.83 14.90
N THR A 111 -14.27 37.13 13.94
CA THR A 111 -13.60 35.83 14.23
C THR A 111 -12.51 36.05 15.29
N ASN A 112 -11.74 37.13 15.13
CA ASN A 112 -10.66 37.45 16.10
C ASN A 112 -11.26 37.62 17.50
N LEU A 113 -12.35 38.38 17.62
CA LEU A 113 -13.01 38.59 18.94
C LEU A 113 -13.41 37.24 19.55
N CYS A 114 -13.94 36.32 18.75
CA CYS A 114 -14.31 34.97 19.24
C CYS A 114 -13.06 34.24 19.78
N ALA A 115 -11.96 34.27 19.04
CA ALA A 115 -10.71 33.61 19.49
C ALA A 115 -10.26 34.21 20.83
N ILE A 116 -10.17 35.54 20.91
CA ILE A 116 -9.74 36.22 22.17
C ILE A 116 -10.69 35.79 23.30
N HIS A 117 -11.98 35.69 23.01
CA HIS A 117 -12.99 35.28 24.02
C HIS A 117 -12.64 33.89 24.58
N ALA A 118 -12.12 32.99 23.73
CA ALA A 118 -11.72 31.64 24.19
C ALA A 118 -10.27 31.65 24.69
N LYS A 119 -9.75 32.83 25.05
CA LYS A 119 -8.37 32.96 25.61
C LYS A 119 -7.31 32.49 24.61
N ARG A 120 -7.59 32.61 23.31
CA ARG A 120 -6.60 32.23 22.28
C ARG A 120 -6.18 33.46 21.48
N VAL A 121 -5.01 33.41 20.84
CA VAL A 121 -4.57 34.53 19.95
C VAL A 121 -4.61 34.01 18.52
N THR A 122 -4.97 32.73 18.35
CA THR A 122 -5.02 32.09 17.01
C THR A 122 -6.48 31.92 16.58
N ILE A 123 -6.81 32.34 15.36
CA ILE A 123 -8.19 32.14 14.85
C ILE A 123 -8.31 30.70 14.34
N MET A 124 -9.45 30.05 14.60
CA MET A 124 -9.68 28.65 14.16
C MET A 124 -11.05 28.60 13.47
N PRO A 125 -11.37 27.55 12.67
CA PRO A 125 -12.69 27.43 12.04
C PRO A 125 -13.87 27.61 13.00
N LYS A 126 -13.75 27.12 14.24
CA LYS A 126 -14.85 27.25 15.24
C LYS A 126 -15.15 28.72 15.49
N ASP A 127 -14.14 29.60 15.43
CA ASP A 127 -14.34 31.05 15.62
C ASP A 127 -15.13 31.61 14.43
N ILE A 128 -14.73 31.26 13.22
CA ILE A 128 -15.48 31.70 12.00
C ILE A 128 -16.92 31.21 12.12
N GLN A 129 -17.11 29.94 12.51
CA GLN A 129 -18.47 29.36 12.59
C GLN A 129 -19.32 30.14 13.59
N LEU A 130 -18.79 30.40 14.79
CA LEU A 130 -19.54 31.14 15.83
C LEU A 130 -19.93 32.53 15.30
N ALA A 131 -18.95 33.29 14.79
CA ALA A 131 -19.22 34.65 14.27
C ALA A 131 -20.39 34.61 13.28
N ARG A 132 -20.34 33.70 12.30
CA ARG A 132 -21.39 33.62 11.25
C ARG A 132 -22.74 33.25 11.90
N ARG A 133 -22.73 32.28 12.80
CA ARG A 133 -23.98 31.84 13.48
C ARG A 133 -24.62 33.04 14.20
N ILE A 134 -23.82 33.79 14.98
CA ILE A 134 -24.36 34.94 15.76
C ILE A 134 -24.84 36.03 14.77
N ARG A 135 -24.11 36.21 13.67
CA ARG A 135 -24.47 37.25 12.67
C ARG A 135 -25.77 36.86 11.96
N GLY A 136 -26.18 35.59 12.07
CA GLY A 136 -27.39 35.11 11.40
C GLY A 136 -27.10 34.43 10.07
N GLU A 137 -25.84 34.45 9.63
CA GLU A 137 -25.45 33.87 8.32
C GLU A 137 -25.73 32.37 8.31
N ASN B 29 -10.73 27.23 -9.64
CA ASN B 29 -10.54 28.71 -9.63
C ASN B 29 -10.55 29.21 -8.18
N ILE B 30 -11.20 28.46 -7.28
CA ILE B 30 -11.29 28.86 -5.84
C ILE B 30 -9.89 28.82 -5.21
N GLN B 31 -8.99 27.99 -5.77
CA GLN B 31 -7.61 27.89 -5.24
C GLN B 31 -6.83 29.16 -5.59
N GLY B 32 -7.31 29.95 -6.57
CA GLY B 32 -6.68 31.23 -6.91
C GLY B 32 -6.71 32.16 -5.71
N ILE B 33 -7.66 31.95 -4.80
CA ILE B 33 -7.67 32.72 -3.52
C ILE B 33 -6.58 32.07 -2.68
N THR B 34 -5.34 32.52 -2.83
CA THR B 34 -4.19 31.83 -2.18
C THR B 34 -4.13 32.06 -0.66
N LYS B 35 -3.31 31.26 0.03
CA LYS B 35 -3.11 31.44 1.49
C LYS B 35 -2.58 32.86 1.78
N PRO B 36 -1.53 33.38 1.11
CA PRO B 36 -1.08 34.76 1.32
C PRO B 36 -2.19 35.80 1.18
N ALA B 37 -3.07 35.67 0.18
CA ALA B 37 -4.21 36.61 0.03
C ALA B 37 -5.10 36.54 1.27
N ILE B 38 -5.50 35.34 1.67
CA ILE B 38 -6.37 35.16 2.88
C ILE B 38 -5.64 35.75 4.09
N ARG B 39 -4.32 35.53 4.21
CA ARG B 39 -3.54 36.09 5.34
C ARG B 39 -3.64 37.62 5.31
N ARG B 40 -3.47 38.23 4.14
CA ARG B 40 -3.57 39.71 4.02
C ARG B 40 -4.94 40.19 4.50
N LEU B 41 -6.01 39.53 4.07
CA LEU B 41 -7.38 39.90 4.53
C LEU B 41 -7.45 39.80 6.05
N ALA B 42 -6.89 38.72 6.62
CA ALA B 42 -6.91 38.54 8.09
C ALA B 42 -6.10 39.66 8.77
N ARG B 43 -4.98 40.05 8.17
CA ARG B 43 -4.11 41.11 8.76
C ARG B 43 -4.89 42.43 8.81
N ARG B 44 -5.60 42.76 7.74
CA ARG B 44 -6.46 43.98 7.74
C ARG B 44 -7.54 43.83 8.81
N GLY B 45 -7.99 42.60 9.07
CA GLY B 45 -8.99 42.34 10.13
C GLY B 45 -8.35 42.34 11.52
N GLY B 46 -7.04 42.57 11.61
CA GLY B 46 -6.36 42.66 12.92
C GLY B 46 -6.01 41.30 13.49
N VAL B 47 -5.90 40.28 12.65
CA VAL B 47 -5.61 38.89 13.13
C VAL B 47 -4.09 38.69 13.20
N LYS B 48 -3.59 38.17 14.33
CA LYS B 48 -2.13 38.00 14.52
C LYS B 48 -1.71 36.55 14.19
N ARG B 49 -2.51 35.57 14.61
CA ARG B 49 -2.13 34.15 14.38
C ARG B 49 -3.27 33.42 13.66
N ILE B 50 -2.94 32.54 12.71
CA ILE B 50 -3.99 31.87 11.88
C ILE B 50 -3.76 30.35 11.88
N SER B 51 -4.82 29.57 12.14
CA SER B 51 -4.70 28.08 12.08
C SER B 51 -4.64 27.64 10.61
N GLY B 52 -4.06 26.46 10.34
CA GLY B 52 -3.92 25.98 8.95
C GLY B 52 -5.24 25.60 8.31
N LEU B 53 -6.29 25.37 9.11
CA LEU B 53 -7.60 24.93 8.56
C LEU B 53 -8.45 26.15 8.19
N ILE B 54 -7.98 27.36 8.50
CA ILE B 54 -8.77 28.59 8.23
C ILE B 54 -8.87 28.84 6.72
N TYR B 55 -7.80 28.54 5.97
CA TYR B 55 -7.77 28.86 4.51
C TYR B 55 -8.91 28.16 3.77
N GLU B 56 -9.12 26.87 4.03
CA GLU B 56 -10.20 26.12 3.36
C GLU B 56 -11.55 26.66 3.84
N GLU B 57 -11.68 26.94 5.15
CA GLU B 57 -12.94 27.48 5.70
C GLU B 57 -13.26 28.81 5.01
N THR B 58 -12.28 29.71 4.92
CA THR B 58 -12.49 31.05 4.30
C THR B 58 -12.94 30.87 2.84
N ARG B 59 -12.26 29.99 2.09
CA ARG B 59 -12.62 29.74 0.67
C ARG B 59 -14.11 29.35 0.60
N GLY B 60 -14.56 28.44 1.46
CA GLY B 60 -15.98 28.03 1.47
C GLY B 60 -16.91 29.20 1.76
N VAL B 61 -16.58 30.01 2.77
CA VAL B 61 -17.42 31.19 3.14
C VAL B 61 -17.49 32.15 1.94
N LEU B 62 -16.34 32.47 1.35
CA LEU B 62 -16.30 33.42 0.20
C LEU B 62 -17.17 32.88 -0.93
N LYS B 63 -17.06 31.58 -1.22
CA LYS B 63 -17.85 30.96 -2.32
C LYS B 63 -19.35 31.20 -2.07
N VAL B 64 -19.82 30.90 -0.86
CA VAL B 64 -21.27 31.10 -0.51
C VAL B 64 -21.64 32.56 -0.75
N PHE B 65 -20.88 33.49 -0.16
CA PHE B 65 -21.16 34.94 -0.33
C PHE B 65 -21.24 35.30 -1.82
N LEU B 66 -20.21 34.94 -2.59
CA LEU B 66 -20.17 35.29 -4.03
C LEU B 66 -21.40 34.71 -4.73
N GLU B 67 -21.67 33.42 -4.54
CA GLU B 67 -22.84 32.76 -5.19
C GLU B 67 -24.11 33.58 -4.91
N ASN B 68 -24.35 33.95 -3.65
CA ASN B 68 -25.58 34.71 -3.29
C ASN B 68 -25.63 36.01 -4.09
N VAL B 69 -24.56 36.79 -4.07
CA VAL B 69 -24.57 38.12 -4.75
C VAL B 69 -24.70 37.90 -6.26
N ILE B 70 -23.89 37.01 -6.84
CA ILE B 70 -23.90 36.82 -8.32
C ILE B 70 -25.29 36.34 -8.77
N ARG B 71 -25.87 35.39 -8.04
CA ARG B 71 -27.24 34.89 -8.38
C ARG B 71 -28.19 36.09 -8.58
N ASP B 72 -28.27 36.98 -7.59
CA ASP B 72 -29.20 38.13 -7.67
C ASP B 72 -28.79 39.08 -8.81
N ALA B 73 -27.49 39.34 -8.96
CA ALA B 73 -27.01 40.25 -10.02
C ALA B 73 -27.42 39.72 -11.39
N VAL B 74 -27.28 38.39 -11.59
CA VAL B 74 -27.66 37.76 -12.89
C VAL B 74 -29.18 37.86 -13.06
N THR B 75 -29.94 37.68 -11.99
CA THR B 75 -31.42 37.84 -12.07
C THR B 75 -31.76 39.23 -12.61
N TYR B 76 -31.13 40.28 -12.08
CA TYR B 76 -31.35 41.66 -12.58
C TYR B 76 -30.97 41.74 -14.06
N THR B 77 -29.83 41.16 -14.42
CA THR B 77 -29.37 41.17 -15.84
C THR B 77 -30.42 40.53 -16.75
N GLU B 78 -30.91 39.33 -16.37
CA GLU B 78 -31.91 38.61 -17.19
C GLU B 78 -33.20 39.42 -17.30
N HIS B 79 -33.59 40.08 -16.22
CA HIS B 79 -34.83 40.91 -16.22
C HIS B 79 -34.66 42.07 -17.21
N ALA B 80 -33.44 42.62 -17.32
CA ALA B 80 -33.17 43.72 -18.26
C ALA B 80 -32.97 43.17 -19.68
N LYS B 81 -33.08 41.85 -19.84
CA LYS B 81 -32.88 41.20 -21.17
C LYS B 81 -31.47 41.51 -21.68
N ARG B 82 -30.50 41.66 -20.77
CA ARG B 82 -29.11 41.96 -21.17
C ARG B 82 -28.28 40.68 -21.14
N LYS B 83 -27.12 40.66 -21.80
CA LYS B 83 -26.22 39.49 -21.76
C LYS B 83 -24.96 39.89 -20.97
N THR B 84 -24.94 41.12 -20.46
CA THR B 84 -23.74 41.64 -19.73
C THR B 84 -24.14 42.08 -18.32
N VAL B 85 -23.53 41.47 -17.29
CA VAL B 85 -23.79 41.91 -15.89
C VAL B 85 -23.14 43.29 -15.72
N THR B 86 -23.93 44.28 -15.32
CA THR B 86 -23.40 45.67 -15.14
C THR B 86 -23.02 45.91 -13.68
N ALA B 87 -22.25 46.96 -13.40
CA ALA B 87 -21.92 47.32 -12.00
C ALA B 87 -23.22 47.61 -11.25
N MET B 88 -24.19 48.22 -11.93
CA MET B 88 -25.49 48.53 -11.28
C MET B 88 -26.16 47.24 -10.80
N ASP B 89 -26.18 46.20 -11.64
CA ASP B 89 -26.75 44.89 -11.22
C ASP B 89 -26.11 44.45 -9.90
N VAL B 90 -24.79 44.51 -9.82
CA VAL B 90 -24.06 44.10 -8.58
C VAL B 90 -24.49 45.01 -7.42
N VAL B 91 -24.48 46.34 -7.63
CA VAL B 91 -24.86 47.32 -6.57
C VAL B 91 -26.26 46.97 -6.05
N TYR B 92 -27.23 46.73 -6.95
CA TYR B 92 -28.62 46.40 -6.54
C TYR B 92 -28.62 45.12 -5.71
N ALA B 93 -27.91 44.09 -6.18
CA ALA B 93 -27.85 42.80 -5.48
C ALA B 93 -27.30 43.00 -4.06
N LEU B 94 -26.21 43.75 -3.93
CA LEU B 94 -25.60 44.02 -2.60
C LEU B 94 -26.61 44.78 -1.74
N LYS B 95 -27.26 45.78 -2.32
CA LYS B 95 -28.21 46.62 -1.55
C LYS B 95 -29.31 45.72 -0.96
N ARG B 96 -29.86 44.81 -1.75
CA ARG B 96 -31.01 43.99 -1.27
C ARG B 96 -30.54 42.94 -0.25
N GLN B 97 -29.25 42.59 -0.24
CA GLN B 97 -28.72 41.66 0.79
C GLN B 97 -28.18 42.44 1.99
N GLY B 98 -28.51 43.74 2.08
CA GLY B 98 -28.08 44.55 3.23
C GLY B 98 -26.59 44.85 3.27
N ARG B 99 -25.93 44.88 2.11
CA ARG B 99 -24.48 45.20 2.04
C ARG B 99 -24.28 46.36 1.06
N THR B 100 -24.96 47.47 1.29
CA THR B 100 -24.90 48.65 0.39
C THR B 100 -23.45 49.03 0.08
N LEU B 101 -23.14 49.21 -1.20
CA LEU B 101 -21.76 49.59 -1.62
C LEU B 101 -21.80 51.01 -2.20
N TYR B 102 -20.94 51.90 -1.71
CA TYR B 102 -20.84 53.27 -2.28
C TYR B 102 -19.65 53.34 -3.24
N GLY B 103 -19.77 54.07 -4.35
CA GLY B 103 -18.62 54.26 -5.25
C GLY B 103 -18.79 53.69 -6.65
N PHE B 104 -19.88 52.94 -6.89
CA PHE B 104 -20.04 52.28 -8.22
C PHE B 104 -21.37 52.68 -8.84
N GLY B 105 -21.80 53.93 -8.65
CA GLY B 105 -23.06 54.42 -9.24
C GLY B 105 -24.24 54.22 -8.32
N GLY B 106 -24.00 54.26 -7.01
CA GLY B 106 -25.08 54.02 -6.02
C GLY B 106 -24.59 53.05 -4.97
N ALA C 18 -71.76 38.86 -13.78
CA ALA C 18 -70.42 39.25 -13.27
C ALA C 18 -69.56 38.04 -12.90
N LYS C 19 -68.37 37.93 -13.51
CA LYS C 19 -67.44 36.83 -13.19
C LYS C 19 -66.18 37.44 -12.54
N THR C 20 -65.87 37.05 -11.31
CA THR C 20 -64.71 37.65 -10.59
C THR C 20 -63.41 37.24 -11.30
N ARG C 21 -62.41 38.11 -11.24
CA ARG C 21 -61.09 37.79 -11.84
C ARG C 21 -60.47 36.61 -11.09
N SER C 22 -60.78 36.47 -9.80
CA SER C 22 -60.27 35.32 -9.01
C SER C 22 -60.78 34.01 -9.60
N SER C 23 -62.08 33.92 -9.90
CA SER C 23 -62.67 32.70 -10.48
C SER C 23 -62.09 32.43 -11.87
N ARG C 24 -61.84 33.50 -12.63
CA ARG C 24 -61.22 33.35 -13.98
C ARG C 24 -59.82 32.75 -13.85
N ALA C 25 -59.12 33.09 -12.76
CA ALA C 25 -57.73 32.60 -12.56
C ALA C 25 -57.75 31.30 -11.75
N GLY C 26 -58.94 30.85 -11.32
CA GLY C 26 -59.05 29.64 -10.48
C GLY C 26 -58.37 29.84 -9.13
N LEU C 27 -58.59 30.99 -8.49
CA LEU C 27 -57.90 31.30 -7.21
C LEU C 27 -58.91 31.57 -6.11
N GLN C 28 -58.51 31.38 -4.84
CA GLN C 28 -59.40 31.72 -3.69
C GLN C 28 -59.04 33.14 -3.24
N PHE C 29 -57.81 33.58 -3.52
CA PHE C 29 -57.34 34.93 -3.11
C PHE C 29 -57.96 36.00 -4.02
N PRO C 30 -58.24 37.22 -3.53
CA PRO C 30 -58.94 38.25 -4.32
C PRO C 30 -58.06 39.02 -5.32
N VAL C 31 -58.21 38.74 -6.61
CA VAL C 31 -57.40 39.43 -7.66
C VAL C 31 -57.80 40.92 -7.69
N GLY C 32 -59.11 41.20 -7.66
CA GLY C 32 -59.60 42.59 -7.72
C GLY C 32 -59.05 43.44 -6.57
N ARG C 33 -59.09 42.92 -5.34
CA ARG C 33 -58.55 43.65 -4.17
C ARG C 33 -57.04 43.84 -4.34
N VAL C 34 -56.33 42.77 -4.71
CA VAL C 34 -54.84 42.86 -4.90
C VAL C 34 -54.54 43.94 -5.95
N HIS C 35 -55.31 43.99 -7.04
CA HIS C 35 -55.11 45.03 -8.09
C HIS C 35 -55.25 46.41 -7.48
N ARG C 36 -56.31 46.64 -6.70
CA ARG C 36 -56.55 47.97 -6.08
C ARG C 36 -55.39 48.31 -5.14
N LEU C 37 -54.93 47.34 -4.34
CA LEU C 37 -53.84 47.59 -3.37
C LEU C 37 -52.55 47.94 -4.13
N LEU C 38 -52.32 47.32 -5.29
CA LEU C 38 -51.12 47.67 -6.10
C LEU C 38 -51.30 49.09 -6.66
N ARG C 39 -52.49 49.40 -7.18
CA ARG C 39 -52.73 50.71 -7.81
C ARG C 39 -52.64 51.84 -6.78
N LYS C 40 -53.06 51.58 -5.53
CA LYS C 40 -53.11 52.67 -4.51
C LYS C 40 -51.93 52.55 -3.53
N GLY C 41 -50.94 51.70 -3.84
CA GLY C 41 -49.83 51.48 -2.90
C GLY C 41 -48.60 52.26 -3.29
N ASN C 42 -48.71 53.17 -4.27
CA ASN C 42 -47.55 53.99 -4.72
C ASN C 42 -46.39 53.07 -5.11
N TYR C 43 -46.65 52.10 -5.97
CA TYR C 43 -45.58 51.19 -6.44
C TYR C 43 -45.15 51.61 -7.85
N SER C 44 -46.11 51.91 -8.71
CA SER C 44 -45.80 52.35 -10.09
C SER C 44 -46.92 53.23 -10.63
N GLU C 45 -46.71 53.83 -11.81
CA GLU C 45 -47.77 54.65 -12.44
C GLU C 45 -48.86 53.73 -12.95
N ARG C 46 -48.49 52.61 -13.59
CA ARG C 46 -49.50 51.69 -14.18
C ARG C 46 -49.30 50.27 -13.67
N VAL C 47 -50.36 49.45 -13.68
CA VAL C 47 -50.27 48.03 -13.23
C VAL C 47 -50.87 47.14 -14.33
N GLY C 48 -50.09 46.17 -14.82
CA GLY C 48 -50.57 45.25 -15.87
C GLY C 48 -51.73 44.39 -15.39
N ALA C 49 -52.50 43.81 -16.31
CA ALA C 49 -53.67 42.99 -15.94
C ALA C 49 -53.24 41.67 -15.30
N GLY C 50 -52.07 41.15 -15.68
CA GLY C 50 -51.59 39.85 -15.16
C GLY C 50 -50.90 39.98 -13.81
N ALA C 51 -50.41 41.18 -13.47
CA ALA C 51 -49.66 41.37 -12.20
C ALA C 51 -50.49 40.97 -10.97
N PRO C 52 -51.71 41.50 -10.73
CA PRO C 52 -52.52 41.07 -9.59
C PRO C 52 -52.81 39.57 -9.59
N VAL C 53 -53.09 39.00 -10.77
CA VAL C 53 -53.35 37.53 -10.88
C VAL C 53 -52.12 36.77 -10.39
N TYR C 54 -50.94 37.13 -10.90
CA TYR C 54 -49.67 36.45 -10.50
C TYR C 54 -49.47 36.62 -8.99
N LEU C 55 -49.56 37.86 -8.50
CA LEU C 55 -49.31 38.14 -7.06
C LEU C 55 -50.29 37.34 -6.20
N ALA C 56 -51.59 37.37 -6.54
CA ALA C 56 -52.61 36.66 -5.75
C ALA C 56 -52.28 35.16 -5.67
N ALA C 57 -51.88 34.56 -6.80
CA ALA C 57 -51.55 33.12 -6.83
C ALA C 57 -50.36 32.83 -5.90
N VAL C 58 -49.35 33.69 -5.93
CA VAL C 58 -48.14 33.49 -5.08
C VAL C 58 -48.55 33.58 -3.61
N LEU C 59 -49.29 34.62 -3.23
CA LEU C 59 -49.78 34.77 -1.83
C LEU C 59 -50.56 33.51 -1.44
N GLU C 60 -51.47 33.05 -2.31
CA GLU C 60 -52.28 31.85 -2.02
C GLU C 60 -51.37 30.64 -1.81
N TYR C 61 -50.38 30.45 -2.69
CA TYR C 61 -49.48 29.28 -2.58
C TYR C 61 -48.77 29.31 -1.22
N LEU C 62 -48.23 30.47 -0.84
CA LEU C 62 -47.47 30.57 0.43
C LEU C 62 -48.40 30.28 1.62
N THR C 63 -49.61 30.84 1.61
CA THR C 63 -50.58 30.58 2.72
C THR C 63 -50.88 29.08 2.79
N ALA C 64 -51.18 28.45 1.64
CA ALA C 64 -51.47 27.00 1.62
C ALA C 64 -50.31 26.23 2.25
N GLU C 65 -49.07 26.53 1.85
CA GLU C 65 -47.88 25.81 2.37
C GLU C 65 -47.86 25.92 3.90
N ILE C 66 -47.89 27.14 4.43
CA ILE C 66 -47.81 27.34 5.91
C ILE C 66 -48.99 26.63 6.58
N LEU C 67 -50.22 26.83 6.07
CA LEU C 67 -51.43 26.24 6.72
C LEU C 67 -51.34 24.71 6.72
N GLU C 68 -50.90 24.11 5.61
CA GLU C 68 -50.78 22.63 5.53
C GLU C 68 -49.80 22.16 6.60
N LEU C 69 -48.64 22.82 6.70
CA LEU C 69 -47.61 22.43 7.69
C LEU C 69 -48.11 22.71 9.12
N ALA C 70 -48.88 23.79 9.30
CA ALA C 70 -49.40 24.15 10.64
C ALA C 70 -50.49 23.16 11.06
N GLY C 71 -51.36 22.77 10.12
CA GLY C 71 -52.41 21.78 10.41
C GLY C 71 -51.80 20.45 10.81
N ASN C 72 -50.71 20.07 10.15
CA ASN C 72 -49.99 18.81 10.52
C ASN C 72 -49.49 18.93 11.96
N ALA C 73 -48.88 20.07 12.30
CA ALA C 73 -48.39 20.30 13.68
C ALA C 73 -49.55 20.24 14.67
N ALA C 74 -50.70 20.81 14.31
CA ALA C 74 -51.89 20.76 15.20
C ALA C 74 -52.29 19.30 15.41
N ARG C 75 -52.37 18.51 14.34
CA ARG C 75 -52.77 17.08 14.45
C ARG C 75 -51.76 16.32 15.32
N ASP C 76 -50.47 16.64 15.18
CA ASP C 76 -49.42 15.99 16.00
C ASP C 76 -49.61 16.36 17.47
N ASN C 77 -50.21 17.52 17.75
CA ASN C 77 -50.47 17.95 19.15
C ASN C 77 -51.89 17.55 19.55
N LYS C 78 -52.51 16.64 18.80
CA LYS C 78 -53.89 16.18 19.08
C LYS C 78 -54.85 17.38 19.16
N LYS C 79 -54.60 18.43 18.36
CA LYS C 79 -55.49 19.63 18.35
C LYS C 79 -56.24 19.70 17.01
N THR C 80 -57.43 20.29 17.01
CA THR C 80 -58.22 20.41 15.76
C THR C 80 -58.24 21.88 15.30
N ARG C 81 -57.62 22.77 16.07
CA ARG C 81 -57.56 24.20 15.68
C ARG C 81 -56.09 24.65 15.64
N ILE C 82 -55.71 25.41 14.61
CA ILE C 82 -54.32 25.93 14.50
C ILE C 82 -54.16 27.11 15.45
N ILE C 83 -53.07 27.15 16.24
CA ILE C 83 -52.78 28.31 17.13
C ILE C 83 -51.41 28.86 16.71
N PRO C 84 -50.99 30.07 17.17
CA PRO C 84 -49.66 30.60 16.83
C PRO C 84 -48.51 29.60 17.06
N ARG C 85 -48.60 28.78 18.11
CA ARG C 85 -47.55 27.76 18.38
C ARG C 85 -47.37 26.88 17.14
N HIS C 86 -48.48 26.37 16.58
CA HIS C 86 -48.40 25.47 15.40
C HIS C 86 -47.75 26.20 14.22
N LEU C 87 -48.09 27.47 14.02
CA LEU C 87 -47.49 28.27 12.92
C LEU C 87 -45.98 28.39 13.15
N GLN C 88 -45.56 28.71 14.38
CA GLN C 88 -44.13 28.84 14.70
C GLN C 88 -43.43 27.50 14.44
N LEU C 89 -44.03 26.41 14.89
CA LEU C 89 -43.43 25.05 14.67
C LEU C 89 -43.25 24.82 13.17
N ALA C 90 -44.29 25.10 12.36
CA ALA C 90 -44.22 24.87 10.90
C ALA C 90 -43.12 25.73 10.27
N ILE C 91 -43.00 26.99 10.67
CA ILE C 91 -42.02 27.91 10.01
C ILE C 91 -40.59 27.56 10.43
N ARG C 92 -40.35 27.37 11.73
CA ARG C 92 -38.95 27.16 12.22
C ARG C 92 -38.43 25.77 11.86
N ASN C 93 -39.32 24.81 11.61
CA ASN C 93 -38.90 23.43 11.28
C ASN C 93 -38.67 23.28 9.77
N ASP C 94 -38.90 24.35 9.00
CA ASP C 94 -38.68 24.32 7.53
C ASP C 94 -37.57 25.31 7.18
N GLU C 95 -36.43 24.83 6.66
CA GLU C 95 -35.27 25.71 6.36
C GLU C 95 -35.71 26.90 5.48
N GLU C 96 -36.49 26.65 4.42
CA GLU C 96 -36.86 27.73 3.48
C GLU C 96 -37.81 28.74 4.13
N LEU C 97 -38.85 28.26 4.82
CA LEU C 97 -39.82 29.16 5.50
C LEU C 97 -39.10 29.93 6.61
N ASN C 98 -38.18 29.26 7.32
CA ASN C 98 -37.40 29.92 8.38
C ASN C 98 -36.58 31.06 7.77
N LYS C 99 -35.93 30.81 6.63
CA LYS C 99 -35.12 31.85 5.95
C LYS C 99 -36.02 33.00 5.53
N LEU C 100 -37.15 32.70 4.90
CA LEU C 100 -38.10 33.76 4.45
C LEU C 100 -38.53 34.60 5.66
N LEU C 101 -38.84 33.95 6.78
CA LEU C 101 -39.36 34.69 7.96
C LEU C 101 -38.26 34.80 9.03
N GLY C 102 -37.02 35.03 8.62
CA GLY C 102 -35.88 35.09 9.57
C GLY C 102 -36.03 36.22 10.57
N ARG C 103 -36.29 37.44 10.09
CA ARG C 103 -36.38 38.62 10.99
C ARG C 103 -37.84 38.84 11.41
N VAL C 104 -38.58 37.76 11.64
CA VAL C 104 -40.04 37.89 11.97
C VAL C 104 -40.28 37.25 13.35
N THR C 105 -41.07 37.91 14.20
CA THR C 105 -41.42 37.35 15.53
C THR C 105 -42.90 36.95 15.52
N ILE C 106 -43.18 35.67 15.76
CA ILE C 106 -44.60 35.22 15.85
C ILE C 106 -45.05 35.40 17.32
N ALA C 107 -46.01 36.29 17.55
CA ALA C 107 -46.52 36.50 18.93
C ALA C 107 -47.09 35.19 19.48
N GLN C 108 -46.81 34.88 20.75
CA GLN C 108 -47.30 33.64 21.40
C GLN C 108 -46.90 32.40 20.58
N GLY C 109 -45.74 32.46 19.91
CA GLY C 109 -45.26 31.32 19.13
C GLY C 109 -44.28 30.46 19.92
N GLY C 110 -43.59 31.05 20.90
CA GLY C 110 -42.58 30.31 21.68
C GLY C 110 -41.33 30.01 20.86
N VAL C 111 -40.55 29.01 21.28
CA VAL C 111 -39.28 28.68 20.58
C VAL C 111 -39.24 27.17 20.32
N LEU C 112 -38.26 26.70 19.54
CA LEU C 112 -38.09 25.25 19.31
C LEU C 112 -37.38 24.64 20.52
N PRO C 113 -37.83 23.50 21.06
CA PRO C 113 -37.11 22.82 22.14
C PRO C 113 -35.69 22.48 21.68
N ASN C 114 -34.67 23.14 22.24
CA ASN C 114 -33.26 22.92 21.81
C ASN C 114 -32.34 23.08 23.02
N ILE C 115 -31.66 22.01 23.43
CA ILE C 115 -30.66 22.11 24.54
C ILE C 115 -29.29 21.69 23.99
N GLU D 39 -60.89 45.86 6.25
CA GLU D 39 -60.69 44.70 5.35
C GLU D 39 -59.54 43.82 5.84
N SER D 40 -59.63 42.52 5.57
CA SER D 40 -58.58 41.56 5.98
C SER D 40 -58.63 40.34 5.04
N TYR D 41 -57.64 39.46 5.11
CA TYR D 41 -57.59 38.26 4.23
C TYR D 41 -58.17 37.05 4.97
N SER D 42 -58.87 37.27 6.10
CA SER D 42 -59.38 36.15 6.92
C SER D 42 -60.21 35.17 6.09
N ILE D 43 -61.20 35.66 5.34
CA ILE D 43 -62.10 34.77 4.54
C ILE D 43 -61.26 33.89 3.61
N TYR D 44 -60.28 34.48 2.91
CA TYR D 44 -59.48 33.73 1.92
C TYR D 44 -58.56 32.71 2.61
N VAL D 45 -57.97 33.10 3.75
CA VAL D 45 -57.11 32.15 4.52
C VAL D 45 -57.96 30.94 4.93
N TYR D 46 -59.20 31.20 5.40
CA TYR D 46 -60.10 30.11 5.81
C TYR D 46 -60.45 29.21 4.61
N LYS D 47 -60.77 29.82 3.46
CA LYS D 47 -61.10 29.04 2.24
C LYS D 47 -59.91 28.11 1.93
N VAL D 48 -58.69 28.65 1.94
CA VAL D 48 -57.48 27.83 1.60
C VAL D 48 -57.29 26.74 2.66
N LEU D 49 -57.49 27.08 3.94
CA LEU D 49 -57.34 26.09 5.04
C LEU D 49 -58.31 24.93 4.80
N LYS D 50 -59.55 25.22 4.42
CA LYS D 50 -60.56 24.15 4.23
C LYS D 50 -60.17 23.25 3.05
N GLN D 51 -59.40 23.78 2.09
CA GLN D 51 -58.93 22.97 0.94
C GLN D 51 -57.78 22.04 1.38
N VAL D 52 -56.84 22.55 2.18
CA VAL D 52 -55.64 21.73 2.56
C VAL D 52 -55.96 20.88 3.79
N HIS D 53 -56.87 21.33 4.65
CA HIS D 53 -57.22 20.59 5.89
C HIS D 53 -58.72 20.79 6.17
N PRO D 54 -59.62 20.01 5.55
CA PRO D 54 -61.07 20.22 5.71
C PRO D 54 -61.60 20.16 7.15
N ASP D 55 -60.94 19.41 8.02
CA ASP D 55 -61.47 19.24 9.41
C ASP D 55 -60.67 20.10 10.39
N THR D 56 -59.84 21.02 9.90
CA THR D 56 -58.97 21.81 10.81
C THR D 56 -59.46 23.26 10.85
N GLY D 57 -59.64 23.82 12.06
CA GLY D 57 -60.03 25.24 12.19
C GLY D 57 -58.83 26.10 12.52
N ILE D 58 -59.06 27.33 12.99
CA ILE D 58 -57.95 28.27 13.28
C ILE D 58 -58.40 29.27 14.35
N SER D 59 -57.50 29.61 15.29
CA SER D 59 -57.82 30.58 16.36
C SER D 59 -57.74 32.00 15.80
N SER D 60 -58.35 32.97 16.49
CA SER D 60 -58.29 34.39 16.06
C SER D 60 -56.83 34.87 16.09
N LYS D 61 -56.08 34.49 17.13
CA LYS D 61 -54.65 34.88 17.22
C LYS D 61 -53.90 34.36 15.99
N ALA D 62 -54.09 33.08 15.67
CA ALA D 62 -53.41 32.47 14.50
C ALA D 62 -53.86 33.16 13.22
N MET D 63 -55.14 33.55 13.14
CA MET D 63 -55.66 34.26 11.94
C MET D 63 -54.93 35.61 11.82
N GLY D 64 -54.74 36.32 12.94
CA GLY D 64 -53.99 37.59 12.92
C GLY D 64 -52.58 37.40 12.40
N ILE D 65 -51.91 36.32 12.82
CA ILE D 65 -50.54 36.02 12.30
C ILE D 65 -50.62 35.87 10.78
N MET D 66 -51.58 35.09 10.29
CA MET D 66 -51.70 34.82 8.83
C MET D 66 -51.94 36.15 8.10
N ASN D 67 -52.82 37.00 8.64
CA ASN D 67 -53.11 38.32 8.00
C ASN D 67 -51.80 39.13 7.92
N SER D 68 -51.07 39.22 9.04
CA SER D 68 -49.77 39.93 9.05
C SER D 68 -48.83 39.32 7.99
N PHE D 69 -48.78 38.00 7.91
CA PHE D 69 -47.89 37.31 6.93
C PHE D 69 -48.22 37.75 5.51
N VAL D 70 -49.50 37.65 5.11
CA VAL D 70 -49.91 37.99 3.73
C VAL D 70 -49.53 39.44 3.44
N ASN D 71 -49.89 40.36 4.34
CA ASN D 71 -49.58 41.80 4.15
C ASN D 71 -48.07 41.98 3.98
N ASP D 72 -47.27 41.34 4.84
CA ASP D 72 -45.78 41.48 4.78
C ASP D 72 -45.29 41.02 3.41
N ILE D 73 -45.64 39.80 3.00
CA ILE D 73 -45.12 39.25 1.71
C ILE D 73 -45.59 40.15 0.56
N PHE D 74 -46.86 40.56 0.58
CA PHE D 74 -47.37 41.49 -0.46
C PHE D 74 -46.42 42.69 -0.57
N GLU D 75 -46.17 43.37 0.55
CA GLU D 75 -45.28 44.57 0.55
C GLU D 75 -43.92 44.20 -0.06
N ARG D 76 -43.29 43.13 0.41
CA ARG D 76 -41.94 42.75 -0.07
C ARG D 76 -41.98 42.61 -1.60
N ILE D 77 -42.90 41.80 -2.12
CA ILE D 77 -42.96 41.53 -3.58
C ILE D 77 -43.26 42.84 -4.33
N ALA D 78 -44.30 43.56 -3.94
CA ALA D 78 -44.69 44.80 -4.65
C ALA D 78 -43.53 45.80 -4.62
N GLY D 79 -42.85 45.94 -3.48
CA GLY D 79 -41.73 46.89 -3.35
C GLY D 79 -40.57 46.51 -4.25
N GLU D 80 -40.24 45.23 -4.31
CA GLU D 80 -39.15 44.76 -5.22
C GLU D 80 -39.58 45.00 -6.67
N ALA D 81 -40.83 44.65 -7.02
CA ALA D 81 -41.34 44.86 -8.39
C ALA D 81 -41.26 46.34 -8.75
N SER D 82 -41.58 47.21 -7.78
CA SER D 82 -41.51 48.69 -8.01
C SER D 82 -40.07 49.08 -8.34
N ARG D 83 -39.11 48.59 -7.55
CA ARG D 83 -37.68 48.89 -7.79
C ARG D 83 -37.28 48.40 -9.19
N LEU D 84 -37.63 47.16 -9.54
CA LEU D 84 -37.27 46.59 -10.86
C LEU D 84 -37.78 47.51 -11.98
N ALA D 85 -39.06 47.90 -11.91
CA ALA D 85 -39.64 48.78 -12.94
C ALA D 85 -38.82 50.08 -13.02
N HIS D 86 -38.54 50.71 -11.87
CA HIS D 86 -37.79 51.99 -11.85
C HIS D 86 -36.38 51.79 -12.40
N TYR D 87 -35.70 50.71 -11.99
CA TYR D 87 -34.32 50.43 -12.47
C TYR D 87 -34.32 50.33 -14.00
N ASN D 88 -35.37 49.75 -14.57
CA ASN D 88 -35.41 49.52 -16.05
C ASN D 88 -36.16 50.66 -16.75
N LYS D 89 -36.39 51.78 -16.03
CA LYS D 89 -37.08 52.95 -16.63
C LYS D 89 -38.43 52.53 -17.22
N ARG D 90 -39.20 51.73 -16.48
CA ARG D 90 -40.55 51.32 -16.95
C ARG D 90 -41.58 51.92 -16.00
N SER D 91 -42.78 52.20 -16.51
CA SER D 91 -43.84 52.84 -15.68
C SER D 91 -44.89 51.81 -15.28
N THR D 92 -44.77 50.57 -15.77
CA THR D 92 -45.83 49.56 -15.50
C THR D 92 -45.26 48.36 -14.74
N ILE D 93 -45.96 47.92 -13.68
CA ILE D 93 -45.54 46.67 -12.99
C ILE D 93 -46.36 45.54 -13.63
N THR D 94 -45.69 44.61 -14.32
CA THR D 94 -46.42 43.51 -15.02
C THR D 94 -46.11 42.18 -14.33
N SER D 95 -46.64 41.08 -14.89
CA SER D 95 -46.40 39.74 -14.31
C SER D 95 -44.90 39.41 -14.37
N ARG D 96 -44.18 39.96 -15.34
CA ARG D 96 -42.72 39.72 -15.45
C ARG D 96 -42.02 40.31 -14.22
N GLU D 97 -42.39 41.53 -13.82
CA GLU D 97 -41.76 42.16 -12.62
C GLU D 97 -42.07 41.32 -11.39
N ILE D 98 -43.32 40.85 -11.26
CA ILE D 98 -43.73 40.02 -10.09
C ILE D 98 -42.88 38.75 -10.09
N GLN D 99 -42.77 38.08 -11.24
CA GLN D 99 -42.01 36.81 -11.33
C GLN D 99 -40.56 37.05 -10.87
N THR D 100 -39.91 38.10 -11.39
CA THR D 100 -38.51 38.41 -11.02
C THR D 100 -38.42 38.69 -9.51
N ALA D 101 -39.35 39.48 -8.98
CA ALA D 101 -39.38 39.78 -7.53
C ALA D 101 -39.47 38.47 -6.73
N VAL D 102 -40.35 37.55 -7.16
CA VAL D 102 -40.52 36.24 -6.46
C VAL D 102 -39.19 35.49 -6.46
N ARG D 103 -38.48 35.46 -7.59
CA ARG D 103 -37.18 34.75 -7.67
C ARG D 103 -36.18 35.39 -6.71
N LEU D 104 -36.20 36.71 -6.56
CA LEU D 104 -35.23 37.43 -5.68
C LEU D 104 -35.56 37.22 -4.21
N LEU D 105 -36.86 37.15 -3.86
CA LEU D 105 -37.24 37.10 -2.43
C LEU D 105 -37.43 35.67 -1.91
N LEU D 106 -38.18 34.83 -2.62
CA LEU D 106 -38.49 33.47 -2.10
C LEU D 106 -37.27 32.56 -2.23
N PRO D 107 -36.88 31.84 -1.15
CA PRO D 107 -35.71 30.97 -1.20
C PRO D 107 -35.89 29.56 -1.78
N GLY D 108 -34.96 29.10 -2.61
CA GLY D 108 -34.98 27.72 -3.15
C GLY D 108 -36.25 27.27 -3.82
N GLU D 109 -36.80 26.12 -3.41
CA GLU D 109 -38.00 25.53 -4.06
C GLU D 109 -39.24 26.37 -3.82
N LEU D 110 -39.25 27.19 -2.77
CA LEU D 110 -40.41 28.11 -2.57
C LEU D 110 -40.59 28.93 -3.84
N ALA D 111 -39.50 29.49 -4.37
CA ALA D 111 -39.56 30.31 -5.61
C ALA D 111 -40.03 29.43 -6.78
N LYS D 112 -39.42 28.26 -6.94
CA LYS D 112 -39.77 27.35 -8.08
C LYS D 112 -41.28 27.11 -8.11
N HIS D 113 -41.88 26.72 -6.98
CA HIS D 113 -43.32 26.38 -6.95
C HIS D 113 -44.19 27.64 -7.05
N ALA D 114 -43.78 28.73 -6.41
CA ALA D 114 -44.55 30.00 -6.48
C ALA D 114 -44.64 30.46 -7.94
N VAL D 115 -43.52 30.37 -8.66
CA VAL D 115 -43.48 30.79 -10.09
C VAL D 115 -44.46 29.90 -10.88
N SER D 116 -44.40 28.59 -10.67
CA SER D 116 -45.36 27.67 -11.35
C SER D 116 -46.80 28.12 -11.08
N GLU D 117 -47.14 28.36 -9.80
CA GLU D 117 -48.53 28.77 -9.43
C GLU D 117 -48.91 30.06 -10.16
N GLY D 118 -48.05 31.09 -10.08
CA GLY D 118 -48.34 32.37 -10.75
C GLY D 118 -48.51 32.21 -12.24
N THR D 119 -47.64 31.45 -12.90
CA THR D 119 -47.71 31.26 -14.36
C THR D 119 -49.02 30.54 -14.71
N LYS D 120 -49.36 29.48 -13.98
CA LYS D 120 -50.61 28.72 -14.23
C LYS D 120 -51.80 29.68 -14.12
N ALA D 121 -51.83 30.50 -13.07
CA ALA D 121 -52.98 31.40 -12.84
C ALA D 121 -53.12 32.38 -14.01
N VAL D 122 -52.02 33.01 -14.43
CA VAL D 122 -52.06 33.99 -15.56
C VAL D 122 -52.57 33.27 -16.82
N THR D 123 -52.04 32.08 -17.12
CA THR D 123 -52.48 31.31 -18.31
C THR D 123 -53.99 31.05 -18.24
N LYS D 124 -54.48 30.55 -17.10
CA LYS D 124 -55.93 30.24 -16.95
C LYS D 124 -56.75 31.54 -17.11
N TYR D 125 -56.27 32.64 -16.52
CA TYR D 125 -57.01 33.93 -16.58
C TYR D 125 -57.09 34.42 -18.03
N THR D 126 -56.00 34.31 -18.78
CA THR D 126 -55.98 34.85 -20.17
C THR D 126 -56.93 34.04 -21.05
N SER D 127 -57.18 32.77 -20.69
CA SER D 127 -58.17 31.95 -21.46
C SER D 127 -59.53 32.03 -20.76
N ALA D 128 -59.69 32.93 -19.78
CA ALA D 128 -60.96 33.11 -19.04
C ALA D 128 -61.53 31.75 -18.60
N HIS E 43 -34.72 13.96 49.99
CA HIS E 43 -34.29 13.91 48.57
C HIS E 43 -33.78 15.28 48.13
N ARG E 44 -32.61 15.34 47.51
CA ARG E 44 -32.10 16.63 46.98
C ARG E 44 -31.60 16.44 45.54
N TYR E 45 -32.24 17.12 44.58
CA TYR E 45 -31.78 17.04 43.17
C TYR E 45 -30.42 17.70 43.03
N ARG E 46 -29.52 17.09 42.25
CA ARG E 46 -28.16 17.65 42.04
C ARG E 46 -28.25 18.95 41.26
N PRO E 47 -27.40 20.00 41.55
CA PRO E 47 -27.39 21.24 40.76
C PRO E 47 -27.36 20.94 39.26
N GLY E 48 -28.31 21.50 38.53
CA GLY E 48 -28.38 21.28 37.08
C GLY E 48 -29.63 20.51 36.69
N THR E 49 -30.07 19.57 37.52
CA THR E 49 -31.24 18.71 37.20
C THR E 49 -32.50 19.59 37.08
N VAL E 50 -32.77 20.43 38.08
CA VAL E 50 -34.00 21.28 38.08
C VAL E 50 -33.84 22.36 37.00
N ALA E 51 -32.62 22.83 36.78
CA ALA E 51 -32.35 23.84 35.72
C ALA E 51 -32.76 23.27 34.37
N LEU E 52 -32.35 22.04 34.06
CA LEU E 52 -32.68 21.39 32.76
C LEU E 52 -34.19 21.14 32.69
N ARG E 53 -34.82 20.79 33.83
CA ARG E 53 -36.29 20.58 33.86
C ARG E 53 -36.99 21.90 33.51
N GLU E 54 -36.46 23.02 34.01
CA GLU E 54 -37.06 24.36 33.72
C GLU E 54 -36.86 24.68 32.24
N ILE E 55 -35.68 24.42 31.69
CA ILE E 55 -35.47 24.62 30.23
C ILE E 55 -36.57 23.86 29.47
N ARG E 56 -36.72 22.57 29.76
CA ARG E 56 -37.73 21.74 29.03
C ARG E 56 -39.11 22.38 29.15
N ARG E 57 -39.49 22.84 30.34
CA ARG E 57 -40.84 23.41 30.57
C ARG E 57 -41.02 24.72 29.79
N TYR E 58 -40.05 25.63 29.86
CA TYR E 58 -40.23 26.97 29.22
C TYR E 58 -40.04 26.91 27.70
N GLN E 59 -39.29 25.93 27.19
CA GLN E 59 -39.10 25.78 25.74
C GLN E 59 -40.35 25.13 25.13
N LYS E 60 -41.19 24.52 25.97
CA LYS E 60 -42.44 23.88 25.49
C LYS E 60 -43.59 24.90 25.58
N SER E 61 -43.47 25.89 26.47
CA SER E 61 -44.57 26.87 26.66
C SER E 61 -44.38 28.10 25.78
N THR E 62 -45.44 28.90 25.63
CA THR E 62 -45.38 30.13 24.79
C THR E 62 -45.83 31.35 25.61
N GLU E 63 -46.14 31.15 26.90
CA GLU E 63 -46.66 32.26 27.75
C GLU E 63 -45.58 33.32 28.00
N LEU E 64 -45.99 34.55 28.34
CA LEU E 64 -45.02 35.63 28.65
C LEU E 64 -44.38 35.34 30.01
N LEU E 65 -43.08 35.58 30.15
CA LEU E 65 -42.37 35.21 31.40
C LEU E 65 -42.13 36.42 32.32
N ILE E 66 -42.30 37.64 31.81
CA ILE E 66 -42.19 38.85 32.67
C ILE E 66 -43.58 39.16 33.23
N ARG E 67 -43.67 39.52 34.52
CA ARG E 67 -44.98 39.90 35.10
C ARG E 67 -45.52 41.12 34.34
N LYS E 68 -46.82 41.13 34.01
CA LYS E 68 -47.39 42.20 33.16
C LYS E 68 -47.35 43.57 33.85
N LEU E 69 -47.89 43.67 35.07
CA LEU E 69 -47.97 45.00 35.75
C LEU E 69 -46.59 45.67 35.87
N PRO E 70 -45.53 45.05 36.44
CA PRO E 70 -44.21 45.68 36.49
C PRO E 70 -43.72 46.13 35.10
N PHE E 71 -43.91 45.28 34.09
CA PHE E 71 -43.46 45.64 32.72
C PHE E 71 -44.21 46.90 32.24
N GLN E 72 -45.52 46.96 32.46
CA GLN E 72 -46.31 48.13 32.06
C GLN E 72 -45.73 49.39 32.72
N ARG E 73 -45.41 49.31 34.02
CA ARG E 73 -44.85 50.48 34.75
C ARG E 73 -43.54 50.92 34.07
N LEU E 74 -42.68 49.96 33.73
CA LEU E 74 -41.38 50.29 33.06
C LEU E 74 -41.67 51.01 31.74
N VAL E 75 -42.57 50.45 30.92
CA VAL E 75 -42.91 51.05 29.60
C VAL E 75 -43.35 52.50 29.83
N ARG E 76 -44.27 52.73 30.78
CA ARG E 76 -44.80 54.10 30.99
C ARG E 76 -43.67 55.02 31.49
N GLU E 77 -42.82 54.51 32.39
CA GLU E 77 -41.71 55.32 32.95
C GLU E 77 -40.76 55.71 31.81
N ILE E 78 -40.44 54.78 30.91
CA ILE E 78 -39.51 55.08 29.79
C ILE E 78 -40.15 56.10 28.84
N ALA E 79 -41.44 55.93 28.52
CA ALA E 79 -42.12 56.81 27.55
C ALA E 79 -42.23 58.24 28.08
N GLN E 80 -42.26 58.41 29.41
CA GLN E 80 -42.44 59.75 30.02
C GLN E 80 -41.32 60.70 29.56
N ASP E 81 -40.12 60.17 29.31
CA ASP E 81 -38.96 61.01 28.93
C ASP E 81 -39.12 61.53 27.50
N PHE E 82 -39.99 60.91 26.70
CA PHE E 82 -40.17 61.32 25.28
C PHE E 82 -41.36 62.25 25.17
N LYS E 83 -42.45 61.96 25.87
CA LYS E 83 -43.67 62.80 25.83
C LYS E 83 -44.45 62.62 27.14
N THR E 84 -44.98 63.72 27.68
CA THR E 84 -45.72 63.66 28.97
C THR E 84 -47.18 63.30 28.72
N ASP E 85 -47.91 62.91 29.77
CA ASP E 85 -49.37 62.58 29.66
C ASP E 85 -49.63 61.64 28.48
N LEU E 86 -48.82 60.57 28.36
CA LEU E 86 -49.00 59.61 27.23
C LEU E 86 -49.95 58.50 27.66
N ARG E 87 -50.97 58.22 26.85
CA ARG E 87 -51.84 57.05 27.13
C ARG E 87 -51.31 55.88 26.31
N PHE E 88 -51.74 54.66 26.63
CA PHE E 88 -51.23 53.47 25.90
C PHE E 88 -52.39 52.49 25.67
N GLN E 89 -52.57 52.04 24.43
CA GLN E 89 -53.58 50.99 24.18
C GLN E 89 -53.10 49.73 24.91
N SER E 90 -54.01 48.94 25.47
CA SER E 90 -53.61 47.68 26.15
C SER E 90 -52.77 46.83 25.18
N SER E 91 -53.17 46.75 23.91
CA SER E 91 -52.45 45.94 22.91
C SER E 91 -51.05 46.50 22.63
N ALA E 92 -50.87 47.83 22.75
CA ALA E 92 -49.54 48.45 22.55
C ALA E 92 -48.55 47.88 23.58
N VAL E 93 -48.96 47.86 24.86
CA VAL E 93 -48.08 47.33 25.94
C VAL E 93 -47.82 45.84 25.66
N MET E 94 -48.86 45.11 25.26
CA MET E 94 -48.70 43.65 24.98
C MET E 94 -47.72 43.46 23.81
N ALA E 95 -47.84 44.28 22.76
CA ALA E 95 -46.92 44.18 21.60
C ALA E 95 -45.48 44.42 22.08
N LEU E 96 -45.27 45.46 22.90
CA LEU E 96 -43.92 45.75 23.44
C LEU E 96 -43.41 44.54 24.22
N GLN E 97 -44.26 43.98 25.11
CA GLN E 97 -43.81 42.84 25.96
C GLN E 97 -43.40 41.67 25.06
N GLU E 98 -44.22 41.33 24.06
CA GLU E 98 -43.90 40.17 23.18
C GLU E 98 -42.55 40.40 22.50
N ALA E 99 -42.32 41.58 21.95
CA ALA E 99 -41.06 41.88 21.22
C ALA E 99 -39.87 41.80 22.20
N CYS E 100 -39.99 42.42 23.38
CA CYS E 100 -38.86 42.45 24.34
C CYS E 100 -38.49 41.03 24.76
N GLU E 101 -39.49 40.21 25.09
CA GLU E 101 -39.23 38.82 25.54
C GLU E 101 -38.55 38.05 24.40
N ALA E 102 -39.08 38.17 23.17
CA ALA E 102 -38.47 37.48 22.01
C ALA E 102 -37.01 37.94 21.87
N TYR E 103 -36.77 39.24 21.95
CA TYR E 103 -35.39 39.79 21.80
C TYR E 103 -34.47 39.19 22.87
N LEU E 104 -34.92 39.18 24.13
CA LEU E 104 -34.05 38.70 25.24
C LEU E 104 -33.80 37.19 25.12
N VAL E 105 -34.83 36.41 24.78
CA VAL E 105 -34.65 34.95 24.58
C VAL E 105 -33.63 34.73 23.47
N GLY E 106 -33.79 35.42 22.33
CA GLY E 106 -32.83 35.30 21.22
C GLY E 106 -31.42 35.66 21.66
N LEU E 107 -31.27 36.71 22.47
CA LEU E 107 -29.93 37.15 22.95
C LEU E 107 -29.36 36.08 23.88
N PHE E 108 -30.19 35.53 24.77
CA PHE E 108 -29.72 34.47 25.72
C PHE E 108 -29.24 33.25 24.93
N GLU E 109 -29.86 32.95 23.79
CA GLU E 109 -29.41 31.81 22.95
C GLU E 109 -27.98 32.08 22.47
N ASP E 110 -27.72 33.28 21.93
CA ASP E 110 -26.38 33.62 21.40
C ASP E 110 -25.38 33.72 22.55
N THR E 111 -25.80 34.29 23.69
CA THR E 111 -24.92 34.40 24.87
C THR E 111 -24.47 32.98 25.30
N ASN E 112 -25.41 32.03 25.30
CA ASN E 112 -25.09 30.63 25.67
C ASN E 112 -23.99 30.09 24.75
N LEU E 113 -24.15 30.29 23.43
CA LEU E 113 -23.14 29.81 22.45
C LEU E 113 -21.77 30.40 22.78
N CYS E 114 -21.71 31.69 23.13
CA CYS E 114 -20.43 32.33 23.51
C CYS E 114 -19.82 31.64 24.74
N ALA E 115 -20.64 31.38 25.77
CA ALA E 115 -20.15 30.70 26.99
C ALA E 115 -19.57 29.33 26.63
N ILE E 116 -20.34 28.51 25.89
CA ILE E 116 -19.89 27.16 25.48
C ILE E 116 -18.57 27.29 24.70
N HIS E 117 -18.47 28.32 23.84
CA HIS E 117 -17.24 28.55 23.05
C HIS E 117 -16.04 28.75 23.99
N ALA E 118 -16.24 29.39 25.14
CA ALA E 118 -15.14 29.61 26.12
C ALA E 118 -15.06 28.41 27.08
N LYS E 119 -15.60 27.26 26.69
CA LYS E 119 -15.54 26.02 27.52
C LYS E 119 -16.24 26.21 28.87
N ARG E 120 -17.25 27.07 28.93
CA ARG E 120 -18.00 27.29 30.20
C ARG E 120 -19.45 26.83 30.00
N VAL E 121 -20.15 26.52 31.09
CA VAL E 121 -21.60 26.19 31.01
C VAL E 121 -22.37 27.32 31.67
N THR E 122 -21.64 28.32 32.19
CA THR E 122 -22.26 29.47 32.89
C THR E 122 -22.19 30.71 31.99
N ILE E 123 -23.32 31.40 31.81
CA ILE E 123 -23.30 32.67 31.01
C ILE E 123 -22.78 33.81 31.91
N MET E 124 -21.94 34.69 31.35
CA MET E 124 -21.38 35.82 32.11
C MET E 124 -21.59 37.10 31.29
N PRO E 125 -21.50 38.32 31.88
CA PRO E 125 -21.64 39.56 31.10
C PRO E 125 -20.77 39.63 29.84
N LYS E 126 -19.55 39.08 29.88
CA LYS E 126 -18.64 39.10 28.71
C LYS E 126 -19.29 38.35 27.53
N ASP E 127 -20.08 37.31 27.81
CA ASP E 127 -20.78 36.55 26.75
C ASP E 127 -21.87 37.43 26.14
N ILE E 128 -22.67 38.10 26.99
CA ILE E 128 -23.72 39.04 26.47
C ILE E 128 -23.02 40.10 25.63
N GLN E 129 -21.92 40.66 26.13
CA GLN E 129 -21.21 41.76 25.41
C GLN E 129 -20.75 41.28 24.03
N LEU E 130 -20.11 40.11 23.97
CA LEU E 130 -19.62 39.57 22.67
C LEU E 130 -20.80 39.39 21.71
N ALA E 131 -21.86 38.68 22.15
CA ALA E 131 -23.03 38.43 21.28
C ALA E 131 -23.52 39.76 20.67
N ARG E 132 -23.72 40.77 21.51
CA ARG E 132 -24.26 42.08 21.02
C ARG E 132 -23.27 42.72 20.05
N ARG E 133 -21.98 42.71 20.39
CA ARG E 133 -20.94 43.30 19.50
C ARG E 133 -21.00 42.64 18.12
N ILE E 134 -21.02 41.29 18.08
CA ILE E 134 -21.02 40.56 16.78
C ILE E 134 -22.34 40.85 16.05
N ARG E 135 -23.44 40.96 16.79
CA ARG E 135 -24.77 41.22 16.17
C ARG E 135 -24.81 42.64 15.60
N GLY E 136 -23.86 43.50 16.01
CA GLY E 136 -23.84 44.89 15.54
C GLY E 136 -24.50 45.84 16.52
N GLU E 137 -25.09 45.32 17.59
CA GLU E 137 -25.82 46.16 18.57
C GLU E 137 -24.85 47.13 19.25
N ASN F 29 -38.47 51.20 38.53
CA ASN F 29 -39.40 50.30 37.81
C ASN F 29 -38.60 49.19 37.11
N ILE F 30 -37.32 49.45 36.81
CA ILE F 30 -36.46 48.45 36.12
C ILE F 30 -36.24 47.25 37.05
N GLN F 31 -36.33 47.46 38.36
CA GLN F 31 -36.14 46.35 39.33
C GLN F 31 -37.36 45.41 39.28
N GLY F 32 -38.49 45.87 38.71
CA GLY F 32 -39.66 45.00 38.54
C GLY F 32 -39.31 43.83 37.64
N ILE F 33 -38.28 43.98 36.79
CA ILE F 33 -37.79 42.82 35.99
C ILE F 33 -36.96 42.01 36.98
N THR F 34 -37.61 41.10 37.72
CA THR F 34 -36.93 40.37 38.81
C THR F 34 -35.92 39.33 38.32
N LYS F 35 -35.07 38.84 39.23
CA LYS F 35 -34.10 37.78 38.88
C LYS F 35 -34.85 36.53 38.38
N PRO F 36 -35.90 36.00 39.06
CA PRO F 36 -36.68 34.87 38.54
C PRO F 36 -37.20 35.07 37.10
N ALA F 37 -37.70 36.27 36.78
CA ALA F 37 -38.16 36.56 35.40
C ALA F 37 -37.00 36.42 34.42
N ILE F 38 -35.86 37.07 34.72
CA ILE F 38 -34.66 36.98 33.84
C ILE F 38 -34.24 35.51 33.72
N ARG F 39 -34.28 34.76 34.82
CA ARG F 39 -33.93 33.32 34.79
C ARG F 39 -34.86 32.58 33.83
N ARG F 40 -36.17 32.84 33.91
CA ARG F 40 -37.14 32.19 33.00
C ARG F 40 -36.79 32.49 31.53
N LEU F 41 -36.49 33.76 31.22
CA LEU F 41 -36.09 34.13 29.84
C LEU F 41 -34.85 33.34 29.44
N ALA F 42 -33.87 33.22 30.34
CA ALA F 42 -32.64 32.47 30.04
C ALA F 42 -32.96 30.98 29.83
N ARG F 43 -33.90 30.44 30.60
CA ARG F 43 -34.28 29.00 30.49
C ARG F 43 -34.88 28.76 29.10
N ARG F 44 -35.77 29.65 28.65
CA ARG F 44 -36.34 29.52 27.28
C ARG F 44 -35.20 29.63 26.27
N GLY F 45 -34.16 30.41 26.58
CA GLY F 45 -33.00 30.53 25.68
C GLY F 45 -32.06 29.33 25.78
N GLY F 46 -32.40 28.35 26.63
CA GLY F 46 -31.59 27.12 26.74
C GLY F 46 -30.39 27.28 27.66
N VAL F 47 -30.43 28.25 28.57
CA VAL F 47 -29.27 28.52 29.48
C VAL F 47 -29.41 27.66 30.74
N LYS F 48 -28.33 26.96 31.13
CA LYS F 48 -28.38 26.05 32.30
C LYS F 48 -27.83 26.74 33.54
N ARG F 49 -26.74 27.51 33.41
CA ARG F 49 -26.12 28.16 34.59
C ARG F 49 -25.99 29.67 34.34
N ILE F 50 -26.24 30.50 35.37
CA ILE F 50 -26.25 31.97 35.17
C ILE F 50 -25.37 32.64 36.24
N SER F 51 -24.48 33.55 35.84
CA SER F 51 -23.64 34.30 36.81
C SER F 51 -24.50 35.35 37.51
N GLY F 52 -24.10 35.78 38.71
CA GLY F 52 -24.89 36.76 39.48
C GLY F 52 -24.89 38.15 38.87
N LEU F 53 -23.92 38.44 37.98
CA LEU F 53 -23.80 39.80 37.40
C LEU F 53 -24.66 39.91 36.12
N ILE F 54 -25.26 38.80 35.69
CA ILE F 54 -26.06 38.78 34.44
C ILE F 54 -27.35 39.59 34.62
N TYR F 55 -27.95 39.54 35.81
CA TYR F 55 -29.26 40.21 36.05
C TYR F 55 -29.17 41.71 35.77
N GLU F 56 -28.14 42.37 36.31
CA GLU F 56 -27.97 43.83 36.09
C GLU F 56 -27.65 44.09 34.62
N GLU F 57 -26.80 43.25 34.01
CA GLU F 57 -26.45 43.41 32.58
C GLU F 57 -27.73 43.30 31.73
N THR F 58 -28.56 42.29 31.98
CA THR F 58 -29.80 42.08 31.20
C THR F 58 -30.72 43.30 31.36
N ARG F 59 -30.89 43.79 32.59
CA ARG F 59 -31.75 44.97 32.84
C ARG F 59 -31.27 46.13 31.95
N GLY F 60 -29.96 46.38 31.91
CA GLY F 60 -29.40 47.47 31.07
C GLY F 60 -29.72 47.25 29.60
N VAL F 61 -29.50 46.03 29.10
CA VAL F 61 -29.77 45.71 27.67
C VAL F 61 -31.25 45.93 27.37
N LEU F 62 -32.15 45.42 28.22
CA LEU F 62 -33.61 45.57 27.99
C LEU F 62 -33.97 47.06 27.95
N LYS F 63 -33.41 47.85 28.87
CA LYS F 63 -33.71 49.30 28.93
C LYS F 63 -33.36 49.95 27.58
N VAL F 64 -32.15 49.66 27.07
CA VAL F 64 -31.71 50.25 25.77
C VAL F 64 -32.72 49.84 24.68
N PHE F 65 -33.00 48.54 24.56
CA PHE F 65 -33.96 48.05 23.54
C PHE F 65 -35.29 48.79 23.67
N LEU F 66 -35.88 48.79 24.86
CA LEU F 66 -37.20 49.43 25.07
C LEU F 66 -37.13 50.90 24.67
N GLU F 67 -36.13 51.64 25.16
CA GLU F 67 -35.98 53.08 24.84
C GLU F 67 -36.02 53.27 23.32
N ASN F 68 -35.24 52.48 22.58
CA ASN F 68 -35.17 52.62 21.09
C ASN F 68 -36.57 52.43 20.49
N VAL F 69 -37.25 51.34 20.85
CA VAL F 69 -38.58 51.06 20.24
C VAL F 69 -39.58 52.14 20.68
N ILE F 70 -39.63 52.45 21.97
CA ILE F 70 -40.65 53.43 22.48
C ILE F 70 -40.41 54.79 21.82
N ARG F 71 -39.16 55.24 21.74
CA ARG F 71 -38.83 56.53 21.07
C ARG F 71 -39.52 56.60 19.71
N ASP F 72 -39.30 55.60 18.85
CA ASP F 72 -39.88 55.60 17.48
C ASP F 72 -41.41 55.52 17.55
N ALA F 73 -41.95 54.67 18.42
CA ALA F 73 -43.41 54.52 18.54
C ALA F 73 -44.05 55.86 18.92
N VAL F 74 -43.42 56.59 19.84
CA VAL F 74 -43.94 57.92 20.28
C VAL F 74 -43.83 58.90 19.10
N THR F 75 -42.74 58.83 18.33
CA THR F 75 -42.59 59.70 17.14
C THR F 75 -43.80 59.50 16.21
N TYR F 76 -44.16 58.24 15.93
CA TYR F 76 -45.35 57.94 15.08
C TYR F 76 -46.60 58.54 15.72
N THR F 77 -46.77 58.36 17.03
CA THR F 77 -47.94 58.90 17.76
C THR F 77 -48.03 60.42 17.57
N GLU F 78 -46.91 61.13 17.80
CA GLU F 78 -46.88 62.61 17.69
C GLU F 78 -47.20 63.03 16.25
N HIS F 79 -46.70 62.29 15.27
CA HIS F 79 -46.96 62.61 13.84
C HIS F 79 -48.46 62.47 13.55
N ALA F 80 -49.12 61.50 14.19
CA ALA F 80 -50.57 61.31 14.00
C ALA F 80 -51.36 62.31 14.85
N LYS F 81 -50.66 63.17 15.60
CA LYS F 81 -51.31 64.17 16.49
C LYS F 81 -52.18 63.45 17.52
N ARG F 82 -51.77 62.24 17.92
CA ARG F 82 -52.55 61.46 18.92
C ARG F 82 -51.90 61.61 20.30
N LYS F 83 -52.64 61.30 21.37
CA LYS F 83 -52.08 61.33 22.74
C LYS F 83 -51.98 59.89 23.24
N THR F 84 -52.34 58.92 22.40
CA THR F 84 -52.34 57.50 22.82
C THR F 84 -51.46 56.68 21.88
N VAL F 85 -50.42 56.02 22.43
CA VAL F 85 -49.57 55.12 21.60
C VAL F 85 -50.41 53.90 21.23
N THR F 86 -50.56 53.61 19.93
CA THR F 86 -51.38 52.45 19.48
C THR F 86 -50.49 51.24 19.23
N ALA F 87 -51.09 50.05 19.13
CA ALA F 87 -50.30 48.83 18.81
C ALA F 87 -49.64 49.03 17.44
N MET F 88 -50.33 49.70 16.51
CA MET F 88 -49.77 49.96 15.17
C MET F 88 -48.47 50.76 15.29
N ASP F 89 -48.46 51.82 16.12
CA ASP F 89 -47.22 52.62 16.33
C ASP F 89 -46.08 51.69 16.73
N VAL F 90 -46.32 50.80 17.68
CA VAL F 90 -45.27 49.83 18.14
C VAL F 90 -44.87 48.94 16.96
N VAL F 91 -45.84 48.36 16.25
CA VAL F 91 -45.55 47.45 15.10
C VAL F 91 -44.65 48.19 14.10
N TYR F 92 -45.00 49.43 13.75
CA TYR F 92 -44.20 50.22 12.76
C TYR F 92 -42.78 50.40 13.30
N ALA F 93 -42.66 50.80 14.57
CA ALA F 93 -41.33 51.02 15.19
C ALA F 93 -40.49 49.75 15.10
N LEU F 94 -41.08 48.61 15.47
CA LEU F 94 -40.35 47.30 15.42
C LEU F 94 -39.94 47.02 13.98
N LYS F 95 -40.87 47.23 13.05
CA LYS F 95 -40.60 46.92 11.62
C LYS F 95 -39.39 47.72 11.15
N ARG F 96 -39.32 49.01 11.47
CA ARG F 96 -38.21 49.85 10.95
C ARG F 96 -36.88 49.53 11.65
N GLN F 97 -36.93 48.91 12.83
CA GLN F 97 -35.68 48.48 13.51
C GLN F 97 -35.36 47.03 13.15
N GLY F 98 -36.01 46.50 12.11
CA GLY F 98 -35.71 45.12 11.64
C GLY F 98 -36.17 44.03 12.60
N ARG F 99 -37.21 44.30 13.40
CA ARG F 99 -37.75 43.27 14.34
C ARG F 99 -39.25 43.11 14.07
N THR F 100 -39.62 42.79 12.83
CA THR F 100 -41.05 42.67 12.43
C THR F 100 -41.81 41.76 13.40
N LEU F 101 -42.96 42.23 13.86
CA LEU F 101 -43.79 41.44 14.81
C LEU F 101 -45.09 41.05 14.10
N TYR F 102 -45.44 39.76 14.11
CA TYR F 102 -46.74 39.32 13.52
C TYR F 102 -47.75 39.12 14.66
N GLY F 103 -49.03 39.46 14.43
CA GLY F 103 -50.06 39.18 15.44
C GLY F 103 -50.75 40.41 16.01
N PHE F 104 -50.25 41.61 15.69
CA PHE F 104 -50.84 42.84 16.31
C PHE F 104 -51.28 43.81 15.23
N GLY F 105 -51.81 43.29 14.11
CA GLY F 105 -52.31 44.16 13.02
C GLY F 105 -51.25 44.45 11.99
N GLY F 106 -50.31 43.51 11.80
CA GLY F 106 -49.19 43.72 10.85
C GLY F 106 -47.90 43.31 11.52
N ALA G 18 -36.31 84.89 -13.79
CA ALA G 18 -36.43 83.57 -13.15
C ALA G 18 -35.58 83.46 -11.87
N LYS G 19 -36.22 83.16 -10.74
CA LYS G 19 -35.49 82.97 -9.47
C LYS G 19 -35.64 81.49 -9.03
N THR G 20 -34.51 80.79 -8.90
CA THR G 20 -34.57 79.34 -8.56
C THR G 20 -35.12 79.16 -7.14
N ARG G 21 -35.82 78.06 -6.90
CA ARG G 21 -36.35 77.78 -5.54
C ARG G 21 -35.17 77.58 -4.58
N SER G 22 -34.04 77.09 -5.08
CA SER G 22 -32.83 76.91 -4.22
C SER G 22 -32.38 78.27 -3.68
N SER G 23 -32.30 79.29 -4.55
CA SER G 23 -31.86 80.64 -4.12
C SER G 23 -32.88 81.25 -3.16
N ARG G 24 -34.17 80.97 -3.38
CA ARG G 24 -35.23 81.47 -2.46
C ARG G 24 -35.05 80.84 -1.08
N ALA G 25 -34.57 79.59 -1.03
CA ALA G 25 -34.40 78.89 0.26
C ALA G 25 -32.98 79.11 0.79
N GLY G 26 -32.13 79.82 0.04
CA GLY G 26 -30.73 80.03 0.45
C GLY G 26 -29.96 78.72 0.48
N LEU G 27 -30.14 77.87 -0.54
CA LEU G 27 -29.48 76.53 -0.53
C LEU G 27 -28.60 76.36 -1.77
N GLN G 28 -27.61 75.47 -1.69
CA GLN G 28 -26.76 75.15 -2.86
C GLN G 28 -27.35 73.92 -3.55
N PHE G 29 -28.08 73.10 -2.79
CA PHE G 29 -28.70 71.86 -3.34
C PHE G 29 -29.92 72.21 -4.20
N PRO G 30 -30.24 71.44 -5.27
CA PRO G 30 -31.32 71.79 -6.19
C PRO G 30 -32.74 71.44 -5.70
N VAL G 31 -33.53 72.44 -5.31
CA VAL G 31 -34.91 72.19 -4.81
C VAL G 31 -35.76 71.67 -5.98
N GLY G 32 -35.64 72.31 -7.16
CA GLY G 32 -36.44 71.90 -8.33
C GLY G 32 -36.20 70.45 -8.72
N ARG G 33 -34.93 70.02 -8.77
CA ARG G 33 -34.60 68.62 -9.10
C ARG G 33 -35.15 67.69 -8.01
N VAL G 34 -34.93 68.04 -6.74
CA VAL G 34 -35.43 67.20 -5.61
C VAL G 34 -36.95 67.06 -5.73
N HIS G 35 -37.66 68.15 -6.06
CA HIS G 35 -39.13 68.10 -6.24
C HIS G 35 -39.49 67.07 -7.33
N ARG G 36 -38.82 67.15 -8.48
CA ARG G 36 -39.10 66.23 -9.61
C ARG G 36 -38.84 64.79 -9.16
N LEU G 37 -37.73 64.56 -8.47
CA LEU G 37 -37.36 63.18 -8.04
C LEU G 37 -38.42 62.65 -7.05
N LEU G 38 -38.97 63.51 -6.20
CA LEU G 38 -40.04 63.08 -5.28
C LEU G 38 -41.30 62.76 -6.09
N ARG G 39 -41.65 63.64 -7.04
CA ARG G 39 -42.90 63.45 -7.83
C ARG G 39 -42.80 62.20 -8.71
N LYS G 40 -41.62 61.86 -9.22
CA LYS G 40 -41.50 60.72 -10.16
C LYS G 40 -40.91 59.49 -9.45
N GLY G 41 -40.83 59.51 -8.12
CA GLY G 41 -40.21 58.39 -7.38
C GLY G 41 -41.23 57.44 -6.80
N ASN G 42 -42.51 57.61 -7.16
CA ASN G 42 -43.60 56.73 -6.64
C ASN G 42 -43.56 56.73 -5.11
N TYR G 43 -43.58 57.92 -4.50
CA TYR G 43 -43.59 58.02 -3.02
C TYR G 43 -45.01 58.36 -2.57
N SER G 44 -45.66 59.30 -3.25
CA SER G 44 -47.05 59.69 -2.89
C SER G 44 -47.77 60.23 -4.13
N GLU G 45 -49.08 60.47 -4.00
CA GLU G 45 -49.85 61.06 -5.12
C GLU G 45 -49.45 62.52 -5.28
N ARG G 46 -49.33 63.25 -4.17
CA ARG G 46 -49.02 64.70 -4.24
C ARG G 46 -47.79 65.03 -3.38
N VAL G 47 -47.09 66.12 -3.72
CA VAL G 47 -45.89 66.56 -2.93
C VAL G 47 -46.06 68.03 -2.57
N GLY G 48 -46.00 68.35 -1.27
CA GLY G 48 -46.14 69.76 -0.82
C GLY G 48 -45.00 70.64 -1.32
N ALA G 49 -45.20 71.96 -1.32
CA ALA G 49 -44.18 72.89 -1.85
C ALA G 49 -42.97 72.95 -0.90
N GLY G 50 -43.18 72.73 0.40
CA GLY G 50 -42.08 72.82 1.38
C GLY G 50 -41.27 71.54 1.47
N ALA G 51 -41.84 70.40 1.06
CA ALA G 51 -41.15 69.10 1.18
C ALA G 51 -39.78 69.09 0.45
N PRO G 52 -39.69 69.43 -0.86
CA PRO G 52 -38.38 69.47 -1.54
C PRO G 52 -37.40 70.45 -0.87
N VAL G 53 -37.91 71.61 -0.42
CA VAL G 53 -37.04 72.61 0.25
C VAL G 53 -36.44 71.96 1.51
N TYR G 54 -37.30 71.36 2.35
CA TYR G 54 -36.83 70.71 3.60
C TYR G 54 -35.83 69.60 3.25
N LEU G 55 -36.19 68.71 2.32
CA LEU G 55 -35.32 67.56 1.97
C LEU G 55 -33.97 68.08 1.46
N ALA G 56 -33.98 69.06 0.53
CA ALA G 56 -32.73 69.60 -0.04
C ALA G 56 -31.83 70.14 1.08
N ALA G 57 -32.40 70.88 2.03
CA ALA G 57 -31.61 71.46 3.15
C ALA G 57 -30.96 70.34 3.97
N VAL G 58 -31.72 69.28 4.25
CA VAL G 58 -31.19 68.14 5.06
C VAL G 58 -30.04 67.48 4.30
N LEU G 59 -30.23 67.16 3.01
CA LEU G 59 -29.16 66.56 2.19
C LEU G 59 -27.93 67.47 2.23
N GLU G 60 -28.13 68.78 2.03
CA GLU G 60 -27.01 69.75 2.04
C GLU G 60 -26.29 69.70 3.39
N TYR G 61 -27.05 69.72 4.50
CA TYR G 61 -26.43 69.71 5.85
C TYR G 61 -25.56 68.48 6.00
N LEU G 62 -26.08 67.31 5.63
CA LEU G 62 -25.32 66.03 5.80
C LEU G 62 -24.05 66.06 4.96
N THR G 63 -24.15 66.52 3.71
CA THR G 63 -22.96 66.59 2.82
C THR G 63 -21.92 67.52 3.45
N ALA G 64 -22.35 68.71 3.90
CA ALA G 64 -21.42 69.67 4.53
C ALA G 64 -20.70 69.00 5.71
N GLU G 65 -21.45 68.32 6.59
CA GLU G 65 -20.85 67.66 7.77
C GLU G 65 -19.75 66.70 7.33
N ILE G 66 -20.09 65.75 6.44
CA ILE G 66 -19.10 64.73 5.98
C ILE G 66 -17.91 65.45 5.32
N LEU G 67 -18.17 66.38 4.40
CA LEU G 67 -17.07 67.06 3.65
C LEU G 67 -16.15 67.81 4.62
N GLU G 68 -16.72 68.51 5.60
CA GLU G 68 -15.90 69.26 6.60
C GLU G 68 -14.99 68.28 7.33
N LEU G 69 -15.56 67.15 7.80
CA LEU G 69 -14.76 66.15 8.55
C LEU G 69 -13.75 65.48 7.61
N ALA G 70 -14.12 65.27 6.35
CA ALA G 70 -13.21 64.61 5.37
C ALA G 70 -12.07 65.56 5.02
N GLY G 71 -12.36 66.85 4.83
CA GLY G 71 -11.32 67.85 4.53
C GLY G 71 -10.32 67.93 5.67
N ASN G 72 -10.81 67.86 6.91
CA ASN G 72 -9.91 67.86 8.10
C ASN G 72 -8.98 66.65 8.03
N ALA G 73 -9.54 65.47 7.73
CA ALA G 73 -8.74 64.23 7.61
C ALA G 73 -7.70 64.40 6.49
N ALA G 74 -8.10 65.01 5.37
CA ALA G 74 -7.14 65.25 4.25
C ALA G 74 -6.00 66.14 4.75
N ARG G 75 -6.32 67.23 5.44
CA ARG G 75 -5.28 68.18 5.94
C ARG G 75 -4.37 67.45 6.92
N ASP G 76 -4.93 66.57 7.76
CA ASP G 76 -4.12 65.79 8.73
C ASP G 76 -3.17 64.84 7.97
N ASN G 77 -3.55 64.43 6.76
CA ASN G 77 -2.69 63.54 5.93
C ASN G 77 -1.85 64.38 4.97
N LYS G 78 -1.75 65.70 5.23
CA LYS G 78 -0.97 66.61 4.37
C LYS G 78 -1.44 66.52 2.92
N LYS G 79 -2.74 66.28 2.70
CA LYS G 79 -3.31 66.20 1.33
C LYS G 79 -4.23 67.41 1.07
N THR G 80 -4.35 67.83 -0.18
CA THR G 80 -5.21 68.99 -0.54
C THR G 80 -6.46 68.49 -1.28
N ARG G 81 -6.54 67.19 -1.55
CA ARG G 81 -7.73 66.62 -2.22
C ARG G 81 -8.33 65.50 -1.36
N ILE G 82 -9.66 65.48 -1.24
CA ILE G 82 -10.34 64.42 -0.45
C ILE G 82 -10.39 63.13 -1.28
N ILE G 83 -10.02 62.00 -0.68
CA ILE G 83 -10.11 60.67 -1.38
C ILE G 83 -11.04 59.79 -0.55
N PRO G 84 -11.52 58.63 -1.05
CA PRO G 84 -12.37 57.73 -0.27
C PRO G 84 -11.83 57.41 1.14
N ARG G 85 -10.50 57.28 1.28
CA ARG G 85 -9.88 57.02 2.60
C ARG G 85 -10.33 58.11 3.58
N HIS G 86 -10.22 59.38 3.19
CA HIS G 86 -10.58 60.50 4.09
C HIS G 86 -12.07 60.42 4.48
N LEU G 87 -12.93 60.06 3.52
CA LEU G 87 -14.39 59.93 3.81
C LEU G 87 -14.59 58.80 4.83
N GLN G 88 -13.93 57.66 4.62
CA GLN G 88 -14.05 56.51 5.56
C GLN G 88 -13.58 56.95 6.96
N LEU G 89 -12.44 57.63 7.02
CA LEU G 89 -11.90 58.11 8.33
C LEU G 89 -12.95 59.00 9.00
N ALA G 90 -13.52 59.96 8.27
CA ALA G 90 -14.51 60.90 8.84
C ALA G 90 -15.73 60.14 9.35
N ILE G 91 -16.23 59.17 8.58
CA ILE G 91 -17.50 58.47 8.97
C ILE G 91 -17.25 57.52 10.16
N ARG G 92 -16.19 56.72 10.11
CA ARG G 92 -15.98 55.69 11.16
C ARG G 92 -15.51 56.32 12.48
N ASN G 93 -14.93 57.52 12.43
CA ASN G 93 -14.41 58.18 13.66
C ASN G 93 -15.52 59.01 14.32
N ASP G 94 -16.72 59.04 13.72
CA ASP G 94 -17.87 59.78 14.30
C ASP G 94 -18.98 58.79 14.66
N GLU G 95 -19.31 58.65 15.95
CA GLU G 95 -20.32 57.64 16.39
C GLU G 95 -21.62 57.80 15.60
N GLU G 96 -22.12 59.03 15.43
CA GLU G 96 -23.43 59.25 14.76
C GLU G 96 -23.36 58.92 13.27
N LEU G 97 -22.32 59.40 12.58
CA LEU G 97 -22.16 59.12 11.12
C LEU G 97 -21.94 57.61 10.93
N ASN G 98 -21.17 56.98 11.84
CA ASN G 98 -20.91 55.52 11.75
C ASN G 98 -22.24 54.79 11.88
N LYS G 99 -23.09 55.20 12.82
CA LYS G 99 -24.42 54.55 13.02
C LYS G 99 -25.26 54.74 11.76
N LEU G 100 -25.34 55.96 11.24
CA LEU G 100 -26.13 56.25 10.02
C LEU G 100 -25.64 55.36 8.87
N LEU G 101 -24.32 55.23 8.71
CA LEU G 101 -23.76 54.46 7.57
C LEU G 101 -23.23 53.11 8.05
N GLY G 102 -23.94 52.46 8.99
CA GLY G 102 -23.48 51.18 9.56
C GLY G 102 -23.38 50.08 8.51
N ARG G 103 -24.44 49.87 7.73
CA ARG G 103 -24.46 48.78 6.72
C ARG G 103 -23.98 49.30 5.37
N VAL G 104 -22.99 50.21 5.37
CA VAL G 104 -22.52 50.83 4.10
C VAL G 104 -21.02 50.51 3.92
N THR G 105 -20.63 50.13 2.70
CA THR G 105 -19.19 49.87 2.41
C THR G 105 -18.65 51.00 1.52
N ILE G 106 -17.62 51.71 1.99
CA ILE G 106 -16.98 52.76 1.14
C ILE G 106 -15.90 52.07 0.31
N ALA G 107 -16.06 52.05 -1.01
CA ALA G 107 -15.04 51.44 -1.90
C ALA G 107 -13.70 52.17 -1.71
N GLN G 108 -12.59 51.41 -1.65
CA GLN G 108 -11.23 51.99 -1.47
C GLN G 108 -11.19 52.88 -0.22
N GLY G 109 -11.97 52.52 0.80
CA GLY G 109 -11.96 53.30 2.06
C GLY G 109 -11.03 52.68 3.09
N GLY G 110 -10.79 51.38 3.01
CA GLY G 110 -9.94 50.68 4.01
C GLY G 110 -10.63 50.56 5.35
N VAL G 111 -9.87 50.37 6.43
CA VAL G 111 -10.46 50.18 7.79
C VAL G 111 -9.74 51.10 8.77
N LEU G 112 -10.25 51.21 10.00
CA LEU G 112 -9.56 52.00 11.04
C LEU G 112 -8.42 51.18 11.62
N PRO G 113 -7.21 51.75 11.81
CA PRO G 113 -6.12 51.02 12.46
C PRO G 113 -6.55 50.61 13.88
N ASN G 114 -6.73 49.31 14.11
CA ASN G 114 -7.22 48.81 15.43
C ASN G 114 -6.59 47.44 15.73
N ILE G 115 -5.75 47.36 16.76
CA ILE G 115 -5.16 46.04 17.16
C ILE G 115 -5.61 45.74 18.60
N SER H 40 -26.24 64.16 -11.87
CA SER H 40 -25.57 63.78 -10.60
C SER H 40 -25.52 65.00 -9.69
N TYR H 41 -25.13 64.82 -8.43
CA TYR H 41 -25.07 65.93 -7.45
C TYR H 41 -23.65 66.51 -7.39
N SER H 42 -22.79 66.14 -8.35
CA SER H 42 -21.37 66.57 -8.30
C SER H 42 -21.23 68.10 -8.13
N ILE H 43 -21.90 68.87 -8.97
CA ILE H 43 -21.78 70.37 -8.92
C ILE H 43 -22.13 70.87 -7.52
N TYR H 44 -23.22 70.37 -6.93
CA TYR H 44 -23.69 70.85 -5.60
C TYR H 44 -22.72 70.41 -4.50
N VAL H 45 -22.21 69.19 -4.57
CA VAL H 45 -21.21 68.70 -3.57
C VAL H 45 -19.98 69.63 -3.62
N TYR H 46 -19.53 69.97 -4.83
CA TYR H 46 -18.36 70.86 -5.00
C TYR H 46 -18.67 72.25 -4.41
N LYS H 47 -19.84 72.80 -4.72
CA LYS H 47 -20.24 74.12 -4.17
C LYS H 47 -20.14 74.08 -2.64
N VAL H 48 -20.72 73.05 -2.03
CA VAL H 48 -20.72 72.92 -0.54
C VAL H 48 -19.28 72.76 -0.04
N LEU H 49 -18.48 71.95 -0.73
CA LEU H 49 -17.05 71.74 -0.32
C LEU H 49 -16.33 73.09 -0.31
N LYS H 50 -16.54 73.93 -1.34
CA LYS H 50 -15.82 75.23 -1.43
C LYS H 50 -16.27 76.15 -0.28
N GLN H 51 -17.47 75.95 0.25
CA GLN H 51 -17.95 76.77 1.40
C GLN H 51 -17.27 76.30 2.69
N VAL H 52 -17.17 74.98 2.91
CA VAL H 52 -16.62 74.47 4.20
C VAL H 52 -15.09 74.38 4.13
N HIS H 53 -14.54 74.20 2.94
CA HIS H 53 -13.06 74.07 2.76
C HIS H 53 -12.66 74.72 1.44
N PRO H 54 -12.48 76.05 1.37
CA PRO H 54 -12.19 76.74 0.10
C PRO H 54 -10.95 76.25 -0.65
N ASP H 55 -9.94 75.72 0.06
CA ASP H 55 -8.68 75.32 -0.62
C ASP H 55 -8.61 73.80 -0.78
N THR H 56 -9.72 73.09 -0.55
CA THR H 56 -9.69 71.60 -0.60
C THR H 56 -10.46 71.12 -1.84
N GLY H 57 -9.83 70.22 -2.63
CA GLY H 57 -10.52 69.64 -3.78
C GLY H 57 -11.05 68.25 -3.47
N ILE H 58 -11.39 67.48 -4.50
CA ILE H 58 -11.98 66.12 -4.27
C ILE H 58 -11.68 65.24 -5.49
N SER H 59 -11.35 63.96 -5.25
CA SER H 59 -11.06 63.02 -6.36
C SER H 59 -12.38 62.53 -6.98
N SER H 60 -12.32 62.00 -8.21
CA SER H 60 -13.53 61.46 -8.88
C SER H 60 -14.10 60.30 -8.06
N LYS H 61 -13.23 59.43 -7.52
CA LYS H 61 -13.69 58.28 -6.70
C LYS H 61 -14.46 58.83 -5.49
N ALA H 62 -13.88 59.81 -4.79
CA ALA H 62 -14.54 60.40 -3.60
C ALA H 62 -15.86 61.06 -4.01
N MET H 63 -15.89 61.70 -5.18
CA MET H 63 -17.13 62.33 -5.69
C MET H 63 -18.20 61.25 -5.88
N GLY H 64 -17.82 60.10 -6.46
CA GLY H 64 -18.77 58.98 -6.64
C GLY H 64 -19.34 58.52 -5.30
N ILE H 65 -18.49 58.44 -4.27
CA ILE H 65 -18.98 58.06 -2.91
C ILE H 65 -20.04 59.08 -2.47
N MET H 66 -19.73 60.37 -2.61
CA MET H 66 -20.67 61.44 -2.17
C MET H 66 -21.99 61.33 -2.94
N ASN H 67 -21.92 61.10 -4.25
CA ASN H 67 -23.16 60.95 -5.06
C ASN H 67 -23.97 59.76 -4.53
N SER H 68 -23.32 58.61 -4.32
CA SER H 68 -24.02 57.43 -3.75
C SER H 68 -24.64 57.80 -2.40
N PHE H 69 -23.91 58.52 -1.56
CA PHE H 69 -24.41 58.91 -0.20
C PHE H 69 -25.70 59.72 -0.34
N VAL H 70 -25.67 60.79 -1.15
CA VAL H 70 -26.87 61.68 -1.29
C VAL H 70 -28.05 60.84 -1.77
N ASN H 71 -27.84 60.05 -2.83
CA ASN H 71 -28.94 59.21 -3.39
C ASN H 71 -29.49 58.29 -2.30
N ASP H 72 -28.60 57.62 -1.55
CA ASP H 72 -29.04 56.69 -0.48
C ASP H 72 -29.90 57.43 0.54
N ILE H 73 -29.39 58.53 1.10
CA ILE H 73 -30.15 59.26 2.16
C ILE H 73 -31.48 59.74 1.58
N PHE H 74 -31.47 60.30 0.36
CA PHE H 74 -32.73 60.72 -0.30
C PHE H 74 -33.74 59.57 -0.24
N GLU H 75 -33.35 58.40 -0.74
CA GLU H 75 -34.26 57.23 -0.77
C GLU H 75 -34.79 56.95 0.64
N ARG H 76 -33.89 56.84 1.63
CA ARG H 76 -34.31 56.50 3.01
C ARG H 76 -35.37 57.50 3.48
N ILE H 77 -35.09 58.81 3.38
CA ILE H 77 -36.03 59.84 3.88
C ILE H 77 -37.34 59.77 3.10
N ALA H 78 -37.27 59.79 1.76
CA ALA H 78 -38.50 59.80 0.93
C ALA H 78 -39.33 58.53 1.22
N GLY H 79 -38.67 57.38 1.35
CA GLY H 79 -39.38 56.12 1.61
C GLY H 79 -40.08 56.13 2.96
N GLU H 80 -39.40 56.65 3.99
CA GLU H 80 -40.05 56.76 5.33
C GLU H 80 -41.21 57.76 5.26
N ALA H 81 -41.00 58.90 4.60
CA ALA H 81 -42.07 59.92 4.46
C ALA H 81 -43.27 59.28 3.73
N SER H 82 -43.00 58.45 2.72
CA SER H 82 -44.08 57.77 1.97
C SER H 82 -44.87 56.87 2.93
N ARG H 83 -44.17 56.08 3.74
CA ARG H 83 -44.83 55.18 4.72
C ARG H 83 -45.68 56.03 5.68
N LEU H 84 -45.11 57.09 6.24
CA LEU H 84 -45.85 57.95 7.21
C LEU H 84 -47.16 58.43 6.58
N ALA H 85 -47.08 58.98 5.36
CA ALA H 85 -48.30 59.47 4.67
C ALA H 85 -49.32 58.33 4.55
N HIS H 86 -48.89 57.16 4.08
CA HIS H 86 -49.81 56.00 3.89
C HIS H 86 -50.39 55.57 5.24
N TYR H 87 -49.56 55.49 6.29
CA TYR H 87 -50.03 55.07 7.64
C TYR H 87 -51.14 56.02 8.11
N ASN H 88 -51.00 57.31 7.80
CA ASN H 88 -51.99 58.31 8.30
C ASN H 88 -53.06 58.58 7.23
N LYS H 89 -53.15 57.72 6.21
CA LYS H 89 -54.19 57.87 5.14
C LYS H 89 -54.11 59.26 4.54
N ARG H 90 -52.89 59.72 4.22
CA ARG H 90 -52.72 61.05 3.56
C ARG H 90 -52.16 60.81 2.15
N SER H 91 -52.48 61.69 1.21
CA SER H 91 -52.02 61.50 -0.19
C SER H 91 -50.87 62.47 -0.50
N THR H 92 -50.50 63.33 0.45
CA THR H 92 -49.46 64.35 0.17
C THR H 92 -48.26 64.21 1.10
N ILE H 93 -47.04 64.23 0.54
CA ILE H 93 -45.83 64.24 1.41
C ILE H 93 -45.46 65.71 1.63
N THR H 94 -45.56 66.19 2.86
CA THR H 94 -45.28 67.63 3.15
C THR H 94 -44.00 67.75 3.97
N SER H 95 -43.64 68.97 4.37
CA SER H 95 -42.42 69.19 5.19
C SER H 95 -42.57 68.49 6.55
N ARG H 96 -43.81 68.33 7.03
CA ARG H 96 -44.04 67.62 8.32
C ARG H 96 -43.60 66.15 8.18
N GLU H 97 -43.96 65.50 7.07
CA GLU H 97 -43.57 64.08 6.85
C GLU H 97 -42.04 64.00 6.78
N ILE H 98 -41.41 64.93 6.06
CA ILE H 98 -39.92 64.93 5.93
C ILE H 98 -39.31 65.08 7.32
N GLN H 99 -39.80 66.04 8.11
CA GLN H 99 -39.25 66.30 9.47
C GLN H 99 -39.34 65.02 10.30
N THR H 100 -40.50 64.38 10.32
CA THR H 100 -40.70 63.14 11.12
C THR H 100 -39.75 62.05 10.61
N ALA H 101 -39.63 61.88 9.28
CA ALA H 101 -38.70 60.88 8.71
C ALA H 101 -37.27 61.17 9.19
N VAL H 102 -36.86 62.44 9.18
CA VAL H 102 -35.49 62.83 9.63
C VAL H 102 -35.29 62.40 11.09
N ARG H 103 -36.28 62.65 11.95
CA ARG H 103 -36.18 62.28 13.38
C ARG H 103 -36.04 60.76 13.51
N LEU H 104 -36.73 59.99 12.68
CA LEU H 104 -36.71 58.51 12.78
C LEU H 104 -35.38 57.95 12.24
N LEU H 105 -34.80 58.58 11.20
CA LEU H 105 -33.59 58.00 10.55
C LEU H 105 -32.29 58.56 11.10
N LEU H 106 -32.17 59.89 11.22
CA LEU H 106 -30.87 60.48 11.64
C LEU H 106 -30.65 60.29 13.14
N PRO H 107 -29.48 59.79 13.58
CA PRO H 107 -29.22 59.57 15.00
C PRO H 107 -28.76 60.78 15.84
N GLY H 108 -29.31 60.93 17.05
CA GLY H 108 -28.87 61.99 17.98
C GLY H 108 -28.84 63.41 17.45
N GLU H 109 -27.71 64.11 17.61
CA GLU H 109 -27.60 65.54 17.22
C GLU H 109 -27.69 65.70 15.70
N LEU H 110 -27.38 64.67 14.92
CA LEU H 110 -27.55 64.77 13.45
C LEU H 110 -28.99 65.20 13.17
N ALA H 111 -29.97 64.54 13.82
CA ALA H 111 -31.40 64.87 13.62
C ALA H 111 -31.65 66.32 14.09
N LYS H 112 -31.20 66.66 15.30
CA LYS H 112 -31.43 68.02 15.87
C LYS H 112 -30.99 69.09 14.85
N HIS H 113 -29.77 69.00 14.33
CA HIS H 113 -29.25 70.05 13.42
C HIS H 113 -29.92 69.98 12.05
N ALA H 114 -30.18 68.77 11.54
CA ALA H 114 -30.85 68.62 10.22
C ALA H 114 -32.24 69.27 10.28
N VAL H 115 -32.96 69.06 11.38
CA VAL H 115 -34.32 69.65 11.55
C VAL H 115 -34.18 71.19 11.54
N SER H 116 -33.21 71.72 12.29
CA SER H 116 -32.97 73.19 12.28
C SER H 116 -32.75 73.68 10.84
N GLU H 117 -31.86 73.03 10.10
CA GLU H 117 -31.55 73.44 8.70
C GLU H 117 -32.82 73.42 7.85
N GLY H 118 -33.56 72.31 7.88
CA GLY H 118 -34.79 72.19 7.08
C GLY H 118 -35.80 73.26 7.44
N THR H 119 -36.00 73.51 8.74
CA THR H 119 -37.00 74.51 9.18
C THR H 119 -36.56 75.89 8.69
N LYS H 120 -35.28 76.23 8.87
CA LYS H 120 -34.76 77.55 8.42
C LYS H 120 -35.00 77.71 6.93
N ALA H 121 -34.70 76.68 6.14
CA ALA H 121 -34.85 76.77 4.66
C ALA H 121 -36.32 77.04 4.30
N VAL H 122 -37.24 76.27 4.88
CA VAL H 122 -38.70 76.45 4.58
C VAL H 122 -39.12 77.87 4.95
N THR H 123 -38.73 78.36 6.13
CA THR H 123 -39.08 79.73 6.57
C THR H 123 -38.55 80.76 5.55
N LYS H 124 -37.28 80.66 5.17
CA LYS H 124 -36.67 81.60 4.19
C LYS H 124 -37.43 81.51 2.86
N TYR H 125 -37.75 80.30 2.41
CA TYR H 125 -38.43 80.10 1.11
C TYR H 125 -39.82 80.74 1.15
N THR H 126 -40.56 80.57 2.25
CA THR H 126 -41.95 81.09 2.31
C THR H 126 -41.92 82.63 2.31
N SER H 127 -40.83 83.24 2.77
CA SER H 127 -40.71 84.72 2.70
C SER H 127 -39.94 85.11 1.42
N ALA H 128 -39.71 84.15 0.51
CA ALA H 128 -39.00 84.41 -0.76
C ALA H 128 -37.72 85.21 -0.52
N LEU K 65 19.42 2.19 -10.29
CA LEU K 65 20.73 1.58 -10.63
C LEU K 65 20.56 0.37 -11.57
N ILE K 66 19.35 -0.15 -11.73
CA ILE K 66 19.11 -1.26 -12.70
C ILE K 66 18.75 -0.62 -14.05
N ARG K 67 19.29 -1.15 -15.15
CA ARG K 67 18.92 -0.63 -16.49
C ARG K 67 17.41 -0.81 -16.69
N LYS K 68 16.72 0.20 -17.23
CA LYS K 68 15.24 0.15 -17.33
C LYS K 68 14.76 -0.94 -18.29
N LEU K 69 15.27 -0.98 -19.53
CA LEU K 69 14.76 -1.97 -20.53
C LEU K 69 14.88 -3.41 -20.02
N PRO K 70 16.06 -3.93 -19.58
CA PRO K 70 16.13 -5.29 -19.05
C PRO K 70 15.13 -5.53 -17.90
N PHE K 71 14.99 -4.57 -16.99
CA PHE K 71 14.04 -4.73 -15.86
C PHE K 71 12.61 -4.88 -16.41
N GLN K 72 12.24 -4.04 -17.37
CA GLN K 72 10.88 -4.11 -17.97
C GLN K 72 10.66 -5.52 -18.53
N ARG K 73 11.65 -6.07 -19.25
CA ARG K 73 11.53 -7.43 -19.83
C ARG K 73 11.28 -8.45 -18.72
N LEU K 74 12.03 -8.35 -17.62
CA LEU K 74 11.85 -9.29 -16.48
C LEU K 74 10.42 -9.18 -15.94
N VAL K 75 9.96 -7.94 -15.70
CA VAL K 75 8.58 -7.72 -15.17
C VAL K 75 7.57 -8.41 -16.10
N ARG K 76 7.68 -8.17 -17.41
CA ARG K 76 6.69 -8.73 -18.38
C ARG K 76 6.79 -10.26 -18.38
N GLU K 77 8.03 -10.79 -18.34
CA GLU K 77 8.22 -12.27 -18.35
C GLU K 77 7.59 -12.87 -17.08
N ILE K 78 7.76 -12.24 -15.93
CA ILE K 78 7.19 -12.79 -14.66
C ILE K 78 5.66 -12.71 -14.73
N ALA K 79 5.11 -11.60 -15.20
CA ALA K 79 3.64 -11.41 -15.23
C ALA K 79 2.96 -12.39 -16.17
N GLN K 80 3.67 -12.85 -17.21
CA GLN K 80 3.08 -13.77 -18.23
C GLN K 80 2.56 -15.04 -17.55
N ASP K 81 3.20 -15.48 -16.46
CA ASP K 81 2.80 -16.74 -15.78
C ASP K 81 1.47 -16.56 -15.02
N PHE K 82 1.08 -15.31 -14.75
CA PHE K 82 -0.16 -15.05 -13.98
C PHE K 82 -1.31 -14.77 -14.95
N LYS K 83 -1.05 -14.00 -16.01
CA LYS K 83 -2.11 -13.66 -17.00
C LYS K 83 -1.44 -13.37 -18.35
N THR K 84 -2.03 -13.85 -19.44
CA THR K 84 -1.44 -13.65 -20.79
C THR K 84 -1.89 -12.30 -21.36
N ASP K 85 -1.23 -11.84 -22.43
CA ASP K 85 -1.59 -10.55 -23.11
C ASP K 85 -1.79 -9.43 -22.09
N LEU K 86 -0.86 -9.28 -21.15
CA LEU K 86 -0.99 -8.22 -20.11
C LEU K 86 -0.29 -6.95 -20.59
N ARG K 87 -0.99 -5.81 -20.53
CA ARG K 87 -0.33 -4.52 -20.86
C ARG K 87 0.14 -3.91 -19.53
N PHE K 88 1.02 -2.91 -19.59
CA PHE K 88 1.56 -2.30 -18.35
C PHE K 88 1.65 -0.79 -18.53
N GLN K 89 1.10 -0.01 -17.59
CA GLN K 89 1.30 1.45 -17.65
C GLN K 89 2.79 1.70 -17.47
N SER K 90 3.35 2.70 -18.14
CA SER K 90 4.79 3.04 -17.94
C SER K 90 5.08 3.27 -16.45
N SER K 91 4.17 3.96 -15.76
CA SER K 91 4.36 4.26 -14.31
C SER K 91 4.29 2.97 -13.47
N ALA K 92 3.53 1.97 -13.90
CA ALA K 92 3.47 0.67 -13.17
C ALA K 92 4.87 0.04 -13.13
N VAL K 93 5.54 -0.01 -14.28
CA VAL K 93 6.91 -0.61 -14.35
C VAL K 93 7.84 0.24 -13.48
N MET K 94 7.71 1.56 -13.55
CA MET K 94 8.58 2.46 -12.74
C MET K 94 8.33 2.23 -11.26
N ALA K 95 7.07 2.09 -10.86
CA ALA K 95 6.72 1.82 -9.44
C ALA K 95 7.40 0.51 -9.00
N LEU K 96 7.29 -0.54 -9.83
CA LEU K 96 7.91 -1.84 -9.50
C LEU K 96 9.43 -1.65 -9.35
N GLN K 97 10.06 -0.95 -10.29
CA GLN K 97 11.54 -0.77 -10.23
C GLN K 97 11.92 -0.05 -8.94
N GLU K 98 11.22 1.03 -8.58
CA GLU K 98 11.57 1.81 -7.36
C GLU K 98 11.48 0.88 -6.14
N ALA K 99 10.39 0.12 -6.01
CA ALA K 99 10.20 -0.77 -4.85
C ALA K 99 11.30 -1.84 -4.80
N CYS K 100 11.59 -2.48 -5.93
CA CYS K 100 12.59 -3.58 -5.97
C CYS K 100 13.96 -3.04 -5.54
N GLU K 101 14.36 -1.90 -6.11
CA GLU K 101 15.69 -1.32 -5.78
C GLU K 101 15.74 -0.99 -4.28
N ALA K 102 14.68 -0.33 -3.76
CA ALA K 102 14.64 0.00 -2.32
C ALA K 102 14.77 -1.28 -1.49
N TYR K 103 14.02 -2.32 -1.86
CA TYR K 103 14.06 -3.61 -1.12
C TYR K 103 15.47 -4.18 -1.13
N LEU K 104 16.12 -4.22 -2.31
CA LEU K 104 17.46 -4.85 -2.42
C LEU K 104 18.51 -4.02 -1.65
N VAL K 105 18.45 -2.69 -1.76
CA VAL K 105 19.39 -1.81 -0.99
C VAL K 105 19.20 -2.09 0.50
N GLY K 106 17.95 -2.10 0.98
CA GLY K 106 17.68 -2.40 2.40
C GLY K 106 18.23 -3.75 2.80
N LEU K 107 18.08 -4.76 1.94
CA LEU K 107 18.57 -6.13 2.25
C LEU K 107 20.11 -6.11 2.30
N PHE K 108 20.74 -5.41 1.35
CA PHE K 108 22.23 -5.35 1.32
C PHE K 108 22.74 -4.68 2.61
N GLU K 109 21.99 -3.71 3.14
CA GLU K 109 22.40 -3.06 4.43
C GLU K 109 22.43 -4.11 5.54
N ASP K 110 21.37 -4.92 5.66
CA ASP K 110 21.29 -5.95 6.74
C ASP K 110 22.31 -7.05 6.47
N THR K 111 22.49 -7.43 5.21
CA THR K 111 23.50 -8.47 4.83
C THR K 111 24.88 -7.99 5.29
N ASN K 112 25.20 -6.72 5.06
CA ASN K 112 26.51 -6.15 5.47
C ASN K 112 26.69 -6.32 6.98
N LEU K 113 25.66 -5.97 7.77
CA LEU K 113 25.74 -6.10 9.25
C LEU K 113 26.04 -7.55 9.64
N CYS K 114 25.41 -8.52 8.97
CA CYS K 114 25.67 -9.96 9.25
C CYS K 114 27.15 -10.29 8.96
N ALA K 115 27.68 -9.84 7.82
CA ALA K 115 29.10 -10.09 7.47
C ALA K 115 30.01 -9.51 8.56
N ILE K 116 29.82 -8.23 8.90
CA ILE K 116 30.65 -7.56 9.95
C ILE K 116 30.54 -8.38 11.24
N HIS K 117 29.34 -8.86 11.57
CA HIS K 117 29.12 -9.67 12.80
C HIS K 117 30.02 -10.91 12.78
N ALA K 118 30.23 -11.51 11.61
CA ALA K 118 31.12 -12.70 11.49
C ALA K 118 32.57 -12.26 11.25
N LYS K 119 32.91 -11.02 11.62
CA LYS K 119 34.30 -10.50 11.49
C LYS K 119 34.78 -10.52 10.04
N ARG K 120 33.86 -10.37 9.08
CA ARG K 120 34.24 -10.33 7.65
C ARG K 120 33.89 -8.94 7.07
N VAL K 121 34.54 -8.57 5.97
CA VAL K 121 34.19 -7.28 5.28
C VAL K 121 33.55 -7.67 3.95
N THR K 122 33.47 -8.97 3.66
CA THR K 122 32.91 -9.47 2.38
C THR K 122 31.52 -10.06 2.64
N ILE K 123 30.51 -9.66 1.85
CA ILE K 123 29.16 -10.25 2.00
C ILE K 123 29.13 -11.60 1.27
N MET K 124 28.49 -12.60 1.87
CA MET K 124 28.40 -13.96 1.26
C MET K 124 26.93 -14.39 1.28
N PRO K 125 26.50 -15.41 0.49
CA PRO K 125 25.12 -15.89 0.53
C PRO K 125 24.59 -16.19 1.94
N LYS K 126 25.43 -16.72 2.83
CA LYS K 126 25.01 -17.05 4.22
C LYS K 126 24.53 -15.77 4.93
N ASP K 127 25.13 -14.62 4.61
CA ASP K 127 24.72 -13.33 5.22
C ASP K 127 23.34 -12.95 4.70
N ILE K 128 23.13 -13.04 3.38
CA ILE K 128 21.78 -12.76 2.80
C ILE K 128 20.77 -13.70 3.45
N GLN K 129 21.11 -15.00 3.56
CA GLN K 129 20.16 -15.99 4.11
C GLN K 129 19.78 -15.62 5.55
N LEU K 130 20.78 -15.31 6.39
CA LEU K 130 20.50 -14.94 7.81
C LEU K 130 19.59 -13.72 7.85
N ALA K 131 19.95 -12.64 7.15
CA ALA K 131 19.15 -11.40 7.15
C ALA K 131 17.69 -11.73 6.84
N ARG K 132 17.44 -12.47 5.76
CA ARG K 132 16.05 -12.79 5.33
C ARG K 132 15.36 -13.63 6.41
N ARG K 133 16.05 -14.64 6.94
CA ARG K 133 15.46 -15.51 8.00
C ARG K 133 15.02 -14.64 9.19
N ILE K 134 15.90 -13.75 9.67
CA ILE K 134 15.58 -12.91 10.86
C ILE K 134 14.43 -11.96 10.49
N ARG K 135 14.43 -11.45 9.26
CA ARG K 135 13.37 -10.50 8.81
C ARG K 135 12.03 -11.22 8.71
N GLY K 136 12.05 -12.56 8.68
CA GLY K 136 10.80 -13.34 8.56
C GLY K 136 10.53 -13.77 7.12
N GLU K 137 11.36 -13.30 6.17
CA GLU K 137 11.13 -13.61 4.73
C GLU K 137 11.27 -15.11 4.50
N ASN L 29 15.76 -13.50 -18.98
CA ASN L 29 15.57 -12.06 -18.70
C ASN L 29 16.18 -11.71 -17.34
N ILE L 30 16.28 -12.71 -16.44
CA ILE L 30 16.84 -12.49 -15.08
C ILE L 30 18.32 -12.12 -15.20
N GLN L 31 18.98 -12.57 -16.27
CA GLN L 31 20.43 -12.26 -16.47
C GLN L 31 20.58 -10.78 -16.84
N GLY L 32 19.50 -10.12 -17.26
CA GLY L 32 19.55 -8.67 -17.54
C GLY L 32 19.92 -7.91 -16.28
N ILE L 33 19.65 -8.49 -15.11
CA ILE L 33 20.11 -7.88 -13.83
C ILE L 33 21.59 -8.22 -13.76
N THR L 34 22.45 -7.39 -14.36
CA THR L 34 23.88 -7.73 -14.48
C THR L 34 24.65 -7.62 -13.17
N LYS L 35 25.86 -8.17 -13.14
CA LYS L 35 26.73 -8.08 -11.94
C LYS L 35 26.98 -6.59 -11.59
N PRO L 36 27.39 -5.70 -12.52
CA PRO L 36 27.55 -4.27 -12.22
C PRO L 36 26.31 -3.63 -11.57
N ALA L 37 25.11 -3.96 -12.05
CA ALA L 37 23.87 -3.42 -11.45
C ALA L 37 23.78 -3.88 -9.99
N ILE L 38 23.93 -5.19 -9.75
CA ILE L 38 23.87 -5.74 -8.36
C ILE L 38 24.95 -5.06 -7.51
N ARG L 39 26.15 -4.86 -8.07
CA ARG L 39 27.24 -4.17 -7.33
C ARG L 39 26.79 -2.77 -6.95
N ARG L 40 26.19 -2.02 -7.88
CA ARG L 40 25.70 -0.65 -7.59
C ARG L 40 24.70 -0.69 -6.43
N LEU L 41 23.75 -1.62 -6.46
CA LEU L 41 22.75 -1.76 -5.36
C LEU L 41 23.50 -2.01 -4.05
N ALA L 42 24.50 -2.88 -4.07
CA ALA L 42 25.28 -3.20 -2.84
C ALA L 42 26.03 -1.95 -2.38
N ARG L 43 26.57 -1.15 -3.31
CA ARG L 43 27.33 0.07 -2.95
C ARG L 43 26.40 1.05 -2.22
N ARG L 44 25.18 1.24 -2.75
CA ARG L 44 24.18 2.10 -2.06
C ARG L 44 23.88 1.51 -0.68
N GLY L 45 23.93 0.19 -0.55
CA GLY L 45 23.70 -0.47 0.75
C GLY L 45 24.93 -0.39 1.66
N GLY L 46 26.01 0.24 1.19
CA GLY L 46 27.22 0.42 2.02
C GLY L 46 28.13 -0.79 2.02
N VAL L 47 28.02 -1.65 1.00
CA VAL L 47 28.84 -2.90 0.95
C VAL L 47 30.18 -2.60 0.27
N LYS L 48 31.29 -3.04 0.88
CA LYS L 48 32.64 -2.74 0.32
C LYS L 48 33.16 -3.93 -0.48
N ARG L 49 32.94 -5.16 0.00
CA ARG L 49 33.47 -6.36 -0.70
C ARG L 49 32.33 -7.35 -0.98
N ILE L 50 32.33 -7.99 -2.15
CA ILE L 50 31.20 -8.88 -2.53
C ILE L 50 31.74 -10.24 -3.00
N SER L 51 31.19 -11.34 -2.49
CA SER L 51 31.60 -12.70 -2.94
C SER L 51 31.01 -12.96 -4.34
N GLY L 52 31.62 -13.86 -5.11
CA GLY L 52 31.15 -14.15 -6.48
C GLY L 52 29.82 -14.87 -6.51
N LEU L 53 29.42 -15.50 -5.40
CA LEU L 53 28.15 -16.28 -5.38
C LEU L 53 26.96 -15.38 -5.01
N ILE L 54 27.23 -14.12 -4.69
CA ILE L 54 26.15 -13.18 -4.26
C ILE L 54 25.25 -12.84 -5.44
N TYR L 55 25.81 -12.72 -6.64
CA TYR L 55 25.03 -12.28 -7.82
C TYR L 55 23.87 -13.24 -8.10
N GLU L 56 24.14 -14.55 -8.10
CA GLU L 56 23.06 -15.54 -8.35
C GLU L 56 22.07 -15.52 -7.19
N GLU L 57 22.57 -15.41 -5.96
CA GLU L 57 21.67 -15.36 -4.76
C GLU L 57 20.74 -14.13 -4.89
N THR L 58 21.29 -12.97 -5.21
CA THR L 58 20.49 -11.73 -5.33
C THR L 58 19.42 -11.91 -6.41
N ARG L 59 19.81 -12.45 -7.57
CA ARG L 59 18.84 -12.67 -8.68
C ARG L 59 17.66 -13.50 -8.16
N GLY L 60 17.94 -14.58 -7.42
CA GLY L 60 16.87 -15.44 -6.86
C GLY L 60 15.97 -14.66 -5.92
N VAL L 61 16.57 -13.88 -5.00
CA VAL L 61 15.78 -13.08 -4.02
C VAL L 61 14.89 -12.08 -4.78
N LEU L 62 15.47 -11.36 -5.74
CA LEU L 62 14.69 -10.35 -6.51
C LEU L 62 13.52 -11.05 -7.22
N LYS L 63 13.77 -12.21 -7.82
CA LYS L 63 12.70 -12.94 -8.55
C LYS L 63 11.54 -13.24 -7.60
N VAL L 64 11.84 -13.76 -6.40
CA VAL L 64 10.77 -14.09 -5.40
C VAL L 64 9.99 -12.80 -5.08
N PHE L 65 10.70 -11.73 -4.71
CA PHE L 65 10.04 -10.44 -4.38
C PHE L 65 9.13 -10.00 -5.54
N LEU L 66 9.67 -9.93 -6.75
CA LEU L 66 8.88 -9.46 -7.92
C LEU L 66 7.65 -10.34 -8.10
N GLU L 67 7.83 -11.66 -8.11
CA GLU L 67 6.70 -12.61 -8.28
C GLU L 67 5.59 -12.26 -7.28
N ASN L 68 5.94 -12.10 -6.01
CA ASN L 68 4.94 -11.82 -4.94
C ASN L 68 4.16 -10.54 -5.29
N VAL L 69 4.89 -9.46 -5.58
CA VAL L 69 4.22 -8.15 -5.84
C VAL L 69 3.39 -8.26 -7.13
N ILE L 70 3.98 -8.79 -8.21
CA ILE L 70 3.27 -8.84 -9.52
C ILE L 70 2.00 -9.70 -9.37
N ARG L 71 2.11 -10.85 -8.71
CA ARG L 71 0.92 -11.73 -8.49
C ARG L 71 -0.25 -10.90 -7.95
N ASP L 72 -0.02 -10.17 -6.85
CA ASP L 72 -1.10 -9.37 -6.22
C ASP L 72 -1.56 -8.24 -7.15
N ALA L 73 -0.63 -7.57 -7.82
CA ALA L 73 -0.99 -6.45 -8.72
C ALA L 73 -1.89 -6.97 -9.84
N VAL L 74 -1.57 -8.15 -10.39
CA VAL L 74 -2.40 -8.76 -11.48
C VAL L 74 -3.77 -9.14 -10.91
N THR L 75 -3.81 -9.65 -9.67
CA THR L 75 -5.12 -9.97 -9.02
C THR L 75 -6.00 -8.72 -9.01
N TYR L 76 -5.45 -7.58 -8.60
CA TYR L 76 -6.21 -6.30 -8.58
C TYR L 76 -6.68 -5.97 -10.01
N THR L 77 -5.78 -6.12 -10.99
CA THR L 77 -6.12 -5.83 -12.41
C THR L 77 -7.30 -6.70 -12.85
N GLU L 78 -7.23 -8.01 -12.60
CA GLU L 78 -8.31 -8.95 -13.02
C GLU L 78 -9.62 -8.59 -12.32
N HIS L 79 -9.55 -8.18 -11.05
CA HIS L 79 -10.77 -7.81 -10.29
C HIS L 79 -11.40 -6.57 -10.94
N ALA L 80 -10.59 -5.65 -11.45
CA ALA L 80 -11.10 -4.44 -12.13
C ALA L 80 -11.52 -4.77 -13.55
N LYS L 81 -11.39 -6.03 -13.97
CA LYS L 81 -11.75 -6.46 -15.35
C LYS L 81 -10.91 -5.67 -16.37
N ARG L 82 -9.69 -5.30 -15.99
CA ARG L 82 -8.80 -4.53 -16.90
C ARG L 82 -7.79 -5.48 -17.56
N LYS L 83 -7.17 -5.05 -18.66
CA LYS L 83 -6.13 -5.87 -19.32
C LYS L 83 -4.78 -5.15 -19.13
N THR L 84 -4.79 -4.03 -18.40
CA THR L 84 -3.55 -3.23 -18.21
C THR L 84 -3.26 -3.07 -16.71
N VAL L 85 -2.10 -3.54 -16.25
CA VAL L 85 -1.70 -3.33 -14.83
C VAL L 85 -1.40 -1.84 -14.65
N THR L 86 -2.08 -1.18 -13.70
CA THR L 86 -1.88 0.27 -13.47
C THR L 86 -0.88 0.49 -12.33
N ALA L 87 -0.35 1.71 -12.20
CA ALA L 87 0.55 2.03 -11.07
C ALA L 87 -0.21 1.80 -9.76
N MET L 88 -1.50 2.14 -9.74
CA MET L 88 -2.33 1.95 -8.53
C MET L 88 -2.32 0.47 -8.11
N ASP L 89 -2.51 -0.44 -9.07
CA ASP L 89 -2.48 -1.90 -8.77
C ASP L 89 -1.18 -2.22 -8.03
N VAL L 90 -0.04 -1.75 -8.56
CA VAL L 90 1.28 -2.00 -7.92
C VAL L 90 1.29 -1.39 -6.52
N VAL L 91 0.89 -0.12 -6.39
CA VAL L 91 0.88 0.59 -5.07
C VAL L 91 0.06 -0.24 -4.06
N TYR L 92 -1.13 -0.70 -4.45
CA TYR L 92 -1.99 -1.49 -3.54
C TYR L 92 -1.28 -2.78 -3.14
N ALA L 93 -0.68 -3.48 -4.11
CA ALA L 93 0.03 -4.74 -3.84
C ALA L 93 1.15 -4.50 -2.83
N LEU L 94 1.95 -3.45 -3.05
CA LEU L 94 3.07 -3.11 -2.12
C LEU L 94 2.50 -2.80 -0.75
N LYS L 95 1.43 -2.02 -0.70
CA LYS L 95 0.83 -1.61 0.59
C LYS L 95 0.44 -2.86 1.39
N ARG L 96 -0.21 -3.83 0.75
CA ARG L 96 -0.72 -5.01 1.49
C ARG L 96 0.43 -5.94 1.90
N GLN L 97 1.58 -5.85 1.24
CA GLN L 97 2.76 -6.66 1.64
C GLN L 97 3.64 -5.84 2.61
N GLY L 98 3.11 -4.75 3.15
CA GLY L 98 3.85 -3.93 4.14
C GLY L 98 5.04 -3.18 3.56
N ARG L 99 4.99 -2.84 2.27
CA ARG L 99 6.09 -2.06 1.62
C ARG L 99 5.48 -0.81 0.97
N HIS M 43 29.38 -39.09 39.91
CA HIS M 43 29.02 -38.88 38.48
C HIS M 43 28.89 -37.38 38.20
N ARG M 44 29.54 -36.88 37.14
CA ARG M 44 29.38 -35.46 36.77
C ARG M 44 29.11 -35.35 35.26
N TYR M 45 27.93 -34.83 34.89
CA TYR M 45 27.60 -34.64 33.45
C TYR M 45 28.51 -33.56 32.86
N ARG M 46 28.99 -33.77 31.64
CA ARG M 46 29.89 -32.79 30.97
C ARG M 46 29.11 -31.51 30.65
N PRO M 47 29.71 -30.28 30.77
CA PRO M 47 29.03 -29.05 30.38
C PRO M 47 28.36 -29.17 29.00
N GLY M 48 27.06 -28.89 28.96
CA GLY M 48 26.32 -29.00 27.70
C GLY M 48 25.26 -30.09 27.74
N THR M 49 25.56 -31.19 28.44
CA THR M 49 24.62 -32.35 28.49
C THR M 49 23.31 -31.92 29.18
N VAL M 50 23.40 -31.30 30.37
CA VAL M 50 22.18 -30.90 31.13
C VAL M 50 21.51 -29.73 30.38
N ALA M 51 22.31 -28.88 29.75
CA ALA M 51 21.75 -27.75 28.97
C ALA M 51 20.85 -28.29 27.85
N LEU M 52 21.33 -29.29 27.11
CA LEU M 52 20.54 -29.89 26.01
C LEU M 52 19.31 -30.61 26.57
N ARG M 53 19.46 -31.24 27.74
CA ARG M 53 18.30 -31.92 28.40
C ARG M 53 17.23 -30.87 28.73
N GLU M 54 17.66 -29.68 29.20
CA GLU M 54 16.71 -28.60 29.53
C GLU M 54 16.04 -28.10 28.26
N ILE M 55 16.80 -27.92 27.17
CA ILE M 55 16.18 -27.52 25.87
C ILE M 55 15.07 -28.52 25.55
N ARG M 56 15.39 -29.82 25.55
CA ARG M 56 14.37 -30.85 25.20
C ARG M 56 13.14 -30.71 26.08
N ARG M 57 13.33 -30.51 27.39
CA ARG M 57 12.19 -30.43 28.35
C ARG M 57 11.34 -29.18 28.07
N TYR M 58 11.96 -28.02 27.90
CA TYR M 58 11.18 -26.76 27.76
C TYR M 58 10.57 -26.62 26.36
N GLN M 59 11.18 -27.24 25.35
CA GLN M 59 10.61 -27.20 23.97
C GLN M 59 9.42 -28.16 23.88
N LYS M 60 9.30 -29.08 24.84
CA LYS M 60 8.17 -30.04 24.85
C LYS M 60 7.03 -29.46 25.68
N SER M 61 7.35 -28.57 26.63
CA SER M 61 6.30 -28.02 27.54
C SER M 61 5.71 -26.73 26.99
N THR M 62 4.57 -26.29 27.53
CA THR M 62 3.91 -25.04 27.09
C THR M 62 3.67 -24.12 28.29
N GLU M 63 4.12 -24.52 29.48
CA GLU M 63 3.86 -23.72 30.71
C GLU M 63 4.63 -22.39 30.69
N LEU M 64 4.17 -21.39 31.45
CA LEU M 64 4.87 -20.10 31.54
C LEU M 64 6.17 -20.28 32.34
N LEU M 65 7.26 -19.65 31.92
CA LEU M 65 8.58 -19.88 32.57
C LEU M 65 8.96 -18.75 33.54
N ILE M 66 8.26 -17.61 33.47
CA ILE M 66 8.51 -16.50 34.44
C ILE M 66 7.58 -16.71 35.64
N ARG M 67 8.07 -16.53 36.86
CA ARG M 67 7.19 -16.64 38.06
C ARG M 67 6.07 -15.59 37.93
N LYS M 68 4.83 -15.97 38.25
CA LYS M 68 3.66 -15.07 38.03
C LYS M 68 3.73 -13.83 38.95
N LEU M 69 3.88 -14.01 40.25
CA LEU M 69 3.84 -12.86 41.19
C LEU M 69 4.88 -11.79 40.84
N PRO M 70 6.20 -12.08 40.68
CA PRO M 70 7.17 -11.06 40.28
C PRO M 70 6.77 -10.36 38.97
N PHE M 71 6.29 -11.12 37.98
CA PHE M 71 5.87 -10.52 36.69
C PHE M 71 4.73 -9.53 36.93
N GLN M 72 3.74 -9.92 37.73
CA GLN M 72 2.59 -9.04 38.04
C GLN M 72 3.12 -7.72 38.63
N ARG M 73 4.07 -7.81 39.57
CA ARG M 73 4.63 -6.60 40.22
C ARG M 73 5.27 -5.70 39.15
N LEU M 74 6.02 -6.29 38.22
CA LEU M 74 6.69 -5.51 37.14
C LEU M 74 5.60 -4.81 36.30
N VAL M 75 4.58 -5.55 35.88
CA VAL M 75 3.48 -4.97 35.05
C VAL M 75 2.89 -3.76 35.80
N ARG M 76 2.56 -3.92 37.09
CA ARG M 76 1.91 -2.83 37.85
C ARG M 76 2.87 -1.65 37.98
N GLU M 77 4.15 -1.93 38.24
CA GLU M 77 5.18 -0.86 38.39
C GLU M 77 5.29 -0.08 37.07
N ILE M 78 5.30 -0.77 35.93
CA ILE M 78 5.44 -0.09 34.62
C ILE M 78 4.19 0.75 34.35
N ALA M 79 3.00 0.20 34.62
CA ALA M 79 1.73 0.90 34.31
C ALA M 79 1.58 2.17 35.17
N GLN M 80 2.18 2.19 36.36
CA GLN M 80 2.04 3.35 37.28
C GLN M 80 2.50 4.63 36.59
N ASP M 81 3.50 4.55 35.71
CA ASP M 81 4.06 5.75 35.05
C ASP M 81 3.08 6.32 34.01
N PHE M 82 2.10 5.53 33.59
CA PHE M 82 1.13 5.98 32.55
C PHE M 82 -0.14 6.49 33.22
N LYS M 83 -0.60 5.78 34.26
CA LYS M 83 -1.84 6.19 34.98
C LYS M 83 -1.78 5.66 36.41
N THR M 84 -2.19 6.47 37.38
CA THR M 84 -2.14 6.06 38.82
C THR M 84 -3.40 5.27 39.18
N ASP M 85 -3.37 4.58 40.33
CA ASP M 85 -4.55 3.81 40.83
C ASP M 85 -5.14 2.93 39.71
N LEU M 86 -4.30 2.20 38.98
CA LEU M 86 -4.79 1.35 37.87
C LEU M 86 -5.09 -0.05 38.40
N ARG M 87 -6.28 -0.57 38.11
CA ARG M 87 -6.59 -1.98 38.48
C ARG M 87 -6.28 -2.83 37.25
N PHE M 88 -6.20 -4.15 37.42
CA PHE M 88 -5.87 -5.05 36.28
C PHE M 88 -6.70 -6.32 36.38
N GLN M 89 -7.38 -6.69 35.29
CA GLN M 89 -8.10 -7.99 35.28
C GLN M 89 -7.03 -9.07 35.40
N SER M 90 -7.31 -10.17 36.11
CA SER M 90 -6.35 -11.29 36.21
C SER M 90 -5.93 -11.74 34.80
N SER M 91 -6.90 -11.83 33.87
CA SER M 91 -6.62 -12.27 32.48
C SER M 91 -5.74 -11.26 31.74
N ALA M 92 -5.84 -9.96 32.08
CA ALA M 92 -4.99 -8.94 31.44
C ALA M 92 -3.52 -9.24 31.74
N VAL M 93 -3.19 -9.50 33.01
CA VAL M 93 -1.80 -9.81 33.40
C VAL M 93 -1.37 -11.10 32.70
N MET M 94 -2.25 -12.10 32.65
CA MET M 94 -1.92 -13.39 31.99
C MET M 94 -1.66 -13.16 30.50
N ALA M 95 -2.48 -12.33 29.85
CA ALA M 95 -2.30 -12.02 28.41
C ALA M 95 -0.92 -11.37 28.21
N LEU M 96 -0.58 -10.41 29.07
CA LEU M 96 0.75 -9.73 28.99
C LEU M 96 1.86 -10.78 29.13
N GLN M 97 1.75 -11.66 30.14
CA GLN M 97 2.81 -12.66 30.40
C GLN M 97 2.97 -13.56 29.16
N GLU M 98 1.87 -14.04 28.59
CA GLU M 98 1.95 -14.97 27.42
C GLU M 98 2.68 -14.26 26.27
N ALA M 99 2.29 -13.01 25.98
CA ALA M 99 2.91 -12.25 24.86
C ALA M 99 4.41 -12.03 25.12
N CYS M 100 4.76 -11.60 26.33
CA CYS M 100 6.18 -11.30 26.65
C CYS M 100 7.03 -12.56 26.50
N GLU M 101 6.56 -13.67 27.05
CA GLU M 101 7.34 -14.93 26.97
C GLU M 101 7.50 -15.34 25.50
N ALA M 102 6.41 -15.29 24.73
CA ALA M 102 6.48 -15.64 23.29
C ALA M 102 7.51 -14.73 22.60
N TYR M 103 7.44 -13.43 22.87
CA TYR M 103 8.38 -12.45 22.24
C TYR M 103 9.83 -12.82 22.60
N LEU M 104 10.11 -13.09 23.88
CA LEU M 104 11.50 -13.35 24.32
C LEU M 104 12.00 -14.68 23.74
N VAL M 105 11.15 -15.71 23.73
CA VAL M 105 11.55 -17.02 23.14
C VAL M 105 11.88 -16.79 21.65
N GLY M 106 11.01 -16.10 20.92
CA GLY M 106 11.27 -15.80 19.50
C GLY M 106 12.58 -15.05 19.32
N LEU M 107 12.86 -14.08 20.19
CA LEU M 107 14.11 -13.28 20.10
C LEU M 107 15.32 -14.18 20.38
N PHE M 108 15.21 -15.06 21.39
CA PHE M 108 16.32 -15.97 21.73
C PHE M 108 16.61 -16.90 20.54
N GLU M 109 15.58 -17.29 19.78
CA GLU M 109 15.80 -18.14 18.58
C GLU M 109 16.67 -17.38 17.58
N ASP M 110 16.33 -16.12 17.29
CA ASP M 110 17.09 -15.32 16.29
C ASP M 110 18.49 -15.00 16.85
N THR M 111 18.57 -14.71 18.15
CA THR M 111 19.89 -14.43 18.80
C THR M 111 20.79 -15.65 18.61
N ASN M 112 20.25 -16.85 18.82
CA ASN M 112 21.04 -18.10 18.65
C ASN M 112 21.60 -18.17 17.23
N LEU M 113 20.76 -17.91 16.22
CA LEU M 113 21.21 -17.96 14.80
C LEU M 113 22.37 -16.98 14.60
N CYS M 114 22.30 -15.78 15.18
CA CYS M 114 23.40 -14.79 15.07
C CYS M 114 24.69 -15.36 15.68
N ALA M 115 24.61 -15.96 16.87
CA ALA M 115 25.79 -16.56 17.54
C ALA M 115 26.40 -17.63 16.63
N ILE M 116 25.58 -18.58 16.15
CA ILE M 116 26.07 -19.67 15.27
C ILE M 116 26.73 -19.05 14.04
N HIS M 117 26.13 -17.98 13.50
CA HIS M 117 26.70 -17.28 12.31
C HIS M 117 28.12 -16.80 12.61
N ALA M 118 28.39 -16.36 13.84
CA ALA M 118 29.74 -15.89 14.22
C ALA M 118 30.58 -17.08 14.73
N LYS M 119 30.21 -18.30 14.37
CA LYS M 119 30.97 -19.53 14.75
C LYS M 119 31.04 -19.70 16.28
N ARG M 120 30.03 -19.21 16.99
CA ARG M 120 29.99 -19.37 18.47
C ARG M 120 28.80 -20.24 18.86
N VAL M 121 28.85 -20.85 20.04
CA VAL M 121 27.69 -21.64 20.56
C VAL M 121 27.13 -20.87 21.75
N THR M 122 27.76 -19.75 22.10
CA THR M 122 27.33 -18.92 23.26
C THR M 122 26.64 -17.65 22.75
N ILE M 123 25.45 -17.35 23.28
CA ILE M 123 24.76 -16.08 22.89
C ILE M 123 25.37 -14.92 23.68
N MET M 124 25.58 -13.77 23.03
CA MET M 124 26.17 -12.58 23.71
C MET M 124 25.27 -11.37 23.40
N PRO M 125 25.36 -10.25 24.15
CA PRO M 125 24.56 -9.06 23.85
C PRO M 125 24.62 -8.60 22.38
N LYS M 126 25.79 -8.73 21.73
CA LYS M 126 25.93 -8.31 20.32
C LYS M 126 24.97 -9.12 19.43
N ASP M 127 24.71 -10.38 19.79
CA ASP M 127 23.76 -11.23 19.02
C ASP M 127 22.34 -10.69 19.21
N ILE M 128 21.95 -10.39 20.44
CA ILE M 128 20.61 -9.81 20.72
C ILE M 128 20.50 -8.50 19.93
N GLN M 129 21.54 -7.66 19.97
CA GLN M 129 21.50 -6.34 19.31
C GLN M 129 21.28 -6.52 17.80
N LEU M 130 22.06 -7.41 17.17
CA LEU M 130 21.94 -7.64 15.71
C LEU M 130 20.51 -8.11 15.38
N ALA M 131 20.02 -9.15 16.07
CA ALA M 131 18.68 -9.69 15.80
C ALA M 131 17.65 -8.54 15.83
N ARG M 132 17.66 -7.73 16.88
CA ARG M 132 16.67 -6.62 17.02
C ARG M 132 16.85 -5.62 15.88
N ARG M 133 18.08 -5.24 15.58
CA ARG M 133 18.36 -4.27 14.49
C ARG M 133 17.76 -4.79 13.18
N ILE M 134 18.04 -6.06 12.83
CA ILE M 134 17.54 -6.64 11.54
C ILE M 134 16.01 -6.72 11.59
N ARG M 135 15.45 -7.04 12.76
CA ARG M 135 13.97 -7.16 12.90
C ARG M 135 13.32 -5.79 12.76
N GLY M 136 14.11 -4.72 12.89
CA GLY M 136 13.56 -3.35 12.80
C GLY M 136 13.29 -2.76 14.18
N GLU M 137 13.46 -3.54 15.24
CA GLU M 137 13.16 -3.06 16.62
C GLU M 137 14.08 -1.89 16.98
N ASN N 29 11.67 -4.20 40.70
CA ASN N 29 10.74 -5.28 40.30
C ASN N 29 11.31 -6.00 39.07
N ILE N 30 12.16 -5.31 38.29
CA ILE N 30 12.76 -5.91 37.05
C ILE N 30 13.69 -7.07 37.47
N GLN N 31 14.24 -7.02 38.68
CA GLN N 31 15.14 -8.08 39.17
C GLN N 31 14.33 -9.35 39.45
N GLY N 32 13.00 -9.23 39.59
CA GLY N 32 12.14 -10.42 39.77
C GLY N 32 12.26 -11.33 38.57
N ILE N 33 12.63 -10.78 37.41
CA ILE N 33 12.91 -11.63 36.22
C ILE N 33 14.29 -12.23 36.49
N THR N 34 14.34 -13.36 37.20
CA THR N 34 15.65 -13.92 37.66
C THR N 34 16.46 -14.54 36.52
N LYS N 35 17.75 -14.80 36.79
CA LYS N 35 18.63 -15.47 35.79
C LYS N 35 18.03 -16.83 35.41
N PRO N 36 17.64 -17.74 36.35
CA PRO N 36 16.99 -19.00 35.99
C PRO N 36 15.79 -18.84 35.04
N ALA N 37 14.93 -17.84 35.29
CA ALA N 37 13.77 -17.60 34.39
C ALA N 37 14.28 -17.27 32.98
N ILE N 38 15.21 -16.33 32.87
CA ILE N 38 15.78 -15.94 31.55
C ILE N 38 16.41 -17.18 30.90
N ARG N 39 17.11 -18.00 31.69
CA ARG N 39 17.74 -19.24 31.15
C ARG N 39 16.64 -20.14 30.57
N ARG N 40 15.54 -20.33 31.31
CA ARG N 40 14.42 -21.18 30.83
C ARG N 40 13.90 -20.64 29.48
N LEU N 41 13.69 -19.33 29.38
CA LEU N 41 13.22 -18.73 28.10
C LEU N 41 14.24 -19.04 27.00
N ALA N 42 15.53 -18.91 27.29
CA ALA N 42 16.58 -19.20 26.30
C ALA N 42 16.55 -20.68 25.91
N ARG N 43 16.30 -21.57 26.87
CA ARG N 43 16.27 -23.04 26.60
C ARG N 43 15.12 -23.34 25.63
N ARG N 44 13.96 -22.74 25.86
CA ARG N 44 12.81 -22.92 24.92
C ARG N 44 13.21 -22.36 23.55
N GLY N 45 14.04 -21.32 23.53
CA GLY N 45 14.52 -20.75 22.26
C GLY N 45 15.63 -21.59 21.64
N GLY N 46 16.01 -22.70 22.28
CA GLY N 46 17.03 -23.60 21.71
C GLY N 46 18.45 -23.14 21.98
N VAL N 47 18.65 -22.32 23.02
CA VAL N 47 20.01 -21.77 23.32
C VAL N 47 20.75 -22.74 24.26
N LYS N 48 22.00 -23.08 23.93
CA LYS N 48 22.77 -24.07 24.73
C LYS N 48 23.69 -23.36 25.72
N ARG N 49 24.35 -22.27 25.29
CA ARG N 49 25.31 -21.55 26.17
C ARG N 49 24.93 -20.08 26.26
N ILE N 50 25.06 -19.47 27.44
CA ILE N 50 24.61 -18.06 27.65
C ILE N 50 25.72 -17.25 28.30
N SER N 51 26.04 -16.07 27.76
CA SER N 51 27.05 -15.17 28.40
C SER N 51 26.44 -14.53 29.65
N GLY N 52 27.28 -14.10 30.59
CA GLY N 52 26.79 -13.49 31.85
C GLY N 52 26.15 -12.13 31.64
N LEU N 53 26.44 -11.47 30.52
CA LEU N 53 25.91 -10.09 30.27
C LEU N 53 24.54 -10.15 29.61
N ILE N 54 24.07 -11.36 29.26
CA ILE N 54 22.78 -11.51 28.54
C ILE N 54 21.62 -11.18 29.48
N TYR N 55 21.73 -11.54 30.77
CA TYR N 55 20.61 -11.36 31.73
C TYR N 55 20.20 -9.88 31.81
N GLU N 56 21.18 -8.98 31.95
CA GLU N 56 20.86 -7.52 32.04
C GLU N 56 20.30 -7.05 30.69
N GLU N 57 20.89 -7.52 29.59
CA GLU N 57 20.42 -7.12 28.24
C GLU N 57 18.95 -7.55 28.08
N THR N 58 18.64 -8.80 28.43
CA THR N 58 17.25 -9.33 28.28
C THR N 58 16.29 -8.49 29.12
N ARG N 59 16.66 -8.20 30.37
CA ARG N 59 15.81 -7.38 31.26
C ARG N 59 15.48 -6.05 30.57
N GLY N 60 16.48 -5.38 29.98
CA GLY N 60 16.26 -4.11 29.26
C GLY N 60 15.30 -4.29 28.10
N VAL N 61 15.51 -5.33 27.28
CA VAL N 61 14.63 -5.59 26.10
C VAL N 61 13.20 -5.82 26.58
N LEU N 62 13.01 -6.67 27.59
CA LEU N 62 11.65 -6.99 28.11
C LEU N 62 10.99 -5.70 28.59
N LYS N 63 11.73 -4.86 29.32
CA LYS N 63 11.17 -3.59 29.85
C LYS N 63 10.62 -2.75 28.68
N VAL N 64 11.42 -2.58 27.63
CA VAL N 64 10.98 -1.76 26.45
C VAL N 64 9.69 -2.37 25.89
N PHE N 65 9.71 -3.68 25.60
CA PHE N 65 8.51 -4.36 25.04
C PHE N 65 7.30 -4.11 25.94
N LEU N 66 7.42 -4.40 27.24
CA LEU N 66 6.27 -4.24 28.18
C LEU N 66 5.78 -2.80 28.15
N GLU N 67 6.69 -1.82 28.29
CA GLU N 67 6.31 -0.38 28.28
C GLU N 67 5.46 -0.09 27.05
N ASN N 68 5.92 -0.51 25.86
CA ASN N 68 5.19 -0.23 24.60
C ASN N 68 3.76 -0.79 24.69
N VAL N 69 3.64 -2.08 25.04
CA VAL N 69 2.29 -2.72 25.07
C VAL N 69 1.44 -2.08 26.16
N ILE N 70 1.98 -1.90 27.37
CA ILE N 70 1.16 -1.36 28.48
C ILE N 70 0.70 0.06 28.14
N ARG N 71 1.60 0.90 27.60
CA ARG N 71 1.23 2.28 27.20
C ARG N 71 -0.06 2.24 26.36
N ASP N 72 -0.07 1.45 25.29
CA ASP N 72 -1.25 1.39 24.38
C ASP N 72 -2.47 0.80 25.12
N ALA N 73 -2.27 -0.24 25.92
CA ALA N 73 -3.39 -0.87 26.65
C ALA N 73 -4.04 0.16 27.58
N VAL N 74 -3.22 0.95 28.27
CA VAL N 74 -3.75 2.00 29.19
C VAL N 74 -4.48 3.08 28.37
N THR N 75 -3.95 3.43 27.20
CA THR N 75 -4.64 4.41 26.31
C THR N 75 -6.06 3.90 26.01
N TYR N 76 -6.21 2.63 25.65
CA TYR N 76 -7.55 2.04 25.39
C TYR N 76 -8.41 2.14 26.66
N THR N 77 -7.83 1.80 27.81
CA THR N 77 -8.56 1.87 29.10
C THR N 77 -9.08 3.29 29.34
N GLU N 78 -8.21 4.29 29.20
CA GLU N 78 -8.60 5.70 29.44
C GLU N 78 -9.69 6.13 28.45
N HIS N 79 -9.60 5.67 27.21
CA HIS N 79 -10.62 6.03 26.19
C HIS N 79 -11.98 5.44 26.59
N ALA N 80 -11.97 4.25 27.21
CA ALA N 80 -13.22 3.61 27.66
C ALA N 80 -13.67 4.23 28.99
N LYS N 81 -12.91 5.21 29.52
CA LYS N 81 -13.25 5.86 30.82
C LYS N 81 -13.27 4.80 31.93
N ARG N 82 -12.45 3.75 31.79
CA ARG N 82 -12.39 2.68 32.81
C ARG N 82 -11.19 2.91 33.74
N LYS N 83 -11.19 2.28 34.91
CA LYS N 83 -10.02 2.38 35.83
C LYS N 83 -9.35 1.00 35.89
N THR N 84 -9.84 0.05 35.10
CA THR N 84 -9.30 -1.33 35.12
C THR N 84 -8.85 -1.74 33.71
N VAL N 85 -7.56 -2.06 33.55
CA VAL N 85 -7.07 -2.56 32.23
C VAL N 85 -7.66 -3.96 32.02
N THR N 86 -8.37 -4.16 30.90
CA THR N 86 -9.02 -5.47 30.62
C THR N 86 -8.12 -6.31 29.70
N ALA N 87 -8.38 -7.62 29.60
CA ALA N 87 -7.62 -8.48 28.67
C ALA N 87 -7.81 -7.95 27.25
N MET N 88 -9.01 -7.46 26.94
CA MET N 88 -9.28 -6.92 25.59
C MET N 88 -8.34 -5.75 25.29
N ASP N 89 -8.17 -4.83 26.25
CA ASP N 89 -7.22 -3.69 26.05
C ASP N 89 -5.85 -4.24 25.64
N VAL N 90 -5.35 -5.25 26.36
CA VAL N 90 -4.03 -5.85 26.04
C VAL N 90 -4.08 -6.45 24.63
N VAL N 91 -5.11 -7.25 24.34
CA VAL N 91 -5.24 -7.91 23.00
C VAL N 91 -5.18 -6.84 21.90
N TYR N 92 -5.94 -5.75 22.06
CA TYR N 92 -5.96 -4.67 21.03
C TYR N 92 -4.56 -4.07 20.89
N ALA N 93 -3.90 -3.78 22.02
CA ALA N 93 -2.55 -3.19 21.99
C ALA N 93 -1.58 -4.12 21.23
N LEU N 94 -1.62 -5.41 21.53
CA LEU N 94 -0.74 -6.40 20.85
C LEU N 94 -1.07 -6.41 19.36
N LYS N 95 -2.36 -6.42 19.04
CA LYS N 95 -2.80 -6.50 17.62
C LYS N 95 -2.21 -5.32 16.85
N ARG N 96 -2.29 -4.11 17.40
CA ARG N 96 -1.84 -2.91 16.65
C ARG N 96 -0.31 -2.85 16.56
N GLN N 97 0.40 -3.55 17.45
CA GLN N 97 1.89 -3.62 17.35
C GLN N 97 2.31 -4.85 16.55
N GLY N 98 1.36 -5.47 15.83
CA GLY N 98 1.69 -6.62 14.97
C GLY N 98 2.04 -7.88 15.74
N ARG N 99 1.55 -8.04 16.96
CA ARG N 99 1.81 -9.26 17.77
C ARG N 99 0.47 -9.87 18.19
N THR N 100 -0.39 -10.18 17.23
CA THR N 100 -1.74 -10.72 17.50
C THR N 100 -1.67 -11.91 18.47
N LEU N 101 -2.50 -11.89 19.51
CA LEU N 101 -2.52 -12.98 20.50
C LEU N 101 -3.86 -13.71 20.41
N TYR N 102 -3.85 -15.03 20.27
CA TYR N 102 -5.11 -15.81 20.25
C TYR N 102 -5.33 -16.43 21.64
N GLY N 103 -6.58 -16.51 22.11
CA GLY N 103 -6.86 -17.20 23.39
C GLY N 103 -7.42 -16.31 24.48
N PHE N 104 -7.46 -14.99 24.27
CA PHE N 104 -7.91 -14.08 25.35
C PHE N 104 -9.07 -13.21 24.86
N GLY N 105 -9.95 -13.77 24.03
CA GLY N 105 -11.12 -13.01 23.54
C GLY N 105 -10.83 -12.31 22.23
N GLY N 106 -9.93 -12.86 21.41
CA GLY N 106 -9.54 -12.23 20.15
C GLY N 106 -8.03 -12.25 20.02
N LYS O 19 -36.47 -21.69 6.69
CA LYS O 19 -35.26 -22.46 6.29
C LYS O 19 -34.05 -21.53 6.41
N THR O 20 -33.06 -21.91 7.22
CA THR O 20 -31.87 -21.04 7.46
C THR O 20 -31.06 -20.93 6.16
N ARG O 21 -30.41 -19.79 5.95
CA ARG O 21 -29.55 -19.62 4.75
C ARG O 21 -28.38 -20.60 4.83
N SER O 22 -27.95 -20.95 6.04
CA SER O 22 -26.84 -21.94 6.22
C SER O 22 -27.27 -23.29 5.63
N SER O 23 -28.48 -23.75 5.95
CA SER O 23 -28.96 -25.06 5.44
C SER O 23 -29.13 -24.99 3.92
N ARG O 24 -29.56 -23.83 3.40
CA ARG O 24 -29.70 -23.66 1.93
C ARG O 24 -28.33 -23.77 1.26
N ALA O 25 -27.27 -23.33 1.94
CA ALA O 25 -25.92 -23.36 1.36
C ALA O 25 -25.21 -24.66 1.76
N GLY O 26 -25.86 -25.51 2.56
CA GLY O 26 -25.24 -26.76 3.04
C GLY O 26 -24.04 -26.48 3.93
N LEU O 27 -24.17 -25.52 4.86
CA LEU O 27 -23.02 -25.13 5.70
C LEU O 27 -23.36 -25.29 7.18
N GLN O 28 -22.34 -25.45 8.04
CA GLN O 28 -22.57 -25.52 9.51
C GLN O 28 -22.37 -24.11 10.06
N PHE O 29 -21.60 -23.27 9.37
CA PHE O 29 -21.33 -21.88 9.83
C PHE O 29 -22.56 -21.00 9.59
N PRO O 30 -22.82 -19.98 10.43
CA PRO O 30 -24.05 -19.17 10.31
C PRO O 30 -24.01 -18.06 9.25
N VAL O 31 -24.73 -18.27 8.14
CA VAL O 31 -24.75 -17.26 7.04
C VAL O 31 -25.45 -15.99 7.55
N GLY O 32 -26.58 -16.14 8.24
CA GLY O 32 -27.34 -14.98 8.75
C GLY O 32 -26.50 -14.11 9.68
N ARG O 33 -25.79 -14.73 10.62
CA ARG O 33 -24.92 -13.97 11.56
C ARG O 33 -23.80 -13.29 10.77
N VAL O 34 -23.15 -14.03 9.86
CA VAL O 34 -22.04 -13.46 9.04
C VAL O 34 -22.58 -12.24 8.26
N HIS O 35 -23.78 -12.35 7.69
CA HIS O 35 -24.39 -11.21 6.95
C HIS O 35 -24.52 -10.00 7.88
N ARG O 36 -25.07 -10.20 9.07
CA ARG O 36 -25.25 -9.08 10.04
C ARG O 36 -23.89 -8.47 10.39
N LEU O 37 -22.89 -9.31 10.63
CA LEU O 37 -21.54 -8.81 11.02
C LEU O 37 -20.94 -7.99 9.87
N LEU O 38 -21.19 -8.40 8.62
CA LEU O 38 -20.70 -7.61 7.45
C LEU O 38 -21.46 -6.29 7.39
N ARG O 39 -22.78 -6.33 7.57
CA ARG O 39 -23.62 -5.10 7.46
C ARG O 39 -23.28 -4.11 8.58
N LYS O 40 -22.94 -4.60 9.77
CA LYS O 40 -22.71 -3.68 10.93
C LYS O 40 -21.21 -3.50 11.18
N GLY O 41 -20.36 -3.96 10.27
CA GLY O 41 -18.90 -3.89 10.52
C GLY O 41 -18.25 -2.71 9.81
N ASN O 42 -19.05 -1.80 9.24
CA ASN O 42 -18.53 -0.62 8.51
C ASN O 42 -17.55 -1.07 7.43
N TYR O 43 -17.98 -2.00 6.58
CA TYR O 43 -17.11 -2.47 5.46
C TYR O 43 -17.57 -1.81 4.17
N SER O 44 -18.88 -1.76 3.94
CA SER O 44 -19.42 -1.13 2.71
C SER O 44 -20.84 -0.60 2.98
N GLU O 45 -21.41 0.13 2.02
CA GLU O 45 -22.79 0.62 2.16
C GLU O 45 -23.75 -0.56 2.01
N ARG O 46 -23.50 -1.43 1.02
CA ARG O 46 -24.42 -2.56 0.75
C ARG O 46 -23.65 -3.89 0.76
N VAL O 47 -24.35 -5.00 1.04
CA VAL O 47 -23.71 -6.35 1.04
C VAL O 47 -24.55 -7.28 0.17
N GLY O 48 -23.93 -7.90 -0.85
CA GLY O 48 -24.64 -8.83 -1.74
C GLY O 48 -25.16 -10.07 -1.00
N ALA O 49 -26.12 -10.77 -1.58
CA ALA O 49 -26.73 -11.96 -0.91
C ALA O 49 -25.72 -13.12 -0.88
N GLY O 50 -24.82 -13.19 -1.87
CA GLY O 50 -23.86 -14.31 -1.95
C GLY O 50 -22.63 -14.09 -1.08
N ALA O 51 -22.34 -12.84 -0.73
CA ALA O 51 -21.11 -12.53 0.06
C ALA O 51 -21.08 -13.28 1.40
N PRO O 52 -22.10 -13.20 2.29
CA PRO O 52 -22.08 -13.97 3.54
C PRO O 52 -21.97 -15.48 3.31
N VAL O 53 -22.66 -15.99 2.29
CA VAL O 53 -22.60 -17.45 1.96
C VAL O 53 -21.14 -17.81 1.64
N TYR O 54 -20.51 -17.05 0.74
CA TYR O 54 -19.11 -17.33 0.35
C TYR O 54 -18.21 -17.22 1.59
N LEU O 55 -18.32 -16.13 2.35
CA LEU O 55 -17.44 -15.92 3.53
C LEU O 55 -17.63 -17.06 4.53
N ALA O 56 -18.88 -17.42 4.83
CA ALA O 56 -19.16 -18.50 5.82
C ALA O 56 -18.49 -19.80 5.37
N ALA O 57 -18.59 -20.13 4.08
CA ALA O 57 -18.00 -21.39 3.56
C ALA O 57 -16.48 -21.37 3.74
N VAL O 58 -15.86 -20.22 3.46
CA VAL O 58 -14.38 -20.10 3.58
C VAL O 58 -13.98 -20.29 5.05
N LEU O 59 -14.65 -19.57 5.96
CA LEU O 59 -14.38 -19.71 7.42
C LEU O 59 -14.53 -21.19 7.81
N GLU O 60 -15.61 -21.83 7.37
CA GLU O 60 -15.87 -23.25 7.71
C GLU O 60 -14.71 -24.12 7.19
N TYR O 61 -14.30 -23.90 5.92
CA TYR O 61 -13.22 -24.72 5.33
C TYR O 61 -11.95 -24.59 6.17
N LEU O 62 -11.57 -23.35 6.53
CA LEU O 62 -10.33 -23.12 7.30
C LEU O 62 -10.42 -23.80 8.66
N THR O 63 -11.56 -23.68 9.36
CA THR O 63 -11.74 -24.32 10.69
C THR O 63 -11.59 -25.84 10.52
N ALA O 64 -12.28 -26.42 9.54
CA ALA O 64 -12.19 -27.88 9.30
C ALA O 64 -10.73 -28.30 9.12
N GLU O 65 -9.98 -27.57 8.28
CA GLU O 65 -8.56 -27.91 8.01
C GLU O 65 -7.79 -27.95 9.33
N ILE O 66 -7.83 -26.85 10.09
CA ILE O 66 -7.07 -26.78 11.37
C ILE O 66 -7.53 -27.89 12.31
N LEU O 67 -8.85 -28.04 12.49
CA LEU O 67 -9.39 -29.04 13.45
C LEU O 67 -8.95 -30.46 13.05
N GLU O 68 -9.01 -30.79 11.75
CA GLU O 68 -8.60 -32.13 11.28
C GLU O 68 -7.13 -32.35 11.64
N LEU O 69 -6.27 -31.37 11.35
CA LEU O 69 -4.83 -31.50 11.64
C LEU O 69 -4.59 -31.52 13.14
N ALA O 70 -5.37 -30.76 13.91
CA ALA O 70 -5.21 -30.71 15.39
C ALA O 70 -5.68 -32.03 16.01
N GLY O 71 -6.78 -32.59 15.51
CA GLY O 71 -7.26 -33.89 16.00
C GLY O 71 -6.24 -34.98 15.75
N ASN O 72 -5.58 -34.94 14.59
CA ASN O 72 -4.51 -35.92 14.28
C ASN O 72 -3.39 -35.77 15.31
N ALA O 73 -2.98 -34.54 15.59
CA ALA O 73 -1.92 -34.28 16.60
C ALA O 73 -2.36 -34.80 17.98
N ALA O 74 -3.63 -34.61 18.33
CA ALA O 74 -4.16 -35.12 19.62
C ALA O 74 -4.03 -36.64 19.65
N ARG O 75 -4.46 -37.32 18.57
CA ARG O 75 -4.40 -38.80 18.50
C ARG O 75 -2.95 -39.26 18.61
N ASP O 76 -2.02 -38.54 17.96
CA ASP O 76 -0.58 -38.88 18.03
C ASP O 76 -0.07 -38.73 19.48
N ASN O 77 -0.71 -37.86 20.26
CA ASN O 77 -0.31 -37.66 21.68
C ASN O 77 -1.19 -38.53 22.58
N LYS O 78 -1.87 -39.52 22.00
CA LYS O 78 -2.76 -40.43 22.77
C LYS O 78 -3.79 -39.61 23.57
N LYS O 79 -4.24 -38.47 23.01
CA LYS O 79 -5.27 -37.63 23.70
C LYS O 79 -6.58 -37.68 22.91
N THR O 80 -7.71 -37.51 23.59
CA THR O 80 -9.04 -37.54 22.92
C THR O 80 -9.62 -36.12 22.88
N ARG O 81 -8.93 -35.15 23.47
CA ARG O 81 -9.40 -33.75 23.45
C ARG O 81 -8.32 -32.85 22.85
N ILE O 82 -8.71 -31.92 21.99
CA ILE O 82 -7.74 -30.97 21.37
C ILE O 82 -7.40 -29.89 22.39
N ILE O 83 -6.11 -29.57 22.57
CA ILE O 83 -5.69 -28.47 23.48
C ILE O 83 -4.89 -27.47 22.63
N PRO O 84 -4.60 -26.24 23.11
CA PRO O 84 -3.79 -25.28 22.34
C PRO O 84 -2.49 -25.86 21.77
N ARG O 85 -1.83 -26.76 22.52
CA ARG O 85 -0.59 -27.41 22.02
C ARG O 85 -0.87 -28.06 20.67
N HIS O 86 -1.95 -28.85 20.58
CA HIS O 86 -2.27 -29.57 19.32
C HIS O 86 -2.51 -28.57 18.18
N LEU O 87 -3.19 -27.46 18.47
CA LEU O 87 -3.44 -26.42 17.44
C LEU O 87 -2.10 -25.83 16.97
N GLN O 88 -1.22 -25.52 17.92
CA GLN O 88 0.11 -24.94 17.57
C GLN O 88 0.87 -25.96 16.70
N LEU O 89 0.87 -27.23 17.10
CA LEU O 89 1.56 -28.29 16.31
C LEU O 89 1.00 -28.31 14.89
N ALA O 90 -0.33 -28.32 14.74
CA ALA O 90 -0.96 -28.39 13.40
C ALA O 90 -0.57 -27.16 12.57
N ILE O 91 -0.57 -25.96 13.16
CA ILE O 91 -0.31 -24.73 12.36
C ILE O 91 1.17 -24.63 11.99
N ARG O 92 2.08 -24.85 12.95
CA ARG O 92 3.53 -24.64 12.66
C ARG O 92 4.10 -25.75 11.78
N ASN O 93 3.46 -26.93 11.74
CA ASN O 93 3.98 -28.06 10.95
C ASN O 93 3.43 -27.99 9.51
N ASP O 94 2.60 -26.99 9.21
CA ASP O 94 2.04 -26.81 7.85
C ASP O 94 2.55 -25.48 7.28
N GLU O 95 3.33 -25.53 6.19
CA GLU O 95 3.93 -24.29 5.61
C GLU O 95 2.84 -23.24 5.34
N GLU O 96 1.73 -23.64 4.74
CA GLU O 96 0.68 -22.64 4.35
C GLU O 96 -0.01 -22.06 5.59
N LEU O 97 -0.41 -22.91 6.55
CA LEU O 97 -1.08 -22.43 7.79
C LEU O 97 -0.09 -21.58 8.59
N ASN O 98 1.18 -21.97 8.61
CA ASN O 98 2.22 -21.19 9.34
C ASN O 98 2.32 -19.81 8.70
N LYS O 99 2.33 -19.73 7.37
CA LYS O 99 2.41 -18.43 6.66
C LYS O 99 1.18 -17.59 6.99
N LEU O 100 -0.01 -18.18 6.89
CA LEU O 100 -1.28 -17.45 7.19
C LEU O 100 -1.21 -16.91 8.63
N LEU O 101 -0.75 -17.72 9.58
CA LEU O 101 -0.74 -17.29 11.00
C LEU O 101 0.67 -16.94 11.44
N GLY O 102 1.45 -16.27 10.57
CA GLY O 102 2.86 -15.94 10.88
C GLY O 102 2.98 -15.01 12.07
N ARG O 103 2.24 -13.90 12.07
CA ARG O 103 2.33 -12.91 13.17
C ARG O 103 1.30 -13.20 14.25
N VAL O 104 1.04 -14.48 14.52
CA VAL O 104 -0.02 -14.86 15.51
C VAL O 104 0.63 -15.66 16.65
N THR O 105 0.26 -15.37 17.90
CA THR O 105 0.77 -16.13 19.06
C THR O 105 -0.36 -16.99 19.64
N ILE O 106 -0.18 -18.31 19.67
CA ILE O 106 -1.19 -19.20 20.30
C ILE O 106 -0.86 -19.31 21.78
N ALA O 107 -1.75 -18.79 22.64
CA ALA O 107 -1.51 -18.88 24.11
C ALA O 107 -1.40 -20.35 24.52
N GLN O 108 -0.44 -20.67 25.41
CA GLN O 108 -0.24 -22.06 25.90
C GLN O 108 -0.02 -23.02 24.71
N GLY O 109 0.58 -22.53 23.63
CA GLY O 109 0.85 -23.39 22.46
C GLY O 109 2.26 -23.94 22.49
N GLY O 110 3.19 -23.25 23.15
CA GLY O 110 4.60 -23.69 23.18
C GLY O 110 5.29 -23.51 21.84
N VAL O 111 6.39 -24.22 21.60
CA VAL O 111 7.16 -24.08 20.33
C VAL O 111 7.42 -25.46 19.73
N LEU O 112 7.94 -25.50 18.50
CA LEU O 112 8.30 -26.80 17.89
C LEU O 112 9.65 -27.25 18.45
N PRO O 113 9.82 -28.52 18.84
CA PRO O 113 11.13 -29.02 19.28
C PRO O 113 12.14 -28.84 18.14
N ASN O 114 13.12 -27.94 18.32
CA ASN O 114 14.12 -27.66 17.26
C ASN O 114 15.47 -27.31 17.89
N ILE O 115 16.49 -28.14 17.69
CA ILE O 115 17.86 -27.83 18.21
C ILE O 115 18.81 -27.73 17.01
N SER P 40 -20.58 -16.26 20.12
CA SER P 40 -19.28 -16.86 19.75
C SER P 40 -19.52 -17.93 18.69
N TYR P 41 -18.45 -18.45 18.08
CA TYR P 41 -18.58 -19.48 17.03
C TYR P 41 -18.41 -20.89 17.64
N SER P 42 -18.45 -21.00 18.97
CA SER P 42 -18.20 -22.29 19.64
C SER P 42 -19.07 -23.42 19.07
N ILE P 43 -20.39 -23.20 19.00
CA ILE P 43 -21.33 -24.26 18.52
C ILE P 43 -20.90 -24.73 17.12
N TYR P 44 -20.59 -23.80 16.22
CA TYR P 44 -20.25 -24.16 14.82
C TYR P 44 -18.89 -24.87 14.75
N VAL P 45 -17.92 -24.43 15.54
CA VAL P 45 -16.59 -25.11 15.59
C VAL P 45 -16.81 -26.56 16.05
N TYR P 46 -17.65 -26.76 17.07
CA TYR P 46 -17.93 -28.13 17.59
C TYR P 46 -18.62 -28.96 16.50
N LYS P 47 -19.62 -28.39 15.82
CA LYS P 47 -20.32 -29.13 14.72
C LYS P 47 -19.28 -29.59 13.70
N VAL P 48 -18.40 -28.69 13.26
CA VAL P 48 -17.37 -29.03 12.24
C VAL P 48 -16.42 -30.10 12.80
N LEU P 49 -16.01 -29.95 14.06
CA LEU P 49 -15.10 -30.94 14.70
C LEU P 49 -15.75 -32.33 14.66
N LYS P 50 -17.04 -32.43 14.97
CA LYS P 50 -17.72 -33.75 15.02
C LYS P 50 -17.79 -34.35 13.61
N GLN P 51 -17.76 -33.52 12.57
CA GLN P 51 -17.76 -34.03 11.17
C GLN P 51 -16.37 -34.58 10.80
N VAL P 52 -15.30 -33.86 11.17
CA VAL P 52 -13.93 -34.28 10.74
C VAL P 52 -13.36 -35.30 11.74
N HIS P 53 -13.79 -35.24 13.01
CA HIS P 53 -13.27 -36.16 14.06
C HIS P 53 -14.41 -36.49 15.03
N PRO P 54 -15.30 -37.45 14.73
CA PRO P 54 -16.47 -37.73 15.58
C PRO P 54 -16.15 -38.09 17.04
N ASP P 55 -14.99 -38.67 17.31
CA ASP P 55 -14.67 -39.13 18.70
C ASP P 55 -13.72 -38.14 19.38
N THR P 56 -13.48 -36.97 18.79
CA THR P 56 -12.50 -36.01 19.37
C THR P 56 -13.22 -34.81 19.97
N GLY P 57 -12.89 -34.45 21.22
CA GLY P 57 -13.48 -33.26 21.85
C GLY P 57 -12.52 -32.09 21.78
N ILE P 58 -12.77 -31.05 22.59
CA ILE P 58 -11.92 -29.82 22.55
C ILE P 58 -11.98 -29.13 23.91
N SER P 59 -10.84 -28.61 24.38
CA SER P 59 -10.79 -27.89 25.68
C SER P 59 -11.34 -26.46 25.51
N SER P 60 -11.72 -25.82 26.61
CA SER P 60 -12.22 -24.42 26.55
C SER P 60 -11.12 -23.50 26.02
N LYS P 61 -9.87 -23.71 26.46
CA LYS P 61 -8.73 -22.88 26.00
C LYS P 61 -8.61 -23.03 24.47
N ALA P 62 -8.64 -24.27 23.97
CA ALA P 62 -8.52 -24.51 22.52
C ALA P 62 -9.71 -23.89 21.79
N MET P 63 -10.91 -23.94 22.40
CA MET P 63 -12.11 -23.32 21.78
C MET P 63 -11.89 -21.80 21.66
N GLY P 64 -11.33 -21.18 22.71
CA GLY P 64 -11.02 -19.73 22.65
C GLY P 64 -10.07 -19.41 21.51
N ILE P 65 -9.04 -20.24 21.30
CA ILE P 65 -8.11 -20.03 20.16
C ILE P 65 -8.91 -20.07 18.86
N MET P 66 -9.77 -21.08 18.69
CA MET P 66 -10.55 -21.23 17.44
C MET P 66 -11.44 -20.00 17.23
N ASN P 67 -12.10 -19.52 18.30
CA ASN P 67 -12.96 -18.32 18.20
C ASN P 67 -12.11 -17.13 17.74
N SER P 68 -10.96 -16.91 18.38
CA SER P 68 -10.04 -15.82 17.96
C SER P 68 -9.67 -15.99 16.48
N PHE P 69 -9.36 -17.22 16.06
CA PHE P 69 -8.95 -17.49 14.66
C PHE P 69 -10.06 -17.06 13.70
N VAL P 70 -11.29 -17.53 13.93
CA VAL P 70 -12.42 -17.22 13.00
C VAL P 70 -12.58 -15.69 12.93
N ASN P 71 -12.65 -15.04 14.08
CA ASN P 71 -12.82 -13.55 14.12
C ASN P 71 -11.70 -12.89 13.33
N ASP P 72 -10.45 -13.30 13.55
CA ASP P 72 -9.30 -12.69 12.85
C ASP P 72 -9.46 -12.84 11.33
N ILE P 73 -9.67 -14.07 10.85
CA ILE P 73 -9.77 -14.31 9.38
C ILE P 73 -10.95 -13.50 8.84
N PHE P 74 -12.10 -13.52 9.53
CA PHE P 74 -13.27 -12.72 9.10
C PHE P 74 -12.82 -11.27 8.84
N GLU P 75 -12.19 -10.65 9.85
CA GLU P 75 -11.74 -9.23 9.72
C GLU P 75 -10.85 -9.09 8.49
N ARG P 76 -9.83 -9.93 8.36
CA ARG P 76 -8.87 -9.82 7.23
C ARG P 76 -9.65 -9.83 5.90
N ILE P 77 -10.48 -10.84 5.69
CA ILE P 77 -11.22 -10.98 4.40
C ILE P 77 -12.15 -9.78 4.21
N ALA P 78 -12.99 -9.47 5.20
CA ALA P 78 -13.96 -8.36 5.07
C ALA P 78 -13.22 -7.04 4.80
N GLY P 79 -12.11 -6.81 5.50
CA GLY P 79 -11.33 -5.56 5.32
C GLY P 79 -10.75 -5.46 3.93
N GLU P 80 -10.20 -6.56 3.41
CA GLU P 80 -9.65 -6.55 2.02
C GLU P 80 -10.81 -6.34 1.03
N ALA P 81 -11.93 -7.05 1.24
CA ALA P 81 -13.11 -6.89 0.34
C ALA P 81 -13.57 -5.43 0.35
N SER P 82 -13.55 -4.80 1.54
CA SER P 82 -13.95 -3.38 1.66
C SER P 82 -13.02 -2.52 0.81
N ARG P 83 -11.71 -2.73 0.92
CA ARG P 83 -10.71 -1.96 0.14
C ARG P 83 -10.98 -2.17 -1.36
N LEU P 84 -11.16 -3.42 -1.79
CA LEU P 84 -11.40 -3.72 -3.23
C LEU P 84 -12.61 -2.92 -3.72
N ALA P 85 -13.73 -2.98 -3.00
CA ALA P 85 -14.94 -2.23 -3.40
C ALA P 85 -14.61 -0.74 -3.53
N HIS P 86 -13.95 -0.17 -2.52
CA HIS P 86 -13.60 1.28 -2.54
C HIS P 86 -12.68 1.60 -3.71
N TYR P 87 -11.66 0.76 -3.94
CA TYR P 87 -10.68 0.98 -5.04
C TYR P 87 -11.43 1.03 -6.38
N ASN P 88 -12.46 0.20 -6.53
CA ASN P 88 -13.19 0.11 -7.82
C ASN P 88 -14.44 1.00 -7.80
N LYS P 89 -14.53 1.92 -6.83
CA LYS P 89 -15.68 2.85 -6.73
C LYS P 89 -17.00 2.07 -6.73
N ARG P 90 -17.07 1.00 -5.93
CA ARG P 90 -18.32 0.21 -5.81
C ARG P 90 -18.85 0.37 -4.39
N SER P 91 -20.16 0.29 -4.19
CA SER P 91 -20.76 0.48 -2.85
C SER P 91 -21.19 -0.87 -2.27
N THR P 92 -21.04 -1.96 -3.04
CA THR P 92 -21.54 -3.28 -2.57
C THR P 92 -20.41 -4.30 -2.45
N ILE P 93 -20.34 -5.02 -1.34
CA ILE P 93 -19.35 -6.14 -1.23
C ILE P 93 -20.09 -7.40 -1.68
N THR P 94 -19.67 -8.00 -2.80
CA THR P 94 -20.37 -9.21 -3.33
C THR P 94 -19.46 -10.43 -3.20
N SER P 95 -19.91 -11.57 -3.69
CA SER P 95 -19.10 -12.82 -3.63
C SER P 95 -17.82 -12.65 -4.44
N ARG P 96 -17.84 -11.81 -5.48
CA ARG P 96 -16.63 -11.54 -6.30
C ARG P 96 -15.56 -10.87 -5.43
N GLU P 97 -15.94 -9.88 -4.62
CA GLU P 97 -14.98 -9.19 -3.73
C GLU P 97 -14.41 -10.19 -2.73
N ILE P 98 -15.27 -11.05 -2.16
CA ILE P 98 -14.81 -12.06 -1.17
C ILE P 98 -13.80 -12.99 -1.87
N GLN P 99 -14.15 -13.49 -3.06
CA GLN P 99 -13.26 -14.43 -3.79
C GLN P 99 -11.89 -13.77 -4.00
N THR P 100 -11.86 -12.54 -4.49
CA THR P 100 -10.58 -11.82 -4.74
C THR P 100 -9.81 -11.66 -3.43
N ALA P 101 -10.50 -11.26 -2.35
CA ALA P 101 -9.84 -11.12 -1.03
C ALA P 101 -9.21 -12.46 -0.62
N VAL P 102 -9.94 -13.57 -0.80
CA VAL P 102 -9.42 -14.91 -0.44
C VAL P 102 -8.13 -15.20 -1.23
N ARG P 103 -8.12 -14.90 -2.53
CA ARG P 103 -6.92 -15.13 -3.37
C ARG P 103 -5.74 -14.30 -2.84
N LEU P 104 -6.01 -13.07 -2.39
CA LEU P 104 -4.92 -12.16 -1.93
C LEU P 104 -4.39 -12.59 -0.55
N LEU P 105 -5.27 -13.12 0.32
CA LEU P 105 -4.85 -13.41 1.71
C LEU P 105 -4.40 -14.87 1.90
N LEU P 106 -5.19 -15.84 1.44
CA LEU P 106 -4.86 -17.26 1.70
C LEU P 106 -3.71 -17.72 0.82
N PRO P 107 -2.65 -18.36 1.38
CA PRO P 107 -1.50 -18.81 0.60
C PRO P 107 -1.63 -20.14 -0.15
N GLY P 108 -1.17 -20.19 -1.41
CA GLY P 108 -1.13 -21.46 -2.18
C GLY P 108 -2.43 -22.23 -2.28
N GLU P 109 -2.39 -23.53 -1.95
CA GLU P 109 -3.58 -24.41 -2.11
C GLU P 109 -4.69 -24.04 -1.12
N LEU P 110 -4.36 -23.36 -0.01
CA LEU P 110 -5.43 -22.89 0.90
C LEU P 110 -6.42 -22.06 0.09
N ALA P 111 -5.92 -21.13 -0.73
CA ALA P 111 -6.79 -20.27 -1.57
C ALA P 111 -7.57 -21.15 -2.56
N LYS P 112 -6.87 -22.04 -3.27
CA LYS P 112 -7.52 -22.90 -4.29
C LYS P 112 -8.74 -23.62 -3.68
N HIS P 113 -8.56 -24.29 -2.53
CA HIS P 113 -9.67 -25.07 -1.93
C HIS P 113 -10.74 -24.15 -1.32
N ALA P 114 -10.33 -23.05 -0.69
CA ALA P 114 -11.29 -22.11 -0.10
C ALA P 114 -12.21 -21.56 -1.20
N VAL P 115 -11.63 -21.21 -2.35
CA VAL P 115 -12.43 -20.68 -3.49
C VAL P 115 -13.43 -21.76 -3.93
N SER P 116 -12.97 -23.01 -4.08
CA SER P 116 -13.89 -24.12 -4.44
C SER P 116 -15.05 -24.18 -3.45
N GLU P 117 -14.75 -24.19 -2.14
CA GLU P 117 -15.80 -24.28 -1.10
C GLU P 117 -16.79 -23.12 -1.24
N GLY P 118 -16.28 -21.89 -1.32
CA GLY P 118 -17.16 -20.71 -1.44
C GLY P 118 -18.04 -20.78 -2.68
N THR P 119 -17.45 -21.16 -3.83
CA THR P 119 -18.22 -21.22 -5.10
C THR P 119 -19.31 -22.29 -4.97
N LYS P 120 -18.96 -23.46 -4.43
CA LYS P 120 -19.95 -24.56 -4.26
C LYS P 120 -21.11 -24.07 -3.39
N ALA P 121 -20.79 -23.39 -2.28
CA ALA P 121 -21.84 -22.93 -1.34
C ALA P 121 -22.79 -21.95 -2.04
N VAL P 122 -22.24 -20.97 -2.76
CA VAL P 122 -23.08 -19.96 -3.47
C VAL P 122 -23.97 -20.68 -4.49
N THR P 123 -23.40 -21.61 -5.28
CA THR P 123 -24.19 -22.37 -6.28
C THR P 123 -25.35 -23.11 -5.59
N LYS P 124 -25.06 -23.84 -4.51
CA LYS P 124 -26.11 -24.61 -3.78
C LYS P 124 -27.16 -23.64 -3.24
N TYR P 125 -26.73 -22.51 -2.68
CA TYR P 125 -27.68 -21.52 -2.10
C TYR P 125 -28.60 -20.95 -3.17
N THR P 126 -28.05 -20.63 -4.35
CA THR P 126 -28.87 -19.99 -5.41
C THR P 126 -29.92 -20.99 -5.93
N GLU Q 63 39.03 -23.00 -39.33
CA GLU Q 63 38.10 -23.59 -40.32
C GLU Q 63 38.42 -25.08 -40.55
N LEU Q 64 37.43 -25.84 -41.03
CA LEU Q 64 37.64 -27.28 -41.33
C LEU Q 64 38.52 -27.40 -42.58
N LEU Q 65 39.46 -28.34 -42.59
CA LEU Q 65 40.44 -28.44 -43.72
C LEU Q 65 40.07 -29.55 -44.71
N ILE Q 66 39.17 -30.46 -44.33
CA ILE Q 66 38.71 -31.51 -45.27
C ILE Q 66 37.48 -30.96 -46.01
N ARG Q 67 37.39 -31.19 -47.33
CA ARG Q 67 36.19 -30.76 -48.09
C ARG Q 67 34.96 -31.45 -47.49
N LYS Q 68 33.85 -30.72 -47.31
CA LYS Q 68 32.66 -31.28 -46.63
C LYS Q 68 32.01 -32.42 -47.44
N LEU Q 69 31.70 -32.19 -48.71
CA LEU Q 69 30.97 -33.22 -49.51
C LEU Q 69 31.73 -34.56 -49.54
N PRO Q 70 33.02 -34.65 -49.93
CA PRO Q 70 33.73 -35.92 -49.89
C PRO Q 70 33.69 -36.59 -48.50
N PHE Q 71 33.87 -35.79 -47.44
CA PHE Q 71 33.83 -36.36 -46.07
C PHE Q 71 32.46 -36.97 -45.79
N GLN Q 72 31.40 -36.25 -46.16
CA GLN Q 72 30.01 -36.77 -45.95
C GLN Q 72 29.88 -38.13 -46.65
N ARG Q 73 30.36 -38.24 -47.89
CA ARG Q 73 30.28 -39.51 -48.65
C ARG Q 73 30.98 -40.63 -47.89
N LEU Q 74 32.18 -40.34 -47.36
CA LEU Q 74 32.96 -41.35 -46.58
C LEU Q 74 32.13 -41.78 -45.37
N VAL Q 75 31.60 -40.82 -44.61
CA VAL Q 75 30.78 -41.14 -43.40
C VAL Q 75 29.64 -42.07 -43.80
N ARG Q 76 28.90 -41.73 -44.86
CA ARG Q 76 27.73 -42.55 -45.26
C ARG Q 76 28.19 -43.93 -45.72
N GLU Q 77 29.29 -43.99 -46.47
CA GLU Q 77 29.83 -45.29 -46.96
C GLU Q 77 30.21 -46.17 -45.76
N ILE Q 78 30.87 -45.59 -44.74
CA ILE Q 78 31.31 -46.38 -43.55
C ILE Q 78 30.07 -46.86 -42.78
N ALA Q 79 29.08 -45.98 -42.60
CA ALA Q 79 27.88 -46.34 -41.79
C ALA Q 79 27.05 -47.43 -42.46
N GLN Q 80 27.12 -47.54 -43.79
CA GLN Q 80 26.32 -48.53 -44.54
C GLN Q 80 26.62 -49.96 -44.04
N ASP Q 81 27.87 -50.21 -43.62
CA ASP Q 81 28.26 -51.57 -43.17
C ASP Q 81 27.65 -51.92 -41.82
N PHE Q 82 27.17 -50.91 -41.07
CA PHE Q 82 26.60 -51.16 -39.72
C PHE Q 82 25.08 -51.25 -39.83
N LYS Q 83 24.47 -50.37 -40.62
CA LYS Q 83 22.99 -50.37 -40.79
C LYS Q 83 22.64 -49.77 -42.15
N THR Q 84 21.67 -50.36 -42.85
CA THR Q 84 21.29 -49.87 -44.20
C THR Q 84 20.26 -48.74 -44.08
N ASP Q 85 20.03 -48.00 -45.17
CA ASP Q 85 19.04 -46.89 -45.20
C ASP Q 85 19.19 -45.98 -43.99
N LEU Q 86 20.43 -45.57 -43.67
CA LEU Q 86 20.66 -44.70 -42.49
C LEU Q 86 20.58 -43.23 -42.92
N ARG Q 87 19.80 -42.43 -42.21
CA ARG Q 87 19.78 -40.97 -42.49
C ARG Q 87 20.76 -40.32 -41.51
N PHE Q 88 21.15 -39.07 -41.76
CA PHE Q 88 22.13 -38.39 -40.88
C PHE Q 88 21.71 -36.93 -40.69
N GLN Q 89 21.65 -36.47 -39.44
CA GLN Q 89 21.38 -35.02 -39.22
C GLN Q 89 22.59 -34.27 -39.78
N SER Q 90 22.37 -33.08 -40.37
CA SER Q 90 23.50 -32.28 -40.88
C SER Q 90 24.53 -32.07 -39.77
N SER Q 91 24.06 -31.79 -38.54
CA SER Q 91 24.97 -31.54 -37.39
C SER Q 91 25.75 -32.81 -37.01
N ALA Q 92 25.17 -33.99 -37.22
CA ALA Q 92 25.87 -35.26 -36.93
C ALA Q 92 27.13 -35.36 -37.80
N VAL Q 93 26.99 -35.10 -39.09
CA VAL Q 93 28.16 -35.16 -40.02
C VAL Q 93 29.18 -34.09 -39.59
N MET Q 94 28.70 -32.90 -39.24
CA MET Q 94 29.61 -31.79 -38.81
C MET Q 94 30.35 -32.20 -37.53
N ALA Q 95 29.63 -32.82 -36.58
CA ALA Q 95 30.27 -33.28 -35.32
C ALA Q 95 31.37 -34.28 -35.66
N LEU Q 96 31.08 -35.25 -36.54
CA LEU Q 96 32.09 -36.26 -36.94
C LEU Q 96 33.29 -35.55 -37.56
N GLN Q 97 33.05 -34.61 -38.47
CA GLN Q 97 34.17 -33.92 -39.17
C GLN Q 97 35.04 -33.19 -38.13
N GLU Q 98 34.43 -32.47 -37.20
CA GLU Q 98 35.21 -31.70 -36.18
C GLU Q 98 36.10 -32.66 -35.39
N ALA Q 99 35.52 -33.78 -34.92
CA ALA Q 99 36.27 -34.75 -34.10
C ALA Q 99 37.43 -35.35 -34.91
N CYS Q 100 37.15 -35.78 -36.14
CA CYS Q 100 38.19 -36.44 -36.98
C CYS Q 100 39.36 -35.47 -37.23
N GLU Q 101 39.05 -34.23 -37.59
CA GLU Q 101 40.12 -33.24 -37.89
C GLU Q 101 40.93 -33.01 -36.61
N ALA Q 102 40.26 -32.81 -35.47
CA ALA Q 102 40.98 -32.61 -34.18
C ALA Q 102 41.88 -33.81 -33.92
N TYR Q 103 41.36 -35.03 -34.09
CA TYR Q 103 42.15 -36.26 -33.83
C TYR Q 103 43.39 -36.29 -34.75
N LEU Q 104 43.20 -36.02 -36.04
CA LEU Q 104 44.35 -36.11 -37.00
C LEU Q 104 45.38 -35.02 -36.72
N VAL Q 105 44.93 -33.80 -36.42
CA VAL Q 105 45.88 -32.69 -36.08
C VAL Q 105 46.68 -33.11 -34.85
N GLY Q 106 45.99 -33.59 -33.80
CA GLY Q 106 46.68 -34.06 -32.58
C GLY Q 106 47.70 -35.15 -32.89
N LEU Q 107 47.33 -36.10 -33.77
CA LEU Q 107 48.24 -37.21 -34.13
C LEU Q 107 49.45 -36.66 -34.90
N PHE Q 108 49.21 -35.71 -35.82
CA PHE Q 108 50.32 -35.12 -36.60
C PHE Q 108 51.29 -34.40 -35.66
N GLU Q 109 50.78 -33.80 -34.59
CA GLU Q 109 51.68 -33.13 -33.60
C GLU Q 109 52.62 -34.17 -32.98
N ASP Q 110 52.08 -35.31 -32.52
CA ASP Q 110 52.90 -36.37 -31.88
C ASP Q 110 53.83 -37.01 -32.92
N THR Q 111 53.32 -37.22 -34.14
CA THR Q 111 54.15 -37.80 -35.24
C THR Q 111 55.35 -36.90 -35.48
N ASN Q 112 55.14 -35.58 -35.50
CA ASN Q 112 56.25 -34.61 -35.71
C ASN Q 112 57.31 -34.80 -34.62
N LEU Q 113 56.88 -34.89 -33.36
CA LEU Q 113 57.84 -35.08 -32.23
C LEU Q 113 58.66 -36.35 -32.45
N CYS Q 114 58.04 -37.43 -32.91
CA CYS Q 114 58.77 -38.70 -33.19
C CYS Q 114 59.83 -38.46 -34.28
N ALA Q 115 59.46 -37.78 -35.37
CA ALA Q 115 60.41 -37.48 -36.46
C ALA Q 115 61.60 -36.69 -35.92
N ILE Q 116 61.33 -35.60 -35.20
CA ILE Q 116 62.41 -34.74 -34.62
C ILE Q 116 63.29 -35.61 -33.73
N HIS Q 117 62.68 -36.51 -32.96
CA HIS Q 117 63.43 -37.42 -32.05
C HIS Q 117 64.43 -38.26 -32.86
N ALA Q 118 64.06 -38.67 -34.08
CA ALA Q 118 64.98 -39.45 -34.94
C ALA Q 118 65.85 -38.52 -35.78
N LYS Q 119 66.01 -37.26 -35.35
CA LYS Q 119 66.88 -36.27 -36.06
C LYS Q 119 66.40 -36.03 -37.49
N ARG Q 120 65.09 -36.15 -37.74
CA ARG Q 120 64.55 -35.88 -39.09
C ARG Q 120 63.59 -34.69 -39.02
N VAL Q 121 63.35 -34.02 -40.16
CA VAL Q 121 62.35 -32.91 -40.19
C VAL Q 121 61.18 -33.41 -41.04
N THR Q 122 61.29 -34.64 -41.57
CA THR Q 122 60.23 -35.22 -42.43
C THR Q 122 59.46 -36.28 -41.64
N ILE Q 123 58.12 -36.21 -41.66
CA ILE Q 123 57.31 -37.26 -40.97
C ILE Q 123 57.22 -38.49 -41.90
N MET Q 124 57.32 -39.69 -41.33
CA MET Q 124 57.24 -40.94 -42.12
C MET Q 124 56.23 -41.87 -41.45
N PRO Q 125 55.70 -42.92 -42.13
CA PRO Q 125 54.78 -43.87 -41.49
C PRO Q 125 55.27 -44.43 -40.14
N LYS Q 126 56.57 -44.67 -40.01
CA LYS Q 126 57.13 -45.22 -38.74
C LYS Q 126 56.86 -44.25 -37.59
N ASP Q 127 56.85 -42.94 -37.86
CA ASP Q 127 56.55 -41.92 -36.82
C ASP Q 127 55.08 -42.04 -36.41
N ILE Q 128 54.18 -42.11 -37.39
CA ILE Q 128 52.73 -42.28 -37.09
C ILE Q 128 52.57 -43.56 -36.27
N GLN Q 129 53.22 -44.65 -36.68
CA GLN Q 129 53.07 -45.97 -36.00
C GLN Q 129 53.52 -45.85 -34.54
N LEU Q 130 54.69 -45.24 -34.31
CA LEU Q 130 55.21 -45.10 -32.92
C LEU Q 130 54.22 -44.28 -32.08
N ALA Q 131 53.82 -43.11 -32.57
CA ALA Q 131 52.88 -42.23 -31.82
C ALA Q 131 51.66 -43.04 -31.39
N ARG Q 132 51.03 -43.76 -32.33
CA ARG Q 132 49.79 -44.52 -32.03
C ARG Q 132 50.10 -45.62 -31.01
N ARG Q 133 51.20 -46.34 -31.20
CA ARG Q 133 51.58 -47.43 -30.26
C ARG Q 133 51.71 -46.86 -28.84
N ILE Q 134 52.45 -45.75 -28.68
CA ILE Q 134 52.67 -45.16 -27.33
C ILE Q 134 51.33 -44.65 -26.78
N ARG Q 135 50.49 -44.10 -27.65
CA ARG Q 135 49.16 -43.57 -27.21
C ARG Q 135 48.26 -44.71 -26.77
N GLY Q 136 48.60 -45.96 -27.14
CA GLY Q 136 47.76 -47.11 -26.79
C GLY Q 136 46.82 -47.51 -27.93
N GLU Q 137 46.79 -46.72 -29.01
CA GLU Q 137 45.86 -46.99 -30.14
C GLU Q 137 46.20 -48.34 -30.78
N ASN R 29 35.58 -43.72 -51.75
CA ASN R 29 35.23 -42.45 -51.06
C ASN R 29 36.41 -42.01 -50.19
N ILE R 30 37.26 -42.95 -49.77
CA ILE R 30 38.44 -42.64 -48.90
C ILE R 30 39.42 -41.76 -49.68
N GLN R 31 39.41 -41.87 -51.02
CA GLN R 31 40.33 -41.06 -51.86
C GLN R 31 39.86 -39.60 -51.86
N GLY R 32 38.61 -39.34 -51.46
CA GLY R 32 38.11 -37.95 -51.34
C GLY R 32 38.94 -37.19 -50.31
N ILE R 33 39.57 -37.91 -49.37
CA ILE R 33 40.51 -37.26 -48.43
C ILE R 33 41.78 -37.06 -49.24
N THR R 34 41.87 -35.93 -49.95
CA THR R 34 43.00 -35.72 -50.90
C THR R 34 44.33 -35.43 -50.21
N LYS R 35 45.43 -35.52 -50.97
CA LYS R 35 46.77 -35.20 -50.42
C LYS R 35 46.78 -33.75 -49.89
N PRO R 36 46.34 -32.72 -50.64
CA PRO R 36 46.27 -31.35 -50.11
C PRO R 36 45.52 -31.23 -48.77
N ALA R 37 44.40 -31.94 -48.61
CA ALA R 37 43.66 -31.92 -47.32
C ALA R 37 44.56 -32.48 -46.21
N ILE R 38 45.15 -33.65 -46.44
CA ILE R 38 46.05 -34.27 -45.42
C ILE R 38 47.20 -33.31 -45.13
N ARG R 39 47.75 -32.66 -46.16
CA ARG R 39 48.85 -31.68 -45.96
C ARG R 39 48.37 -30.56 -45.04
N ARG R 40 47.17 -30.02 -45.30
CA ARG R 40 46.61 -28.94 -44.45
C ARG R 40 46.53 -29.40 -42.99
N LEU R 41 46.01 -30.61 -42.76
CA LEU R 41 45.92 -31.16 -41.38
C LEU R 41 47.32 -31.22 -40.77
N ALA R 42 48.30 -31.67 -41.54
CA ALA R 42 49.70 -31.76 -41.04
C ALA R 42 50.23 -30.36 -40.73
N ARG R 43 49.90 -29.37 -41.56
CA ARG R 43 50.40 -27.98 -41.36
C ARG R 43 49.85 -27.44 -40.03
N ARG R 44 48.56 -27.67 -39.76
CA ARG R 44 47.96 -27.25 -38.47
C ARG R 44 48.68 -28.01 -37.34
N GLY R 45 49.13 -29.24 -37.60
CA GLY R 45 49.88 -30.01 -36.59
C GLY R 45 51.33 -29.56 -36.49
N GLY R 46 51.74 -28.55 -37.27
CA GLY R 46 53.11 -28.00 -37.19
C GLY R 46 54.12 -28.82 -37.97
N VAL R 47 53.66 -29.58 -38.97
CA VAL R 47 54.58 -30.46 -39.75
C VAL R 47 55.14 -29.66 -40.94
N LYS R 48 56.46 -29.71 -41.14
CA LYS R 48 57.12 -28.92 -42.22
C LYS R 48 57.35 -29.79 -43.47
N ARG R 49 57.77 -31.04 -43.28
CA ARG R 49 58.08 -31.92 -44.43
C ARG R 49 57.30 -33.23 -44.30
N ILE R 50 56.77 -33.76 -45.42
CA ILE R 50 55.90 -34.97 -45.37
C ILE R 50 56.39 -36.00 -46.38
N SER R 51 56.55 -37.27 -45.95
CA SER R 51 56.94 -38.35 -46.89
C SER R 51 55.75 -38.71 -47.78
N GLY R 52 56.00 -39.29 -48.96
CA GLY R 52 54.91 -39.63 -49.90
C GLY R 52 54.04 -40.78 -49.40
N LEU R 53 54.54 -41.58 -48.46
CA LEU R 53 53.78 -42.77 -47.97
C LEU R 53 52.85 -42.37 -46.82
N ILE R 54 52.92 -41.12 -46.37
CA ILE R 54 52.10 -40.67 -45.21
C ILE R 54 50.63 -40.60 -45.61
N TYR R 55 50.33 -40.20 -46.85
CA TYR R 55 48.92 -39.99 -47.28
C TYR R 55 48.11 -41.28 -47.15
N GLU R 56 48.65 -42.40 -47.62
CA GLU R 56 47.94 -43.70 -47.51
C GLU R 56 47.84 -44.10 -46.04
N GLU R 57 48.91 -43.90 -45.27
CA GLU R 57 48.90 -44.25 -43.83
C GLU R 57 47.80 -43.45 -43.13
N THR R 58 47.74 -42.13 -43.38
CA THR R 58 46.73 -41.25 -42.72
C THR R 58 45.32 -41.74 -43.09
N ARG R 59 45.08 -42.02 -44.37
CA ARG R 59 43.76 -42.51 -44.82
C ARG R 59 43.36 -43.74 -43.99
N GLY R 60 44.27 -44.70 -43.82
CA GLY R 60 43.99 -45.91 -43.02
C GLY R 60 43.66 -45.57 -41.58
N VAL R 61 44.45 -44.69 -40.96
CA VAL R 61 44.21 -44.28 -39.54
C VAL R 61 42.83 -43.63 -39.43
N LEU R 62 42.52 -42.68 -40.32
CA LEU R 62 41.22 -41.97 -40.28
C LEU R 62 40.08 -42.99 -40.42
N LYS R 63 40.22 -43.94 -41.34
CA LYS R 63 39.16 -44.97 -41.55
C LYS R 63 38.89 -45.70 -40.24
N VAL R 64 39.95 -46.17 -39.56
CA VAL R 64 39.79 -46.91 -38.28
C VAL R 64 39.05 -46.02 -37.28
N PHE R 65 39.54 -44.79 -37.08
CA PHE R 65 38.90 -43.85 -36.12
C PHE R 65 37.41 -43.69 -36.46
N LEU R 66 37.10 -43.35 -37.72
CA LEU R 66 35.69 -43.11 -38.13
C LEU R 66 34.85 -44.37 -37.85
N GLU R 67 35.32 -45.53 -38.30
CA GLU R 67 34.59 -46.81 -38.08
C GLU R 67 34.24 -46.94 -36.60
N ASN R 68 35.21 -46.76 -35.71
CA ASN R 68 34.98 -46.91 -34.26
C ASN R 68 33.86 -45.98 -33.80
N VAL R 69 33.97 -44.69 -34.13
CA VAL R 69 32.96 -43.69 -33.66
C VAL R 69 31.61 -44.00 -34.29
N ILE R 70 31.57 -44.22 -35.61
CA ILE R 70 30.27 -44.44 -36.30
C ILE R 70 29.59 -45.70 -35.75
N ARG R 71 30.35 -46.78 -35.56
CA ARG R 71 29.79 -48.04 -34.99
C ARG R 71 28.99 -47.71 -33.72
N ASP R 72 29.62 -47.02 -32.76
CA ASP R 72 28.95 -46.70 -31.47
C ASP R 72 27.76 -45.76 -31.70
N ALA R 73 27.93 -44.75 -32.56
CA ALA R 73 26.84 -43.78 -32.82
C ALA R 73 25.62 -44.53 -33.37
N VAL R 74 25.85 -45.47 -34.30
CA VAL R 74 24.73 -46.26 -34.90
C VAL R 74 24.11 -47.14 -33.81
N THR R 75 24.91 -47.71 -32.92
CA THR R 75 24.38 -48.52 -31.80
C THR R 75 23.38 -47.67 -30.99
N TYR R 76 23.75 -46.43 -30.65
CA TYR R 76 22.84 -45.52 -29.91
C TYR R 76 21.58 -45.28 -30.73
N THR R 77 21.74 -45.03 -32.04
CA THR R 77 20.57 -44.80 -32.94
C THR R 77 19.62 -46.00 -32.90
N GLU R 78 20.16 -47.21 -33.06
CA GLU R 78 19.32 -48.44 -33.07
C GLU R 78 18.62 -48.62 -31.73
N HIS R 79 19.32 -48.30 -30.63
CA HIS R 79 18.71 -48.43 -29.27
C HIS R 79 17.53 -47.46 -29.15
N ALA R 80 17.64 -46.28 -29.77
CA ALA R 80 16.53 -45.30 -29.72
C ALA R 80 15.46 -45.67 -30.74
N LYS R 81 15.64 -46.76 -31.48
CA LYS R 81 14.67 -47.20 -32.52
C LYS R 81 14.52 -46.10 -33.58
N ARG R 82 15.59 -45.34 -33.82
CA ARG R 82 15.55 -44.25 -34.82
C ARG R 82 16.19 -44.73 -36.14
N LYS R 83 15.91 -44.04 -37.24
CA LYS R 83 16.54 -44.38 -38.54
C LYS R 83 17.51 -43.25 -38.90
N THR R 84 17.64 -42.26 -38.03
CA THR R 84 18.51 -41.08 -38.32
C THR R 84 19.56 -40.92 -37.22
N VAL R 85 20.85 -40.97 -37.58
CA VAL R 85 21.93 -40.74 -36.58
C VAL R 85 21.88 -39.25 -36.21
N THR R 86 21.75 -38.95 -34.91
CA THR R 86 21.67 -37.53 -34.46
C THR R 86 23.05 -37.04 -34.01
N ALA R 87 23.22 -35.72 -33.87
CA ALA R 87 24.50 -35.18 -33.34
C ALA R 87 24.73 -35.74 -31.94
N MET R 88 23.66 -35.89 -31.16
CA MET R 88 23.77 -36.44 -29.78
C MET R 88 24.39 -37.85 -29.83
N ASP R 89 23.92 -38.70 -30.74
CA ASP R 89 24.50 -40.06 -30.89
C ASP R 89 26.01 -39.96 -31.06
N VAL R 90 26.47 -39.07 -31.96
CA VAL R 90 27.92 -38.88 -32.21
C VAL R 90 28.59 -38.40 -30.92
N VAL R 91 28.03 -37.36 -30.28
CA VAL R 91 28.60 -36.80 -29.02
C VAL R 91 28.78 -37.92 -28.00
N TYR R 92 27.74 -38.75 -27.80
CA TYR R 92 27.81 -39.86 -26.80
C TYR R 92 28.93 -40.82 -27.19
N ALA R 93 29.00 -41.19 -28.47
CA ALA R 93 30.03 -42.14 -28.95
C ALA R 93 31.43 -41.57 -28.66
N LEU R 94 31.64 -40.30 -28.99
CA LEU R 94 32.96 -39.65 -28.75
C LEU R 94 33.25 -39.66 -27.24
N LYS R 95 32.24 -39.32 -26.44
CA LYS R 95 32.43 -39.22 -24.98
C LYS R 95 32.91 -40.57 -24.45
N ARG R 96 32.29 -41.67 -24.87
CA ARG R 96 32.63 -43.01 -24.30
C ARG R 96 33.99 -43.49 -24.82
N GLN R 97 34.47 -42.94 -25.94
CA GLN R 97 35.82 -43.30 -26.45
C GLN R 97 36.85 -42.30 -25.91
N GLY R 98 36.48 -41.50 -24.92
CA GLY R 98 37.42 -40.54 -24.29
C GLY R 98 37.80 -39.37 -25.19
N ARG R 99 36.92 -38.99 -26.13
CA ARG R 99 37.20 -37.83 -27.03
C ARG R 99 36.04 -36.85 -26.92
N ALA S 18 10.84 -73.04 -2.71
CA ALA S 18 11.59 -71.89 -3.25
C ALA S 18 12.51 -72.26 -4.40
N LYS S 19 12.32 -71.64 -5.56
CA LYS S 19 13.21 -71.89 -6.73
C LYS S 19 13.99 -70.60 -7.03
N THR S 20 15.31 -70.66 -6.99
CA THR S 20 16.15 -69.45 -7.20
C THR S 20 15.99 -68.97 -8.66
N ARG S 21 16.08 -67.66 -8.87
CA ARG S 21 16.00 -67.12 -10.25
C ARG S 21 17.20 -67.62 -11.05
N SER S 22 18.33 -67.86 -10.38
CA SER S 22 19.54 -68.40 -11.08
C SER S 22 19.21 -69.77 -11.69
N SER S 23 18.58 -70.66 -10.91
CA SER S 23 18.24 -72.01 -11.40
C SER S 23 17.21 -71.91 -12.53
N ARG S 24 16.28 -70.96 -12.43
CA ARG S 24 15.26 -70.75 -13.50
C ARG S 24 15.97 -70.33 -14.79
N ALA S 25 17.07 -69.57 -14.68
CA ALA S 25 17.79 -69.08 -15.88
C ALA S 25 18.90 -70.08 -16.26
N GLY S 26 19.07 -71.15 -15.47
CA GLY S 26 20.15 -72.13 -15.74
C GLY S 26 21.52 -71.50 -15.58
N LEU S 27 21.71 -70.70 -14.52
CA LEU S 27 23.00 -69.97 -14.33
C LEU S 27 23.64 -70.34 -13.00
N GLN S 28 24.96 -70.19 -12.88
CA GLN S 28 25.66 -70.42 -11.59
C GLN S 28 25.78 -69.08 -10.88
N PHE S 29 25.76 -67.98 -11.64
CA PHE S 29 25.88 -66.62 -11.04
C PHE S 29 24.56 -66.22 -10.36
N PRO S 30 24.59 -65.41 -9.27
CA PRO S 30 23.37 -65.08 -8.51
C PRO S 30 22.51 -63.98 -9.13
N VAL S 31 21.36 -64.35 -9.69
CA VAL S 31 20.43 -63.34 -10.31
C VAL S 31 19.87 -62.45 -9.21
N GLY S 32 19.44 -63.03 -8.09
CA GLY S 32 18.85 -62.25 -6.98
C GLY S 32 19.81 -61.21 -6.43
N ARG S 33 21.07 -61.60 -6.21
CA ARG S 33 22.10 -60.63 -5.72
C ARG S 33 22.33 -59.55 -6.77
N VAL S 34 22.49 -59.95 -8.04
CA VAL S 34 22.72 -58.97 -9.14
C VAL S 34 21.54 -57.98 -9.17
N HIS S 35 20.31 -58.47 -9.02
CA HIS S 35 19.12 -57.58 -9.01
C HIS S 35 19.25 -56.56 -7.89
N ARG S 36 19.58 -57.01 -6.68
CA ARG S 36 19.71 -56.10 -5.51
C ARG S 36 20.81 -55.06 -5.80
N LEU S 37 21.94 -55.50 -6.34
CA LEU S 37 23.08 -54.58 -6.61
C LEU S 37 22.67 -53.54 -7.64
N LEU S 38 21.84 -53.92 -8.63
CA LEU S 38 21.34 -52.94 -9.63
C LEU S 38 20.38 -51.97 -8.93
N ARG S 39 19.47 -52.49 -8.10
CA ARG S 39 18.45 -51.64 -7.44
C ARG S 39 19.11 -50.67 -6.46
N LYS S 40 20.20 -51.08 -5.79
CA LYS S 40 20.81 -50.22 -4.74
C LYS S 40 22.08 -49.53 -5.28
N GLY S 41 22.31 -49.59 -6.58
CA GLY S 41 23.56 -49.03 -7.13
C GLY S 41 23.35 -47.65 -7.75
N ASN S 42 22.17 -47.05 -7.55
CA ASN S 42 21.85 -45.72 -8.11
C ASN S 42 22.10 -45.72 -9.62
N TYR S 43 21.50 -46.68 -10.32
CA TYR S 43 21.64 -46.74 -11.80
C TYR S 43 20.36 -46.20 -12.45
N SER S 44 19.21 -46.61 -11.92
CA SER S 44 17.91 -46.14 -12.47
C SER S 44 16.84 -46.17 -11.37
N GLU S 45 15.66 -45.62 -11.66
CA GLU S 45 14.54 -45.67 -10.69
C GLU S 45 14.02 -47.11 -10.62
N ARG S 46 13.86 -47.76 -11.78
CA ARG S 46 13.28 -49.13 -11.79
C ARG S 46 14.22 -50.09 -12.53
N VAL S 47 14.13 -51.39 -12.23
CA VAL S 47 14.97 -52.43 -12.91
C VAL S 47 14.05 -53.53 -13.41
N GLY S 48 14.09 -53.83 -14.72
CA GLY S 48 13.26 -54.90 -15.32
C GLY S 48 13.61 -56.26 -14.75
N ALA S 49 12.70 -57.23 -14.90
CA ALA S 49 12.93 -58.60 -14.35
C ALA S 49 14.02 -59.32 -15.15
N GLY S 50 14.15 -59.01 -16.45
CA GLY S 50 15.14 -59.70 -17.31
C GLY S 50 16.53 -59.12 -17.19
N ALA S 51 16.64 -57.86 -16.74
CA ALA S 51 17.97 -57.19 -16.67
C ALA S 51 18.96 -57.97 -15.79
N PRO S 52 18.69 -58.31 -14.51
CA PRO S 52 19.62 -59.10 -13.70
C PRO S 52 19.96 -60.45 -14.34
N VAL S 53 18.96 -61.12 -14.93
CA VAL S 53 19.19 -62.43 -15.61
C VAL S 53 20.22 -62.23 -16.73
N TYR S 54 19.98 -61.24 -17.60
CA TYR S 54 20.92 -60.96 -18.72
C TYR S 54 22.31 -60.62 -18.17
N LEU S 55 22.38 -59.70 -17.21
CA LEU S 55 23.68 -59.26 -16.66
C LEU S 55 24.42 -60.47 -16.05
N ALA S 56 23.72 -61.26 -15.23
CA ALA S 56 24.36 -62.43 -14.57
C ALA S 56 24.94 -63.38 -15.61
N ALA S 57 24.19 -63.65 -16.69
CA ALA S 57 24.66 -64.56 -17.75
C ALA S 57 25.94 -64.01 -18.40
N VAL S 58 25.97 -62.70 -18.67
CA VAL S 58 27.15 -62.06 -19.31
C VAL S 58 28.36 -62.19 -18.37
N LEU S 59 28.19 -61.83 -17.09
CA LEU S 59 29.29 -61.96 -16.10
C LEU S 59 29.77 -63.41 -16.08
N GLU S 60 28.84 -64.37 -16.03
CA GLU S 60 29.21 -65.81 -16.00
C GLU S 60 30.01 -66.17 -17.25
N TYR S 61 29.54 -65.74 -18.43
CA TYR S 61 30.24 -66.07 -19.70
C TYR S 61 31.69 -65.56 -19.64
N LEU S 62 31.86 -64.30 -19.23
CA LEU S 62 33.21 -63.69 -19.20
C LEU S 62 34.11 -64.45 -18.23
N THR S 63 33.60 -64.77 -17.03
CA THR S 63 34.40 -65.52 -16.04
C THR S 63 34.80 -66.88 -16.62
N ALA S 64 33.85 -67.60 -17.22
CA ALA S 64 34.16 -68.91 -17.83
C ALA S 64 35.29 -68.77 -18.85
N GLU S 65 35.19 -67.77 -19.74
CA GLU S 65 36.21 -67.57 -20.80
C GLU S 65 37.59 -67.41 -20.14
N ILE S 66 37.71 -66.45 -19.22
CA ILE S 66 39.04 -66.18 -18.57
C ILE S 66 39.50 -67.45 -17.84
N LEU S 67 38.63 -68.07 -17.04
CA LEU S 67 39.04 -69.27 -16.24
C LEU S 67 39.50 -70.40 -17.16
N GLU S 68 38.78 -70.64 -18.27
CA GLU S 68 39.16 -71.72 -19.22
C GLU S 68 40.56 -71.42 -19.76
N LEU S 69 40.80 -70.18 -20.18
CA LEU S 69 42.12 -69.80 -20.75
C LEU S 69 43.19 -69.84 -19.65
N ALA S 70 42.83 -69.46 -18.42
CA ALA S 70 43.81 -69.45 -17.30
C ALA S 70 44.15 -70.89 -16.89
N GLY S 71 43.14 -71.78 -16.87
CA GLY S 71 43.39 -73.19 -16.54
C GLY S 71 44.32 -73.83 -17.56
N ASN S 72 44.14 -73.48 -18.84
CA ASN S 72 45.03 -73.99 -19.91
C ASN S 72 46.46 -73.51 -19.63
N ALA S 73 46.63 -72.23 -19.29
CA ALA S 73 47.97 -71.68 -18.98
C ALA S 73 48.55 -72.42 -17.76
N ALA S 74 47.73 -72.71 -16.75
CA ALA S 74 48.21 -73.46 -15.57
C ALA S 74 48.71 -74.84 -16.00
N ARG S 75 47.93 -75.54 -16.82
CA ARG S 75 48.31 -76.91 -17.29
C ARG S 75 49.61 -76.82 -18.09
N ASP S 76 49.77 -75.78 -18.90
CA ASP S 76 51.01 -75.59 -19.69
C ASP S 76 52.20 -75.36 -18.76
N ASN S 77 51.95 -74.83 -17.56
CA ASN S 77 53.03 -74.58 -16.57
C ASN S 77 53.10 -75.76 -15.61
N LYS S 78 52.49 -76.90 -15.97
CA LYS S 78 52.48 -78.11 -15.11
C LYS S 78 51.94 -77.77 -13.72
N LYS S 79 50.98 -76.83 -13.63
CA LYS S 79 50.37 -76.46 -12.32
C LYS S 79 48.91 -76.93 -12.28
N THR S 80 48.39 -77.21 -11.08
CA THR S 80 46.98 -77.67 -10.94
C THR S 80 46.15 -76.56 -10.30
N ARG S 81 46.78 -75.44 -9.93
CA ARG S 81 46.04 -74.30 -9.34
C ARG S 81 46.31 -73.03 -10.16
N ILE S 82 45.26 -72.26 -10.43
CA ILE S 82 45.41 -70.98 -11.20
C ILE S 82 45.98 -69.92 -10.26
N ILE S 83 47.01 -69.18 -10.71
CA ILE S 83 47.59 -68.06 -9.92
C ILE S 83 47.45 -66.79 -10.76
N PRO S 84 47.64 -65.56 -10.21
CA PRO S 84 47.57 -64.33 -11.01
C PRO S 84 48.39 -64.37 -12.31
N ARG S 85 49.56 -65.02 -12.28
CA ARG S 85 50.40 -65.15 -13.51
C ARG S 85 49.56 -65.78 -14.63
N HIS S 86 48.88 -66.89 -14.33
CA HIS S 86 48.07 -67.60 -15.37
C HIS S 86 46.97 -66.68 -15.90
N LEU S 87 46.34 -65.90 -15.03
CA LEU S 87 45.28 -64.95 -15.46
C LEU S 87 45.89 -63.90 -16.40
N GLN S 88 47.05 -63.34 -16.02
CA GLN S 88 47.72 -62.32 -16.85
C GLN S 88 48.05 -62.93 -18.22
N LEU S 89 48.61 -64.16 -18.22
CA LEU S 89 48.96 -64.84 -19.49
C LEU S 89 47.70 -64.97 -20.36
N ALA S 90 46.59 -65.44 -19.78
CA ALA S 90 45.34 -65.64 -20.55
C ALA S 90 44.84 -64.31 -21.12
N ILE S 91 44.88 -63.24 -20.33
CA ILE S 91 44.30 -61.93 -20.80
C ILE S 91 45.20 -61.29 -21.85
N ARG S 92 46.52 -61.23 -21.61
CA ARG S 92 47.42 -60.50 -22.54
C ARG S 92 47.63 -61.27 -23.85
N ASN S 93 47.42 -62.59 -23.84
CA ASN S 93 47.64 -63.42 -25.06
C ASN S 93 46.36 -63.45 -25.91
N ASP S 94 45.29 -62.79 -25.45
CA ASP S 94 44.02 -62.75 -26.23
C ASP S 94 43.73 -61.29 -26.61
N GLU S 95 43.73 -60.98 -27.91
CA GLU S 95 43.54 -59.58 -28.38
C GLU S 95 42.28 -58.96 -27.76
N GLU S 96 41.16 -59.69 -27.76
CA GLU S 96 39.87 -59.12 -27.26
C GLU S 96 39.91 -58.91 -25.74
N LEU S 97 40.37 -59.90 -24.98
CA LEU S 97 40.46 -59.78 -23.50
C LEU S 97 41.47 -58.67 -23.16
N ASN S 98 42.57 -58.59 -23.91
CA ASN S 98 43.59 -57.54 -23.67
C ASN S 98 42.95 -56.17 -23.87
N LYS S 99 42.16 -56.01 -24.94
CA LYS S 99 41.48 -54.72 -25.23
C LYS S 99 40.49 -54.40 -24.09
N LEU S 100 39.68 -55.38 -23.69
CA LEU S 100 38.69 -55.16 -22.60
C LEU S 100 39.43 -54.72 -21.33
N LEU S 101 40.56 -55.38 -21.01
CA LEU S 101 41.28 -55.07 -19.75
C LEU S 101 42.54 -54.26 -20.06
N GLY S 102 42.46 -53.32 -21.00
CA GLY S 102 43.64 -52.52 -21.40
C GLY S 102 44.20 -51.69 -20.26
N ARG S 103 43.34 -50.92 -19.58
CA ARG S 103 43.80 -50.02 -18.48
C ARG S 103 43.71 -50.75 -17.14
N VAL S 104 43.99 -52.04 -17.11
CA VAL S 104 43.85 -52.84 -15.86
C VAL S 104 45.22 -53.42 -15.48
N THR S 105 45.58 -53.36 -14.19
CA THR S 105 46.85 -53.96 -13.72
C THR S 105 46.53 -55.21 -12.88
N ILE S 106 47.02 -56.37 -13.29
CA ILE S 106 46.83 -57.61 -12.48
C ILE S 106 47.98 -57.68 -11.47
N ALA S 107 47.67 -57.58 -10.18
CA ALA S 107 48.72 -57.67 -9.14
C ALA S 107 49.43 -59.03 -9.24
N GLN S 108 50.76 -59.05 -9.10
CA GLN S 108 51.56 -60.29 -9.18
C GLN S 108 51.28 -61.03 -10.50
N GLY S 109 50.99 -60.30 -11.57
CA GLY S 109 50.74 -60.92 -12.88
C GLY S 109 51.99 -60.94 -13.75
N GLY S 110 52.91 -60.01 -13.52
CA GLY S 110 54.13 -59.92 -14.35
C GLY S 110 53.83 -59.41 -15.74
N VAL S 111 54.73 -59.67 -16.70
CA VAL S 111 54.55 -59.17 -18.10
C VAL S 111 54.75 -60.32 -19.08
N LEU S 112 54.44 -60.10 -20.36
CA LEU S 112 54.70 -61.15 -21.38
C LEU S 112 56.18 -61.12 -21.76
N PRO S 113 56.87 -62.28 -21.85
CA PRO S 113 58.26 -62.29 -22.32
C PRO S 113 58.33 -61.70 -23.73
N ASN S 114 58.96 -60.52 -23.86
CA ASN S 114 59.05 -59.83 -25.18
C ASN S 114 60.36 -59.07 -25.28
N ILE S 115 61.24 -59.47 -26.21
CA ILE S 115 62.52 -58.72 -26.42
C ILE S 115 62.53 -58.21 -27.86
N GLN S 116 62.80 -56.92 -28.06
CA GLN S 116 62.88 -56.34 -29.43
C GLN S 116 63.93 -57.10 -30.24
N ALA S 117 63.65 -57.39 -31.51
CA ALA S 117 64.58 -58.18 -32.35
C ALA S 117 65.93 -57.48 -32.51
N VAL S 118 65.95 -56.15 -32.52
CA VAL S 118 67.22 -55.40 -32.74
C VAL S 118 68.15 -55.60 -31.54
N LEU S 119 67.61 -56.03 -30.39
CA LEU S 119 68.46 -56.18 -29.17
C LEU S 119 69.11 -57.57 -29.15
N LEU S 120 68.57 -58.47 -29.97
CA LEU S 120 69.05 -59.87 -29.98
C LEU S 120 70.51 -59.93 -30.48
N PRO S 121 71.41 -60.84 -30.01
CA PRO S 121 72.82 -60.87 -30.41
C PRO S 121 72.97 -60.83 -31.93
N SER T 40 31.01 -61.77 -1.65
CA SER T 40 31.97 -61.84 -2.79
C SER T 40 31.43 -62.87 -3.80
N TYR T 41 32.03 -62.92 -4.99
CA TYR T 41 31.58 -63.87 -6.04
C TYR T 41 32.44 -65.14 -6.00
N SER T 42 33.20 -65.35 -4.93
CA SER T 42 34.12 -66.52 -4.85
C SER T 42 33.39 -67.83 -5.14
N ILE T 43 32.28 -68.10 -4.44
CA ILE T 43 31.55 -69.40 -4.61
C ILE T 43 31.19 -69.59 -6.09
N TYR T 44 30.66 -68.55 -6.75
CA TYR T 44 30.20 -68.67 -8.16
C TYR T 44 31.39 -68.85 -9.11
N VAL T 45 32.50 -68.14 -8.86
CA VAL T 45 33.71 -68.32 -9.70
C VAL T 45 34.19 -69.77 -9.59
N TYR T 46 34.18 -70.32 -8.37
CA TYR T 46 34.61 -71.72 -8.16
C TYR T 46 33.66 -72.68 -8.89
N LYS T 47 32.35 -72.47 -8.77
CA LYS T 47 31.35 -73.33 -9.48
C LYS T 47 31.68 -73.32 -10.97
N VAL T 48 31.89 -72.13 -11.56
CA VAL T 48 32.16 -72.03 -13.02
C VAL T 48 33.49 -72.72 -13.34
N LEU T 49 34.50 -72.52 -12.49
CA LEU T 49 35.84 -73.15 -12.72
C LEU T 49 35.67 -74.67 -12.77
N LYS T 50 34.88 -75.24 -11.86
CA LYS T 50 34.72 -76.72 -11.80
C LYS T 50 34.00 -77.22 -13.05
N GLN T 51 33.21 -76.36 -13.71
CA GLN T 51 32.51 -76.75 -14.97
C GLN T 51 33.51 -76.73 -16.14
N VAL T 52 34.37 -75.71 -16.22
CA VAL T 52 35.29 -75.59 -17.39
C VAL T 52 36.57 -76.40 -17.15
N HIS T 53 36.96 -76.58 -15.88
CA HIS T 53 38.21 -77.32 -15.54
C HIS T 53 37.97 -78.09 -14.23
N PRO T 54 37.36 -79.29 -14.26
CA PRO T 54 37.02 -80.03 -13.03
C PRO T 54 38.21 -80.34 -12.10
N ASP T 55 39.42 -80.48 -12.65
CA ASP T 55 40.58 -80.88 -11.81
C ASP T 55 41.47 -79.67 -11.50
N THR T 56 40.99 -78.46 -11.80
CA THR T 56 41.85 -77.26 -11.61
C THR T 56 41.35 -76.42 -10.42
N GLY T 57 42.24 -76.05 -9.51
CA GLY T 57 41.84 -75.20 -8.37
C GLY T 57 42.24 -73.75 -8.62
N ILE T 58 42.26 -72.94 -7.57
CA ILE T 58 42.58 -71.48 -7.74
C ILE T 58 43.14 -70.94 -6.43
N SER T 59 44.17 -70.08 -6.51
CA SER T 59 44.78 -69.47 -5.30
C SER T 59 43.89 -68.34 -4.78
N SER T 60 44.07 -67.94 -3.53
CA SER T 60 43.30 -66.81 -2.95
C SER T 60 43.60 -65.52 -3.72
N LYS T 61 44.88 -65.31 -4.07
CA LYS T 61 45.27 -64.09 -4.84
C LYS T 61 44.51 -64.09 -6.17
N ALA T 62 44.53 -65.22 -6.88
CA ALA T 62 43.83 -65.32 -8.18
C ALA T 62 42.32 -65.12 -7.99
N MET T 63 41.77 -65.63 -6.89
CA MET T 63 40.33 -65.44 -6.59
C MET T 63 40.05 -63.94 -6.41
N GLY T 64 40.92 -63.22 -5.70
CA GLY T 64 40.76 -61.76 -5.52
C GLY T 64 40.75 -61.05 -6.87
N ILE T 65 41.63 -61.45 -7.79
CA ILE T 65 41.64 -60.85 -9.16
C ILE T 65 40.27 -61.08 -9.81
N MET T 66 39.76 -62.32 -9.74
CA MET T 66 38.46 -62.65 -10.39
C MET T 66 37.35 -61.81 -9.76
N ASN T 67 37.34 -61.67 -8.44
CA ASN T 67 36.30 -60.85 -7.75
C ASN T 67 36.38 -59.41 -8.27
N SER T 68 37.60 -58.84 -8.29
CA SER T 68 37.78 -57.46 -8.84
C SER T 68 37.25 -57.40 -10.28
N PHE T 69 37.56 -58.40 -11.09
CA PHE T 69 37.13 -58.42 -12.52
C PHE T 69 35.60 -58.34 -12.60
N VAL T 70 34.91 -59.25 -11.89
CA VAL T 70 33.41 -59.30 -11.97
C VAL T 70 32.86 -57.93 -11.55
N ASN T 71 33.32 -57.41 -10.40
CA ASN T 71 32.82 -56.10 -9.91
C ASN T 71 33.06 -55.03 -10.97
N ASP T 72 34.26 -54.98 -11.55
CA ASP T 72 34.59 -53.95 -12.57
C ASP T 72 33.60 -54.06 -13.75
N ILE T 73 33.48 -55.25 -14.34
CA ILE T 73 32.61 -55.41 -15.54
C ILE T 73 31.17 -55.03 -15.15
N PHE T 74 30.70 -55.51 -14.01
CA PHE T 74 29.34 -55.15 -13.52
C PHE T 74 29.17 -53.63 -13.59
N GLU T 75 30.07 -52.89 -12.95
CA GLU T 75 29.99 -51.41 -12.92
C GLU T 75 29.93 -50.87 -14.35
N ARG T 76 30.85 -51.29 -15.21
CA ARG T 76 30.91 -50.76 -16.60
C ARG T 76 29.54 -50.96 -17.27
N ILE T 77 29.02 -52.19 -17.26
CA ILE T 77 27.74 -52.50 -17.96
C ILE T 77 26.61 -51.70 -17.31
N ALA T 78 26.46 -51.77 -15.99
CA ALA T 78 25.35 -51.08 -15.30
C ALA T 78 25.42 -49.57 -15.57
N GLY T 79 26.63 -48.99 -15.53
CA GLY T 79 26.81 -47.54 -15.75
C GLY T 79 26.42 -47.15 -17.17
N GLU T 80 26.83 -47.95 -18.16
CA GLU T 80 26.43 -47.66 -19.56
C GLU T 80 24.91 -47.82 -19.71
N ALA T 81 24.34 -48.89 -19.13
CA ALA T 81 22.87 -49.10 -19.20
C ALA T 81 22.15 -47.90 -18.57
N SER T 82 22.70 -47.39 -17.46
CA SER T 82 22.10 -46.21 -16.78
C SER T 82 22.10 -45.02 -17.74
N ARG T 83 23.24 -44.77 -18.39
CA ARG T 83 23.35 -43.64 -19.35
C ARG T 83 22.32 -43.84 -20.47
N LEU T 84 22.25 -45.04 -21.06
CA LEU T 84 21.31 -45.32 -22.17
C LEU T 84 19.88 -44.96 -21.73
N ALA T 85 19.45 -45.46 -20.58
CA ALA T 85 18.09 -45.17 -20.07
C ALA T 85 17.89 -43.65 -19.97
N HIS T 86 18.84 -42.94 -19.35
CA HIS T 86 18.73 -41.47 -19.16
C HIS T 86 18.68 -40.77 -20.53
N TYR T 87 19.55 -41.17 -21.46
CA TYR T 87 19.60 -40.55 -22.81
C TYR T 87 18.23 -40.69 -23.49
N ASN T 88 17.56 -41.82 -23.28
CA ASN T 88 16.27 -42.08 -23.97
C ASN T 88 15.09 -41.70 -23.06
N LYS T 89 15.35 -40.95 -21.99
CA LYS T 89 14.28 -40.48 -21.06
C LYS T 89 13.47 -41.69 -20.57
N ARG T 90 14.16 -42.75 -20.16
CA ARG T 90 13.46 -43.94 -19.61
C ARG T 90 13.84 -44.08 -18.14
N SER T 91 12.96 -44.63 -17.31
CA SER T 91 13.23 -44.76 -15.86
C SER T 91 13.58 -46.21 -15.51
N THR T 92 13.53 -47.11 -16.48
CA THR T 92 13.74 -48.55 -16.18
C THR T 92 14.95 -49.11 -16.95
N ILE T 93 15.83 -49.83 -16.27
CA ILE T 93 16.94 -50.52 -17.00
C ILE T 93 16.44 -51.93 -17.29
N THR T 94 16.27 -52.28 -18.57
CA THR T 94 15.72 -53.61 -18.95
C THR T 94 16.81 -54.42 -19.64
N SER T 95 16.47 -55.64 -20.10
CA SER T 95 17.45 -56.51 -20.79
C SER T 95 17.93 -55.84 -22.08
N ARG T 96 17.08 -54.99 -22.69
CA ARG T 96 17.47 -54.26 -23.93
C ARG T 96 18.64 -53.32 -23.61
N GLU T 97 18.56 -52.58 -22.50
CA GLU T 97 19.65 -51.64 -22.11
C GLU T 97 20.92 -52.45 -21.86
N ILE T 98 20.80 -53.58 -21.16
CA ILE T 98 22.00 -54.43 -20.87
C ILE T 98 22.60 -54.89 -22.19
N GLN T 99 21.77 -55.39 -23.11
CA GLN T 99 22.27 -55.91 -24.41
C GLN T 99 23.04 -54.80 -25.13
N THR T 100 22.46 -53.60 -25.23
CA THR T 100 23.13 -52.47 -25.93
C THR T 100 24.45 -52.13 -25.22
N ALA T 101 24.44 -52.07 -23.88
CA ALA T 101 25.67 -51.79 -23.11
C ALA T 101 26.74 -52.83 -23.47
N VAL T 102 26.36 -54.11 -23.53
CA VAL T 102 27.32 -55.21 -23.84
C VAL T 102 27.92 -54.96 -25.23
N ARG T 103 27.10 -54.59 -26.21
CA ARG T 103 27.59 -54.34 -27.59
C ARG T 103 28.59 -53.17 -27.57
N LEU T 104 28.34 -52.14 -26.74
CA LEU T 104 29.22 -50.95 -26.71
C LEU T 104 30.53 -51.26 -25.98
N LEU T 105 30.50 -52.11 -24.95
CA LEU T 105 31.71 -52.32 -24.12
C LEU T 105 32.53 -53.54 -24.57
N LEU T 106 31.90 -54.68 -24.78
CA LEU T 106 32.68 -55.92 -25.11
C LEU T 106 33.17 -55.87 -26.55
N PRO T 107 34.47 -56.13 -26.81
CA PRO T 107 35.02 -56.09 -28.17
C PRO T 107 34.83 -57.33 -29.06
N GLY T 108 34.46 -57.13 -30.33
CA GLY T 108 34.37 -58.24 -31.30
C GLY T 108 33.51 -59.42 -30.89
N GLU T 109 34.05 -60.64 -30.99
CA GLU T 109 33.27 -61.88 -30.71
C GLU T 109 32.89 -61.99 -29.23
N LEU T 110 33.61 -61.30 -28.34
CA LEU T 110 33.21 -61.31 -26.91
C LEU T 110 31.76 -60.84 -26.84
N ALA T 111 31.43 -59.73 -27.52
CA ALA T 111 30.05 -59.21 -27.51
C ALA T 111 29.10 -60.23 -28.14
N LYS T 112 29.45 -60.76 -29.31
CA LYS T 112 28.57 -61.73 -30.02
C LYS T 112 28.17 -62.87 -29.07
N HIS T 113 29.14 -63.50 -28.40
CA HIS T 113 28.85 -64.67 -27.54
C HIS T 113 28.14 -64.24 -26.25
N ALA T 114 28.55 -63.11 -25.66
CA ALA T 114 27.89 -62.61 -24.42
C ALA T 114 26.41 -62.35 -24.69
N VAL T 115 26.10 -61.75 -25.84
CA VAL T 115 24.68 -61.47 -26.21
C VAL T 115 23.93 -62.80 -26.32
N SER T 116 24.51 -63.78 -27.01
CA SER T 116 23.88 -65.12 -27.10
C SER T 116 23.58 -65.67 -25.70
N GLU T 117 24.57 -65.64 -24.81
CA GLU T 117 24.40 -66.18 -23.43
C GLU T 117 23.25 -65.43 -22.72
N GLY T 118 23.28 -64.10 -22.73
CA GLY T 118 22.23 -63.31 -22.07
C GLY T 118 20.86 -63.61 -22.63
N THR T 119 20.74 -63.68 -23.97
CA THR T 119 19.42 -63.94 -24.60
C THR T 119 18.92 -65.32 -24.19
N LYS T 120 19.80 -66.33 -24.25
CA LYS T 120 19.42 -67.72 -23.88
C LYS T 120 18.91 -67.72 -22.43
N ALA T 121 19.63 -67.05 -21.53
CA ALA T 121 19.25 -67.05 -20.10
C ALA T 121 17.85 -66.44 -19.92
N VAL T 122 17.61 -65.27 -20.53
CA VAL T 122 16.29 -64.59 -20.41
C VAL T 122 15.19 -65.52 -20.95
N THR T 123 15.41 -66.12 -22.12
CA THR T 123 14.41 -67.05 -22.72
C THR T 123 14.11 -68.19 -21.74
N LYS T 124 15.15 -68.85 -21.20
CA LYS T 124 14.97 -69.98 -20.26
C LYS T 124 14.22 -69.49 -19.02
N TYR T 125 14.58 -68.31 -18.50
CA TYR T 125 13.95 -67.77 -17.27
C TYR T 125 12.46 -67.50 -17.51
N THR T 126 12.12 -66.93 -18.67
CA THR T 126 10.70 -66.56 -18.94
C THR T 126 9.85 -67.83 -19.06
N SER T 127 10.46 -68.96 -19.45
CA SER T 127 9.72 -70.24 -19.50
C SER T 127 9.92 -71.01 -18.19
N ALA T 128 10.54 -70.36 -17.18
CA ALA T 128 10.78 -70.99 -15.86
C ALA T 128 11.41 -72.37 -16.02
N HIS U 43 86.92 -66.51 -17.80
CA HIS U 43 85.76 -66.35 -18.71
C HIS U 43 85.12 -64.97 -18.49
N ARG U 44 84.88 -64.22 -19.56
CA ARG U 44 84.17 -62.92 -19.42
C ARG U 44 83.06 -62.81 -20.45
N TYR U 45 81.79 -62.72 -20.01
CA TYR U 45 80.66 -62.58 -20.95
C TYR U 45 80.74 -61.20 -21.63
N ARG U 46 80.46 -61.15 -22.93
CA ARG U 46 80.51 -59.88 -23.68
C ARG U 46 79.40 -58.95 -23.20
N PRO U 47 79.61 -57.59 -23.11
CA PRO U 47 78.54 -56.65 -22.75
C PRO U 47 77.26 -56.92 -23.55
N GLY U 48 76.16 -57.12 -22.83
CA GLY U 48 74.88 -57.40 -23.49
C GLY U 48 74.37 -58.80 -23.17
N THR U 49 75.28 -59.77 -23.05
CA THR U 49 74.88 -61.18 -22.80
C THR U 49 74.16 -61.29 -21.45
N VAL U 50 74.77 -60.77 -20.38
CA VAL U 50 74.16 -60.87 -19.02
C VAL U 50 72.92 -59.98 -18.97
N ALA U 51 72.95 -58.86 -19.68
CA ALA U 51 71.77 -57.95 -19.72
C ALA U 51 70.57 -58.70 -20.30
N LEU U 52 70.76 -59.42 -21.42
CA LEU U 52 69.66 -60.19 -22.05
C LEU U 52 69.22 -61.34 -21.13
N ARG U 53 70.18 -61.95 -20.41
CA ARG U 53 69.84 -63.03 -19.45
C ARG U 53 68.95 -62.45 -18.35
N GLU U 54 69.24 -61.23 -17.90
CA GLU U 54 68.43 -60.58 -16.84
C GLU U 54 67.03 -60.27 -17.39
N ILE U 55 66.95 -59.75 -18.62
CA ILE U 55 65.61 -59.52 -19.24
C ILE U 55 64.82 -60.83 -19.18
N ARG U 56 65.40 -61.94 -19.68
CA ARG U 56 64.67 -63.23 -19.70
C ARG U 56 64.21 -63.60 -18.30
N ARG U 57 65.07 -63.43 -17.28
CA ARG U 57 64.71 -63.82 -15.89
C ARG U 57 63.58 -62.95 -15.34
N TYR U 58 63.67 -61.62 -15.51
CA TYR U 58 62.66 -60.72 -14.89
C TYR U 58 61.33 -60.72 -15.66
N GLN U 59 61.37 -61.03 -16.96
CA GLN U 59 60.13 -61.09 -17.77
C GLN U 59 59.40 -62.40 -17.47
N LYS U 60 60.10 -63.36 -16.87
CA LYS U 60 59.48 -64.67 -16.51
C LYS U 60 58.93 -64.59 -15.08
N SER U 61 59.50 -63.71 -14.25
CA SER U 61 59.09 -63.63 -12.82
C SER U 61 57.98 -62.59 -12.63
N THR U 62 57.31 -62.63 -11.47
CA THR U 62 56.21 -61.67 -11.17
C THR U 62 56.50 -60.97 -9.83
N GLU U 63 57.64 -61.26 -9.21
CA GLU U 63 57.95 -60.69 -7.86
C GLU U 63 58.20 -59.18 -7.95
N LEU U 64 58.03 -58.47 -6.83
CA LEU U 64 58.29 -57.00 -6.79
C LEU U 64 59.80 -56.77 -6.87
N LEU U 65 60.25 -55.76 -7.62
CA LEU U 65 61.70 -55.55 -7.85
C LEU U 65 62.27 -54.42 -6.96
N ILE U 66 61.40 -53.60 -6.37
CA ILE U 66 61.88 -52.54 -5.42
C ILE U 66 61.90 -53.15 -4.01
N ARG U 67 62.96 -52.88 -3.24
CA ARG U 67 63.00 -53.37 -1.84
C ARG U 67 61.79 -52.79 -1.07
N LYS U 68 61.12 -53.61 -0.27
CA LYS U 68 59.87 -53.17 0.40
C LYS U 68 60.13 -52.06 1.43
N LEU U 69 61.06 -52.26 2.37
CA LEU U 69 61.28 -51.25 3.44
C LEU U 69 61.59 -49.86 2.87
N PRO U 70 62.60 -49.65 1.98
CA PRO U 70 62.85 -48.33 1.40
C PRO U 70 61.61 -47.73 0.74
N PHE U 71 60.85 -48.55 0.00
CA PHE U 71 59.62 -48.05 -0.69
C PHE U 71 58.62 -47.56 0.37
N GLN U 72 58.43 -48.32 1.44
CA GLN U 72 57.49 -47.92 2.52
C GLN U 72 57.91 -46.56 3.06
N ARG U 73 59.21 -46.36 3.31
CA ARG U 73 59.72 -45.07 3.84
C ARG U 73 59.35 -43.94 2.87
N LEU U 74 59.55 -44.15 1.57
CA LEU U 74 59.23 -43.12 0.56
C LEU U 74 57.74 -42.80 0.63
N VAL U 75 56.89 -43.83 0.63
CA VAL U 75 55.41 -43.62 0.69
C VAL U 75 55.08 -42.77 1.92
N ARG U 76 55.62 -43.12 3.08
CA ARG U 76 55.27 -42.37 4.33
C ARG U 76 55.81 -40.94 4.24
N GLU U 77 57.01 -40.76 3.69
CA GLU U 77 57.61 -39.41 3.56
C GLU U 77 56.74 -38.56 2.63
N ILE U 78 56.26 -39.13 1.52
CA ILE U 78 55.43 -38.35 0.55
C ILE U 78 54.09 -38.01 1.21
N ALA U 79 53.47 -38.96 1.92
CA ALA U 79 52.13 -38.73 2.52
C ALA U 79 52.18 -37.68 3.62
N GLN U 80 53.34 -37.50 4.27
CA GLN U 80 53.47 -36.53 5.39
C GLN U 80 53.10 -35.13 4.92
N ASP U 81 53.37 -34.80 3.66
CA ASP U 81 53.12 -33.43 3.14
C ASP U 81 51.62 -33.18 2.97
N PHE U 82 50.81 -34.25 2.92
CA PHE U 82 49.34 -34.10 2.71
C PHE U 82 48.63 -34.13 4.06
N LYS U 83 49.05 -35.01 4.96
CA LYS U 83 48.42 -35.12 6.30
C LYS U 83 49.43 -35.69 7.29
N THR U 84 49.48 -35.14 8.51
CA THR U 84 50.45 -35.60 9.52
C THR U 84 49.89 -36.80 10.29
N ASP U 85 50.75 -37.52 11.03
CA ASP U 85 50.33 -38.69 11.84
C ASP U 85 49.45 -39.64 11.03
N LEU U 86 49.86 -39.97 9.81
CA LEU U 86 49.06 -40.87 8.95
C LEU U 86 49.49 -42.32 9.17
N ARG U 87 48.53 -43.21 9.44
CA ARG U 87 48.86 -44.65 9.53
C ARG U 87 48.60 -45.27 8.16
N PHE U 88 49.11 -46.47 7.91
CA PHE U 88 48.93 -47.12 6.59
C PHE U 88 48.66 -48.60 6.77
N GLN U 89 47.60 -49.13 6.16
CA GLN U 89 47.38 -50.60 6.19
C GLN U 89 48.55 -51.23 5.45
N SER U 90 49.01 -52.40 5.89
CA SER U 90 50.11 -53.10 5.16
C SER U 90 49.72 -53.28 3.70
N SER U 91 48.46 -53.64 3.43
CA SER U 91 47.98 -53.87 2.04
C SER U 91 47.97 -52.57 1.24
N ALA U 92 47.76 -51.42 1.90
CA ALA U 92 47.78 -50.11 1.20
C ALA U 92 49.17 -49.88 0.58
N VAL U 93 50.22 -50.10 1.38
CA VAL U 93 51.61 -49.92 0.88
C VAL U 93 51.86 -50.92 -0.25
N MET U 94 51.40 -52.17 -0.08
CA MET U 94 51.60 -53.21 -1.12
C MET U 94 50.86 -52.80 -2.41
N ALA U 95 49.64 -52.28 -2.28
CA ALA U 95 48.88 -51.83 -3.47
C ALA U 95 49.67 -50.73 -4.18
N LEU U 96 50.18 -49.76 -3.42
CA LEU U 96 50.98 -48.65 -4.02
C LEU U 96 52.19 -49.25 -4.74
N GLN U 97 52.91 -50.17 -4.10
CA GLN U 97 54.14 -50.75 -4.71
C GLN U 97 53.77 -51.44 -6.03
N GLU U 98 52.71 -52.25 -6.04
CA GLU U 98 52.33 -53.00 -7.27
C GLU U 98 52.04 -52.00 -8.39
N ALA U 99 51.26 -50.96 -8.12
CA ALA U 99 50.89 -49.97 -9.15
C ALA U 99 52.13 -49.24 -9.67
N CYS U 100 53.02 -48.79 -8.76
CA CYS U 100 54.21 -48.02 -9.17
C CYS U 100 55.10 -48.88 -10.07
N GLU U 101 55.34 -50.13 -9.67
CA GLU U 101 56.23 -51.03 -10.46
C GLU U 101 55.59 -51.24 -11.84
N ALA U 102 54.29 -51.54 -11.88
CA ALA U 102 53.59 -51.75 -13.17
C ALA U 102 53.75 -50.49 -14.03
N TYR U 103 53.53 -49.31 -13.45
CA TYR U 103 53.64 -48.03 -14.21
C TYR U 103 55.06 -47.88 -14.77
N LEU U 104 56.08 -48.11 -13.94
CA LEU U 104 57.49 -47.88 -14.39
C LEU U 104 57.87 -48.90 -15.47
N VAL U 105 57.48 -50.17 -15.29
CA VAL U 105 57.76 -51.22 -16.32
C VAL U 105 57.11 -50.79 -17.64
N GLY U 106 55.83 -50.41 -17.59
CA GLY U 106 55.12 -49.94 -18.80
C GLY U 106 55.84 -48.76 -19.45
N LEU U 107 56.32 -47.82 -18.64
CA LEU U 107 57.02 -46.62 -19.16
C LEU U 107 58.34 -47.05 -19.81
N PHE U 108 59.07 -47.96 -19.16
CA PHE U 108 60.36 -48.45 -19.71
C PHE U 108 60.13 -49.13 -21.06
N GLU U 109 59.00 -49.81 -21.23
CA GLU U 109 58.67 -50.45 -22.54
C GLU U 109 58.57 -49.37 -23.61
N ASP U 110 57.82 -48.29 -23.34
CA ASP U 110 57.62 -47.21 -24.34
C ASP U 110 58.94 -46.45 -24.55
N THR U 111 59.69 -46.23 -23.47
CA THR U 111 61.01 -45.55 -23.56
C THR U 111 61.92 -46.34 -24.50
N ASN U 112 61.92 -47.67 -24.35
CA ASN U 112 62.76 -48.55 -25.23
C ASN U 112 62.37 -48.32 -26.70
N LEU U 113 61.07 -48.32 -27.00
CA LEU U 113 60.61 -48.10 -28.40
C LEU U 113 61.14 -46.77 -28.93
N CYS U 114 61.11 -45.72 -28.11
CA CYS U 114 61.65 -44.39 -28.53
C CYS U 114 63.13 -44.51 -28.86
N ALA U 115 63.92 -45.17 -27.99
CA ALA U 115 65.37 -45.34 -28.23
C ALA U 115 65.59 -46.06 -29.57
N ILE U 116 64.92 -47.21 -29.76
CA ILE U 116 65.07 -48.00 -31.02
C ILE U 116 64.69 -47.10 -32.21
N HIS U 117 63.65 -46.28 -32.06
CA HIS U 117 63.22 -45.35 -33.13
C HIS U 117 64.37 -44.41 -33.52
N ALA U 118 65.18 -43.99 -32.55
CA ALA U 118 66.33 -43.10 -32.83
C ALA U 118 67.57 -43.93 -33.17
N LYS U 119 67.39 -45.19 -33.58
CA LYS U 119 68.51 -46.08 -33.98
C LYS U 119 69.49 -46.31 -32.83
N ARG U 120 69.01 -46.27 -31.59
CA ARG U 120 69.89 -46.52 -30.42
C ARG U 120 69.41 -47.79 -29.70
N VAL U 121 70.30 -48.42 -28.92
CA VAL U 121 69.89 -49.59 -28.10
C VAL U 121 69.96 -49.15 -26.63
N THR U 122 70.37 -47.91 -26.39
CA THR U 122 70.50 -47.37 -25.02
C THR U 122 69.35 -46.39 -24.74
N ILE U 123 68.66 -46.57 -23.60
CA ILE U 123 67.59 -45.61 -23.24
C ILE U 123 68.22 -44.37 -22.61
N MET U 124 67.71 -43.18 -22.95
CA MET U 124 68.25 -41.90 -22.42
C MET U 124 67.07 -41.08 -21.88
N PRO U 125 67.29 -40.05 -21.03
CA PRO U 125 66.20 -39.20 -20.54
C PRO U 125 65.27 -38.66 -21.64
N LYS U 126 65.82 -38.32 -22.81
CA LYS U 126 65.00 -37.79 -23.93
C LYS U 126 63.95 -38.82 -24.36
N ASP U 127 64.27 -40.11 -24.25
CA ASP U 127 63.31 -41.19 -24.60
C ASP U 127 62.19 -41.21 -23.56
N ILE U 128 62.54 -41.16 -22.27
CA ILE U 128 61.51 -41.11 -21.20
C ILE U 128 60.63 -39.87 -21.44
N GLN U 129 61.25 -38.73 -21.72
CA GLN U 129 60.48 -37.46 -21.90
C GLN U 129 59.50 -37.61 -23.07
N LEU U 130 59.95 -38.13 -24.21
CA LEU U 130 59.07 -38.29 -25.39
C LEU U 130 57.89 -39.22 -25.03
N ALA U 131 58.19 -40.39 -24.48
CA ALA U 131 57.13 -41.36 -24.12
C ALA U 131 56.05 -40.67 -23.27
N ARG U 132 56.48 -39.96 -22.21
CA ARG U 132 55.50 -39.31 -21.29
C ARG U 132 54.72 -38.24 -22.04
N ARG U 133 55.40 -37.42 -22.85
CA ARG U 133 54.72 -36.35 -23.62
C ARG U 133 53.64 -36.97 -24.51
N ILE U 134 53.97 -38.02 -25.27
CA ILE U 134 52.99 -38.65 -26.20
C ILE U 134 51.85 -39.27 -25.37
N ARG U 135 52.19 -39.85 -24.22
CA ARG U 135 51.17 -40.50 -23.35
C ARG U 135 50.23 -39.45 -22.76
N GLY U 136 50.63 -38.17 -22.80
CA GLY U 136 49.81 -37.09 -22.23
C GLY U 136 50.24 -36.72 -20.82
N GLU U 137 51.21 -37.47 -20.25
CA GLU U 137 51.66 -37.21 -18.85
C GLU U 137 52.28 -35.82 -18.74
N ASN V 29 64.82 -40.34 1.15
CA ASN V 29 64.14 -41.66 1.02
C ASN V 29 64.05 -42.06 -0.45
N ILE V 30 64.08 -41.07 -1.35
CA ILE V 30 63.98 -41.33 -2.82
C ILE V 30 65.22 -42.10 -3.27
N GLN V 31 66.35 -41.94 -2.56
CA GLN V 31 67.60 -42.64 -2.92
C GLN V 31 67.46 -44.13 -2.59
N GLY V 32 66.48 -44.49 -1.74
CA GLY V 32 66.23 -45.92 -1.45
C GLY V 32 65.85 -46.65 -2.72
N ILE V 33 65.33 -45.93 -3.72
CA ILE V 33 65.06 -46.56 -5.05
C ILE V 33 66.44 -46.64 -5.71
N THR V 34 67.18 -47.71 -5.45
CA THR V 34 68.59 -47.80 -5.92
C THR V 34 68.72 -48.01 -7.42
N LYS V 35 69.93 -47.82 -7.95
CA LYS V 35 70.20 -48.06 -9.38
C LYS V 35 69.87 -49.52 -9.74
N PRO V 36 70.35 -50.56 -9.00
CA PRO V 36 69.96 -51.95 -9.29
C PRO V 36 68.44 -52.17 -9.37
N ALA V 37 67.66 -51.56 -8.46
CA ALA V 37 66.18 -51.69 -8.52
C ALA V 37 65.68 -51.12 -9.85
N ILE V 38 66.09 -49.89 -10.18
CA ILE V 38 65.66 -49.24 -11.46
C ILE V 38 66.08 -50.12 -12.63
N ARG V 39 67.29 -50.69 -12.58
CA ARG V 39 67.78 -51.59 -13.65
C ARG V 39 66.82 -52.79 -13.78
N ARG V 40 66.45 -53.41 -12.65
CA ARG V 40 65.52 -54.56 -12.67
C ARG V 40 64.21 -54.16 -13.35
N LEU V 41 63.65 -53.00 -12.98
CA LEU V 41 62.39 -52.52 -13.62
C LEU V 41 62.60 -52.39 -15.13
N ALA V 42 63.74 -51.82 -15.53
CA ALA V 42 64.04 -51.65 -16.98
C ALA V 42 64.17 -53.02 -17.65
N ARG V 43 64.78 -54.00 -16.97
CA ARG V 43 64.96 -55.36 -17.55
C ARG V 43 63.59 -55.98 -17.81
N ARG V 44 62.67 -55.87 -16.85
CA ARG V 44 61.29 -56.38 -17.06
C ARG V 44 60.65 -55.62 -18.22
N GLY V 45 61.02 -54.35 -18.42
CA GLY V 45 60.50 -53.57 -19.56
C GLY V 45 61.21 -53.91 -20.86
N GLY V 46 62.16 -54.86 -20.83
CA GLY V 46 62.85 -55.31 -22.05
C GLY V 46 63.99 -54.39 -22.47
N VAL V 47 64.53 -53.62 -21.52
CA VAL V 47 65.62 -52.64 -21.85
C VAL V 47 66.97 -53.34 -21.73
N LYS V 48 67.84 -53.19 -22.74
CA LYS V 48 69.16 -53.88 -22.75
C LYS V 48 70.26 -52.95 -22.26
N ARG V 49 70.23 -51.68 -22.66
CA ARG V 49 71.31 -50.73 -22.28
C ARG V 49 70.70 -49.49 -21.63
N ILE V 50 71.33 -48.96 -20.57
CA ILE V 50 70.73 -47.82 -19.80
C ILE V 50 71.77 -46.70 -19.64
N SER V 51 71.40 -45.46 -19.96
CA SER V 51 72.32 -44.31 -19.75
C SER V 51 72.42 -44.00 -18.25
N GLY V 52 73.51 -43.36 -17.82
CA GLY V 52 73.71 -43.06 -16.38
C GLY V 52 72.74 -42.00 -15.86
N LEU V 53 72.14 -41.20 -16.74
CA LEU V 53 71.25 -40.09 -16.31
C LEU V 53 69.81 -40.61 -16.14
N ILE V 54 69.56 -41.86 -16.50
CA ILE V 54 68.18 -42.43 -16.43
C ILE V 54 67.74 -42.60 -14.97
N TYR V 55 68.67 -42.96 -14.09
CA TYR V 55 68.31 -43.25 -12.67
C TYR V 55 67.67 -42.04 -12.00
N GLU V 56 68.28 -40.86 -12.17
CA GLU V 56 67.72 -39.62 -11.57
C GLU V 56 66.39 -39.29 -12.23
N GLU V 57 66.32 -39.44 -13.56
CA GLU V 57 65.06 -39.15 -14.30
C GLU V 57 63.94 -40.07 -13.78
N THR V 58 64.22 -41.37 -13.65
CA THR V 58 63.21 -42.35 -13.18
C THR V 58 62.74 -41.96 -11.77
N ARG V 59 63.68 -41.63 -10.87
CA ARG V 59 63.32 -41.23 -9.49
C ARG V 59 62.32 -40.07 -9.54
N GLY V 60 62.59 -39.06 -10.37
CA GLY V 60 61.67 -37.90 -10.50
C GLY V 60 60.30 -38.33 -10.99
N VAL V 61 60.25 -39.18 -12.03
CA VAL V 61 58.96 -39.65 -12.60
C VAL V 61 58.19 -40.42 -11.51
N LEU V 62 58.86 -41.34 -10.81
CA LEU V 62 58.19 -42.15 -9.76
C LEU V 62 57.63 -41.22 -8.69
N LYS V 63 58.41 -40.22 -8.28
CA LYS V 63 57.96 -39.26 -7.23
C LYS V 63 56.64 -38.60 -7.66
N VAL V 64 56.60 -38.08 -8.88
CA VAL V 64 55.37 -37.41 -9.41
C VAL V 64 54.21 -38.40 -9.34
N PHE V 65 54.37 -39.59 -9.91
CA PHE V 65 53.30 -40.62 -9.92
C PHE V 65 52.83 -40.87 -8.49
N LEU V 66 53.75 -41.18 -7.58
CA LEU V 66 53.38 -41.51 -6.16
C LEU V 66 52.61 -40.33 -5.55
N GLU V 67 53.14 -39.12 -5.67
CA GLU V 67 52.48 -37.91 -5.10
C GLU V 67 51.03 -37.86 -5.59
N ASN V 68 50.80 -38.01 -6.89
CA ASN V 68 49.43 -37.93 -7.46
C ASN V 68 48.53 -38.97 -6.79
N VAL V 69 48.96 -40.24 -6.76
CA VAL V 69 48.10 -41.32 -6.20
C VAL V 69 47.91 -41.09 -4.70
N ILE V 70 48.99 -40.82 -3.97
CA ILE V 70 48.87 -40.67 -2.48
C ILE V 70 47.96 -39.49 -2.15
N ARG V 71 48.12 -38.35 -2.85
CA ARG V 71 47.24 -37.17 -2.62
C ARG V 71 45.77 -37.61 -2.64
N ASP V 72 45.34 -38.29 -3.70
CA ASP V 72 43.92 -38.71 -3.83
C ASP V 72 43.56 -39.72 -2.74
N ALA V 73 44.45 -40.68 -2.46
CA ALA V 73 44.17 -41.72 -1.45
C ALA V 73 43.95 -41.05 -0.09
N VAL V 74 44.77 -40.06 0.24
CA VAL V 74 44.64 -39.33 1.54
C VAL V 74 43.32 -38.54 1.54
N THR V 75 42.95 -37.95 0.40
CA THR V 75 41.65 -37.23 0.30
C THR V 75 40.51 -38.18 0.68
N TYR V 76 40.51 -39.40 0.13
CA TYR V 76 39.48 -40.42 0.47
C TYR V 76 39.52 -40.71 1.98
N THR V 77 40.73 -40.89 2.51
CA THR V 77 40.90 -41.17 3.98
C THR V 77 40.28 -40.04 4.80
N GLU V 78 40.61 -38.79 4.48
CA GLU V 78 40.10 -37.63 5.25
C GLU V 78 38.57 -37.56 5.14
N HIS V 79 38.02 -37.87 3.96
CA HIS V 79 36.55 -37.84 3.76
C HIS V 79 35.89 -38.90 4.65
N ALA V 80 36.57 -40.04 4.84
CA ALA V 80 36.02 -41.11 5.70
C ALA V 80 36.29 -40.78 7.18
N LYS V 81 36.93 -39.64 7.46
CA LYS V 81 37.27 -39.24 8.85
C LYS V 81 38.17 -40.30 9.49
N ARG V 82 38.99 -40.98 8.68
CA ARG V 82 39.90 -42.02 9.20
C ARG V 82 41.32 -41.44 9.37
N LYS V 83 42.16 -42.10 10.17
CA LYS V 83 43.57 -41.65 10.32
C LYS V 83 44.47 -42.69 9.66
N THR V 84 43.87 -43.71 9.03
CA THR V 84 44.65 -44.80 8.41
C THR V 84 44.28 -44.93 6.93
N VAL V 85 45.27 -44.77 6.04
CA VAL V 85 45.00 -44.97 4.58
C VAL V 85 44.78 -46.47 4.35
N THR V 86 43.63 -46.84 3.77
CA THR V 86 43.31 -48.27 3.54
C THR V 86 43.69 -48.67 2.11
N ALA V 87 43.75 -49.98 1.84
CA ALA V 87 44.03 -50.44 0.46
C ALA V 87 42.92 -49.93 -0.46
N MET V 88 41.68 -49.89 0.05
CA MET V 88 40.54 -49.39 -0.76
C MET V 88 40.80 -47.95 -1.20
N ASP V 89 41.25 -47.09 -0.29
CA ASP V 89 41.58 -45.68 -0.65
C ASP V 89 42.54 -45.67 -1.84
N VAL V 90 43.59 -46.48 -1.78
CA VAL V 90 44.59 -46.55 -2.89
C VAL V 90 43.88 -47.04 -4.16
N VAL V 91 43.11 -48.13 -4.07
CA VAL V 91 42.40 -48.71 -5.24
C VAL V 91 41.54 -47.61 -5.89
N TYR V 92 40.76 -46.88 -5.09
CA TYR V 92 39.88 -45.81 -5.62
C TYR V 92 40.73 -44.75 -6.32
N ALA V 93 41.82 -44.31 -5.69
CA ALA V 93 42.70 -43.28 -6.27
C ALA V 93 43.22 -43.75 -7.63
N LEU V 94 43.71 -45.00 -7.69
CA LEU V 94 44.24 -45.54 -8.96
C LEU V 94 43.12 -45.59 -10.00
N LYS V 95 41.94 -46.03 -9.59
CA LYS V 95 40.80 -46.17 -10.53
C LYS V 95 40.50 -44.81 -11.16
N ARG V 96 40.45 -43.75 -10.36
CA ARG V 96 40.05 -42.42 -10.90
C ARG V 96 41.17 -41.81 -11.75
N GLN V 97 42.41 -42.28 -11.59
CA GLN V 97 43.52 -41.80 -12.46
C GLN V 97 43.68 -42.74 -13.65
N GLY V 98 42.70 -43.61 -13.90
CA GLY V 98 42.75 -44.51 -15.06
C GLY V 98 43.79 -45.61 -14.96
N ARG V 99 44.16 -46.03 -13.74
CA ARG V 99 45.14 -47.11 -13.54
C ARG V 99 44.52 -48.18 -12.65
N THR V 100 43.36 -48.72 -13.06
CA THR V 100 42.62 -49.72 -12.26
C THR V 100 43.54 -50.87 -11.82
N LEU V 101 43.51 -51.21 -10.54
CA LEU V 101 44.35 -52.30 -10.01
C LEU V 101 43.43 -53.45 -9.56
N TYR V 102 43.70 -54.67 -10.02
CA TYR V 102 42.92 -55.85 -9.57
C TYR V 102 43.71 -56.59 -8.50
N GLY V 103 43.05 -57.14 -7.47
CA GLY V 103 43.75 -57.96 -6.48
C GLY V 103 43.73 -57.40 -5.06
N PHE V 104 43.24 -56.17 -4.87
CA PHE V 104 43.28 -55.56 -3.52
C PHE V 104 41.89 -55.13 -3.08
N GLY V 105 40.87 -55.91 -3.44
CA GLY V 105 39.48 -55.59 -3.03
C GLY V 105 38.76 -54.74 -4.06
N GLY V 106 39.12 -54.90 -5.34
CA GLY V 106 38.52 -54.08 -6.40
C GLY V 106 39.62 -53.56 -7.31
#